data_4UM9
#
_entry.id   4UM9
#
_cell.length_a   185.020
_cell.length_b   168.090
_cell.length_c   101.800
_cell.angle_alpha   90.00
_cell.angle_beta   98.95
_cell.angle_gamma   90.00
#
_symmetry.space_group_name_H-M   'C 1 2 1'
#
loop_
_entity.id
_entity.type
_entity.pdbx_description
1 polymer 'Integrin alpha-V heavy chain'
2 polymer 'Integrin beta-6'
3 polymer 'Integrin beta-6'
4 polymer 'Latency-associated peptide'
5 branched 2-acetamido-2-deoxy-beta-D-glucopyranose-(1-4)-2-acetamido-2-deoxy-beta-D-glucopyranose
6 branched alpha-D-mannopyranose-(1-6)-beta-D-mannopyranose-(1-4)-2-acetamido-2-deoxy-beta-D-glucopyranose-(1-4)-2-acetamido-2-deoxy-beta-D-glucopyranose
7 branched alpha-D-mannopyranose-(1-3)-alpha-D-mannopyranose-(1-6)-[alpha-D-mannopyranose-(1-3)]beta-D-mannopyranose-(1-4)-2-acetamido-2-deoxy-beta-D-glucopyranose-(1-4)-2-acetamido-2-deoxy-beta-D-glucopyranose
8 branched beta-D-mannopyranose-(1-4)-2-acetamido-2-deoxy-beta-D-glucopyranose-(1-4)-2-acetamido-2-deoxy-beta-D-glucopyranose
9 non-polymer 'SULFATE ION'
10 non-polymer 'CALCIUM ION'
11 non-polymer 'MAGNESIUM ION'
12 non-polymer 2-acetamido-2-deoxy-beta-D-glucopyranose
13 non-polymer alpha-D-mannopyranose
14 water water
#
loop_
_entity_poly.entity_id
_entity_poly.type
_entity_poly.pdbx_seq_one_letter_code
_entity_poly.pdbx_strand_id
1 'polypeptide(L)'
;FNLDVDSPAEYSGPEGSYFGFAVDFFVPSASSRMFLLVGAPKANTTQPGIVEGGQVLKCDWSSTRRCQPIEFDATGNRDY
AKDDPLEFKSHQWFGASVRSKQDKILACAPLYHWRTEMKQEREPVGTCFLQDGTKTVEYAPCRSQDIDADGQGFCQGGFS
IDFTKADRVLLGGPGSFYWQGQLISDQVAEIVSKYDPNVYSIKYNNQLATRTAQAIFDDSYLGYSVAVGDFNGDGIDDFV
SGVPRAARTLGMVYIYDGKNMSSLYNFTGEQMAAYFGFSVAATDINGDDYADVFIGAPLFMDRGSDGKLQEVGQVSVSLQ
RASGDFQTTKLNGFEVFARFGSAIAPLGDLDQDGFNDIAIAAPYGGEDKKGIVYIFNGRSTGLNAVPSQILEGQWAARSC
PPSFGYSMKGATDIDKNGYPDLIVGAFGVDRAILYRARPVITVNAGLEVYPSILNQDNKTCSLPGTALKVSCFNVRFCLK
ADGKGVLPRKLNFQVELLLDKLKQKGAIRRALFLYSRSPSHSKNMTISRGGLMQCEELIAYLRDESEFRDKLTPITIFME
YRLDYRTAADTTGLQPILNQFTPANISRQAHILLDTGGLEVLFQ
;
A,C
2 'polypeptide(L)'
;HVQGGCALGGAETCEDCLLIGPQCAWCAQENFTHPSGVGERCDTPANLLAKGCQLNFIENPVSQVEILKNKPLSVGRQKN
SSDIVQIAPQSLILKLRPGGAQTLQVHVRQTEDYPVDLYYLMDLSASMDDDLNTIKELGSRLSKEMSKLTSNFRLGFGSF
VEKPVSPFVKTTPEEIANPCSSIPYFCLPTFGFKHILPLTNDAERFNEIVKNQKISANIDTPEGGFDAIMQAAVCKEKIG
WRNDSLHLLVFVSDADSHFGMDSKLAGIVCPNDGLCHLDSKNEYSMSTVLEYPTIGQLIDKLVQNNVLLIFAVTQEQVHL
YENYAKLIPGATVGLLQKDSGNILQLIISAYEELRSEVELEVLGDTEGLNLSFTAICNNGTLFQHQKKCSHMKVGDTASF
SVTVNIPHCERRSRHIIIKPVGLGDALELLVSPECNCDCQKEVEVNSSKCHNGNGSFQCGVCACHPGHMGPRCESRGLQT
LFQ
;
B
3 'polypeptide(L)'
;HVQGGCALGGAETCEDCLLIGPQCAWCATENFTHPSGVGERCDTPANLLAKGCQLNFIENPVSQVEILKNKPLSVGRQKN
SSDIVQIAPQSLILKLRPGGAQTLQVHVRQTEDYPVDLYYLMDLSASMDDDLNTIKELGSRLSKEMSKLTSNFRLGFGSF
VEKPVSPFVKTTPEEIANPCSSIPYFCLPTFGFKHILPLTNDAERFNEIVKNQKISANIDTPEGGFDAIMQAAVCKEKIG
WRNDSLHLLVFVSDADSHFGMDSKLAGIVCPNDGLCHLDSKNEYSMSTVLEYPTIGQLIDKLVQNNVLLIFAVTQEQVHL
YENYAKLIPGATVGLLQKDSGNILQLIISAYEELRSEVELEVLGDTEGLNLSFTAICNNGTLFQHQKKCSHMKVGDTASF
SVTVNIPHCERRSRHIIIKPVGLGDALELLVSPECNCDCQKEVEVNSSKCHNGNGSFQCGVCACHPGHMGPRCESRGLQT
LFQ
;
D
4 'polypeptide(L)' (ACE)HGRGDLGRLKK(NH2) E,F
#
loop_
_chem_comp.id
_chem_comp.type
_chem_comp.name
_chem_comp.formula
ACE non-polymer 'ACETYL GROUP' 'C2 H4 O'
BMA D-saccharide, beta linking beta-D-mannopyranose 'C6 H12 O6'
CA non-polymer 'CALCIUM ION' 'Ca 2'
MAN D-saccharide, alpha linking alpha-D-mannopyranose 'C6 H12 O6'
MG non-polymer 'MAGNESIUM ION' 'Mg 2'
NAG D-saccharide, beta linking 2-acetamido-2-deoxy-beta-D-glucopyranose 'C8 H15 N O6'
NH2 non-polymer 'AMINO GROUP' 'H2 N'
SO4 non-polymer 'SULFATE ION' 'O4 S -2'
#
# COMPACT_ATOMS: atom_id res chain seq x y z
N PHE A 1 -20.83 39.33 -21.63
CA PHE A 1 -20.24 40.47 -20.94
C PHE A 1 -21.30 41.14 -20.07
N ASN A 2 -22.57 40.87 -20.39
CA ASN A 2 -23.69 41.53 -19.73
C ASN A 2 -24.34 40.78 -18.58
N LEU A 3 -23.69 39.73 -18.09
CA LEU A 3 -24.15 39.00 -16.91
C LEU A 3 -23.86 39.80 -15.63
N ASP A 4 -24.87 39.96 -14.79
CA ASP A 4 -24.74 40.69 -13.52
C ASP A 4 -24.09 39.90 -12.39
N VAL A 5 -22.88 40.31 -12.01
CA VAL A 5 -22.13 39.62 -10.97
C VAL A 5 -22.15 40.39 -9.64
N ASP A 6 -22.73 41.58 -9.65
CA ASP A 6 -22.78 42.39 -8.44
C ASP A 6 -23.81 41.85 -7.45
N SER A 7 -24.98 41.49 -7.95
CA SER A 7 -26.03 40.95 -7.09
C SER A 7 -26.74 39.74 -7.70
N PRO A 8 -26.04 38.59 -7.76
CA PRO A 8 -26.66 37.36 -8.27
C PRO A 8 -27.45 36.61 -7.20
N ALA A 9 -28.45 35.84 -7.59
CA ALA A 9 -29.24 35.05 -6.65
C ALA A 9 -28.49 33.80 -6.20
N GLU A 10 -28.28 33.69 -4.89
CA GLU A 10 -27.55 32.58 -4.30
C GLU A 10 -28.44 31.56 -3.59
N TYR A 11 -28.57 30.38 -4.17
CA TYR A 11 -29.34 29.28 -3.56
C TYR A 11 -28.43 28.24 -2.94
N SER A 12 -28.82 27.72 -1.77
CA SER A 12 -27.99 26.72 -1.09
C SER A 12 -28.84 25.58 -0.55
N GLY A 13 -28.22 24.41 -0.40
CA GLY A 13 -28.91 23.25 0.13
C GLY A 13 -28.17 22.66 1.31
N PRO A 14 -28.64 21.51 1.83
CA PRO A 14 -27.99 20.83 2.96
C PRO A 14 -26.53 20.54 2.65
N GLU A 15 -25.66 20.69 3.64
CA GLU A 15 -24.25 20.46 3.42
C GLU A 15 -23.99 18.98 3.15
N GLY A 16 -23.01 18.70 2.31
CA GLY A 16 -22.64 17.34 1.97
C GLY A 16 -23.62 16.67 1.02
N SER A 17 -24.65 17.42 0.61
CA SER A 17 -25.70 16.85 -0.23
C SER A 17 -25.42 17.07 -1.72
N TYR A 18 -24.30 17.73 -2.01
CA TYR A 18 -23.90 18.08 -3.37
C TYR A 18 -24.98 18.88 -4.08
N PHE A 19 -25.64 19.76 -3.33
CA PHE A 19 -26.60 20.69 -3.89
C PHE A 19 -25.93 21.48 -5.01
N GLY A 20 -26.44 21.32 -6.23
CA GLY A 20 -25.90 22.03 -7.37
C GLY A 20 -25.11 21.13 -8.29
N PHE A 21 -25.15 19.84 -8.03
CA PHE A 21 -24.46 18.88 -8.89
C PHE A 21 -25.12 18.90 -10.27
N ALA A 22 -26.43 19.15 -10.28
CA ALA A 22 -27.19 19.32 -11.52
C ALA A 22 -28.20 20.46 -11.43
N VAL A 23 -28.24 21.32 -12.43
CA VAL A 23 -29.16 22.46 -12.46
C VAL A 23 -29.93 22.55 -13.78
N ASP A 24 -31.11 23.18 -13.72
CA ASP A 24 -31.95 23.45 -14.90
C ASP A 24 -33.00 24.48 -14.51
N PHE A 25 -33.82 24.91 -15.48
CA PHE A 25 -34.93 25.80 -15.17
C PHE A 25 -36.23 25.00 -15.14
N PHE A 26 -37.30 25.67 -14.68
CA PHE A 26 -38.63 25.07 -14.69
C PHE A 26 -39.65 26.12 -15.07
N VAL A 27 -40.25 25.92 -16.24
CA VAL A 27 -41.30 26.77 -16.78
C VAL A 27 -42.41 25.82 -17.21
N PRO A 28 -43.36 25.54 -16.30
CA PRO A 28 -44.44 24.59 -16.66
C PRO A 28 -45.49 25.15 -17.59
N SER A 29 -45.78 26.44 -17.49
CA SER A 29 -46.66 27.07 -18.47
C SER A 29 -46.40 28.58 -18.46
N ALA A 30 -46.77 29.24 -19.55
CA ALA A 30 -46.63 30.68 -19.64
C ALA A 30 -47.45 31.36 -18.56
N SER A 31 -48.56 30.73 -18.21
CA SER A 31 -49.47 31.25 -17.21
C SER A 31 -48.86 31.24 -15.81
N SER A 32 -48.05 30.23 -15.48
CA SER A 32 -47.63 30.14 -14.10
C SER A 32 -46.34 30.93 -13.78
N ARG A 33 -45.77 30.60 -12.64
CA ARG A 33 -44.49 31.07 -12.10
C ARG A 33 -43.24 30.39 -12.64
N MET A 34 -42.06 30.93 -12.34
CA MET A 34 -40.87 30.29 -12.87
C MET A 34 -40.01 29.80 -11.69
N PHE A 35 -39.23 28.75 -11.95
CA PHE A 35 -38.42 28.09 -10.90
C PHE A 35 -37.01 27.65 -11.31
N LEU A 36 -36.18 27.40 -10.30
CA LEU A 36 -34.87 26.75 -10.47
C LEU A 36 -34.92 25.27 -10.07
N LEU A 37 -34.41 24.38 -10.91
CA LEU A 37 -34.31 22.97 -10.53
C LEU A 37 -32.89 22.60 -10.13
N VAL A 38 -32.69 22.16 -8.89
CA VAL A 38 -31.36 21.81 -8.43
C VAL A 38 -31.30 20.36 -7.95
N GLY A 39 -30.27 19.65 -8.39
CA GLY A 39 -30.07 18.28 -7.97
C GLY A 39 -29.18 18.22 -6.75
N ALA A 40 -29.57 17.42 -5.77
CA ALA A 40 -28.74 17.12 -4.62
C ALA A 40 -28.70 15.61 -4.43
N PRO A 41 -27.82 14.94 -5.18
CA PRO A 41 -27.80 13.48 -5.28
C PRO A 41 -27.35 12.78 -3.99
N LYS A 42 -26.67 13.50 -3.09
CA LYS A 42 -26.26 12.89 -1.83
C LYS A 42 -27.16 13.29 -0.66
N ALA A 43 -28.32 13.86 -0.98
CA ALA A 43 -29.23 14.39 0.04
C ALA A 43 -30.05 13.28 0.70
N ASN A 44 -30.10 13.31 2.03
CA ASN A 44 -31.00 12.45 2.80
C ASN A 44 -32.48 12.78 2.61
N THR A 45 -33.30 11.75 2.41
CA THR A 45 -34.74 11.97 2.28
C THR A 45 -35.53 11.28 3.38
N THR A 46 -36.86 11.38 3.32
CA THR A 46 -37.72 10.78 4.35
C THR A 46 -38.11 9.37 3.97
N GLN A 47 -37.59 8.90 2.84
CA GLN A 47 -37.86 7.55 2.37
C GLN A 47 -37.42 6.56 3.43
N PRO A 48 -38.30 5.63 3.79
CA PRO A 48 -38.05 4.66 4.87
C PRO A 48 -36.83 3.78 4.65
N GLY A 49 -35.87 3.91 5.55
CA GLY A 49 -34.65 3.11 5.57
C GLY A 49 -33.59 3.49 4.56
N ILE A 50 -33.89 4.51 3.76
CA ILE A 50 -32.98 4.95 2.70
C ILE A 50 -32.06 6.11 3.06
N VAL A 51 -30.77 5.83 3.14
CA VAL A 51 -29.75 6.82 3.46
C VAL A 51 -29.18 7.45 2.20
N GLU A 52 -29.28 8.78 2.12
CA GLU A 52 -28.79 9.57 0.99
C GLU A 52 -29.32 9.13 -0.37
N GLY A 53 -30.64 9.00 -0.45
CA GLY A 53 -31.31 8.64 -1.69
C GLY A 53 -31.13 9.72 -2.73
N GLY A 54 -30.99 10.96 -2.25
CA GLY A 54 -30.86 12.13 -3.11
C GLY A 54 -32.21 12.74 -3.44
N GLN A 55 -32.20 14.01 -3.82
CA GLN A 55 -33.42 14.69 -4.19
C GLN A 55 -33.17 15.83 -5.18
N VAL A 56 -34.25 16.29 -5.79
CA VAL A 56 -34.25 17.43 -6.69
C VAL A 56 -35.08 18.55 -6.08
N LEU A 57 -34.51 19.73 -5.93
CA LEU A 57 -35.23 20.78 -5.24
C LEU A 57 -35.76 21.78 -6.26
N LYS A 58 -36.97 22.26 -6.01
CA LYS A 58 -37.61 23.30 -6.80
C LYS A 58 -37.47 24.59 -6.02
N CYS A 59 -36.68 25.50 -6.56
CA CYS A 59 -36.42 26.80 -5.97
C CYS A 59 -37.18 27.88 -6.71
N ASP A 60 -37.68 28.85 -5.96
CA ASP A 60 -38.50 29.89 -6.55
C ASP A 60 -37.62 31.08 -6.74
N TRP A 61 -37.81 31.71 -7.87
CA TRP A 61 -37.19 32.97 -8.15
C TRP A 61 -37.90 34.17 -7.53
N SER A 62 -39.22 34.17 -7.53
CA SER A 62 -39.98 35.31 -7.01
C SER A 62 -39.72 35.56 -5.51
N SER A 63 -39.44 36.82 -5.17
CA SER A 63 -39.22 37.25 -3.79
C SER A 63 -38.24 36.32 -3.08
N THR A 64 -38.55 35.93 -1.85
CA THR A 64 -37.63 35.18 -1.00
C THR A 64 -37.11 33.94 -1.74
N ARG A 65 -35.96 33.45 -1.28
CA ARG A 65 -35.28 32.31 -1.87
C ARG A 65 -35.49 30.97 -1.19
N ARG A 66 -36.58 30.29 -1.56
CA ARG A 66 -36.97 29.08 -0.88
C ARG A 66 -36.94 27.89 -1.84
N CYS A 67 -36.14 26.87 -1.53
CA CYS A 67 -36.13 25.68 -2.36
C CYS A 67 -37.10 24.72 -1.69
N GLN A 68 -37.84 23.96 -2.49
CA GLN A 68 -38.77 23.04 -1.89
C GLN A 68 -38.46 21.69 -2.58
N PRO A 69 -38.27 20.60 -1.82
CA PRO A 69 -38.06 19.30 -2.48
C PRO A 69 -39.20 18.82 -3.38
N ILE A 70 -38.89 18.31 -4.57
CA ILE A 70 -39.96 17.73 -5.39
C ILE A 70 -40.11 16.25 -5.10
N GLU A 71 -41.27 15.86 -4.59
CA GLU A 71 -41.52 14.47 -4.23
C GLU A 71 -41.78 13.58 -5.46
N PHE A 72 -40.75 12.96 -6.00
CA PHE A 72 -40.92 12.02 -7.11
C PHE A 72 -41.29 10.65 -6.58
N ASP A 73 -40.67 10.30 -5.46
CA ASP A 73 -40.88 9.00 -4.87
C ASP A 73 -40.59 9.06 -3.38
N ALA A 74 -41.61 8.69 -2.59
CA ALA A 74 -41.52 8.71 -1.14
C ALA A 74 -41.31 7.32 -0.57
N THR A 75 -41.44 6.30 -1.40
CA THR A 75 -41.37 4.93 -0.92
C THR A 75 -39.95 4.47 -0.72
N GLY A 76 -39.78 3.44 0.10
CA GLY A 76 -38.48 2.85 0.29
C GLY A 76 -38.23 1.77 -0.72
N ASN A 77 -37.46 0.77 -0.34
CA ASN A 77 -37.14 -0.34 -1.22
C ASN A 77 -38.28 -1.36 -1.34
N ARG A 78 -38.80 -1.55 -2.54
CA ARG A 78 -39.77 -2.62 -2.78
C ARG A 78 -39.14 -3.98 -2.55
N ASP A 79 -39.95 -4.93 -2.08
CA ASP A 79 -39.50 -6.31 -1.89
C ASP A 79 -39.83 -7.18 -3.11
N TYR A 80 -38.86 -7.96 -3.58
CA TYR A 80 -39.12 -9.00 -4.58
C TYR A 80 -39.89 -10.13 -3.89
N ALA A 81 -39.45 -10.47 -2.69
CA ALA A 81 -40.13 -11.46 -1.85
C ALA A 81 -39.91 -11.11 -0.38
N LYS A 82 -40.46 -11.90 0.54
CA LYS A 82 -40.28 -11.63 1.97
C LYS A 82 -38.81 -11.66 2.40
N ASP A 83 -38.37 -10.56 3.03
CA ASP A 83 -36.98 -10.41 3.47
C ASP A 83 -36.01 -10.47 2.30
N ASP A 84 -36.51 -10.12 1.12
CA ASP A 84 -35.74 -10.13 -0.12
C ASP A 84 -35.95 -8.87 -0.92
N PRO A 85 -35.20 -7.80 -0.58
CA PRO A 85 -35.37 -6.50 -1.23
C PRO A 85 -35.11 -6.57 -2.73
N LEU A 86 -35.98 -5.92 -3.49
CA LEU A 86 -35.89 -5.89 -4.94
C LEU A 86 -34.89 -4.85 -5.44
N GLU A 87 -34.78 -3.76 -4.70
CA GLU A 87 -33.97 -2.63 -5.13
C GLU A 87 -33.16 -2.03 -3.99
N PHE A 88 -32.22 -1.16 -4.34
CA PHE A 88 -31.37 -0.52 -3.34
C PHE A 88 -31.25 0.95 -3.67
N LYS A 89 -32.03 1.75 -2.97
CA LYS A 89 -32.14 3.16 -3.30
C LYS A 89 -31.17 4.01 -2.48
N SER A 90 -30.57 3.41 -1.47
CA SER A 90 -29.58 4.13 -0.67
C SER A 90 -28.36 4.46 -1.52
N HIS A 91 -27.89 5.71 -1.42
CA HIS A 91 -26.72 6.17 -2.17
C HIS A 91 -26.92 5.97 -3.67
N GLN A 92 -28.15 6.15 -4.14
CA GLN A 92 -28.47 5.93 -5.54
C GLN A 92 -28.17 7.14 -6.40
N TRP A 93 -27.84 8.25 -5.74
CA TRP A 93 -27.50 9.51 -6.41
C TRP A 93 -28.65 10.03 -7.27
N PHE A 94 -29.87 9.96 -6.74
CA PHE A 94 -31.02 10.52 -7.45
C PHE A 94 -30.92 12.04 -7.52
N GLY A 95 -31.02 12.59 -8.72
CA GLY A 95 -30.85 14.02 -8.91
C GLY A 95 -29.46 14.34 -9.40
N ALA A 96 -28.73 13.31 -9.83
CA ALA A 96 -27.40 13.46 -10.40
C ALA A 96 -27.55 14.10 -11.77
N SER A 97 -28.71 13.89 -12.38
CA SER A 97 -29.04 14.55 -13.62
C SER A 97 -30.50 14.98 -13.64
N VAL A 98 -30.71 16.27 -13.87
CA VAL A 98 -32.06 16.83 -13.96
C VAL A 98 -32.32 17.58 -15.27
N ARG A 99 -33.42 17.26 -15.94
CA ARG A 99 -33.76 17.88 -17.24
C ARG A 99 -35.24 18.23 -17.27
N SER A 100 -35.58 19.44 -17.72
CA SER A 100 -36.98 19.87 -17.72
C SER A 100 -37.37 20.46 -19.07
N LYS A 101 -38.57 20.12 -19.52
CA LYS A 101 -39.14 20.66 -20.75
C LYS A 101 -40.59 20.97 -20.51
N GLN A 102 -40.90 22.27 -20.43
CA GLN A 102 -42.24 22.76 -20.15
C GLN A 102 -42.75 22.25 -18.81
N ASP A 103 -43.81 21.45 -18.84
CA ASP A 103 -44.37 20.91 -17.60
C ASP A 103 -43.83 19.53 -17.23
N LYS A 104 -42.77 19.10 -17.90
CA LYS A 104 -42.13 17.81 -17.63
C LYS A 104 -40.80 17.99 -16.91
N ILE A 105 -40.59 17.18 -15.87
CA ILE A 105 -39.32 17.17 -15.16
C ILE A 105 -38.81 15.74 -15.11
N LEU A 106 -37.62 15.53 -15.66
CA LEU A 106 -36.97 14.22 -15.64
C LEU A 106 -35.71 14.25 -14.79
N ALA A 107 -35.69 13.44 -13.74
CA ALA A 107 -34.51 13.29 -12.88
C ALA A 107 -34.13 11.82 -12.78
N CYS A 108 -32.85 11.55 -12.57
CA CYS A 108 -32.36 10.18 -12.61
C CYS A 108 -31.44 9.81 -11.45
N ALA A 109 -31.34 8.51 -11.20
CA ALA A 109 -30.46 7.97 -10.17
C ALA A 109 -29.51 6.95 -10.77
N PRO A 110 -28.35 7.43 -11.23
CA PRO A 110 -27.35 6.63 -11.95
C PRO A 110 -26.77 5.50 -11.10
N LEU A 111 -26.73 5.69 -9.79
CA LEU A 111 -26.16 4.67 -8.91
C LEU A 111 -27.25 3.83 -8.21
N TYR A 112 -28.46 3.87 -8.75
CA TYR A 112 -29.54 2.99 -8.30
C TYR A 112 -29.20 1.54 -8.67
N HIS A 113 -29.23 0.63 -7.69
CA HIS A 113 -28.99 -0.80 -7.93
C HIS A 113 -30.28 -1.58 -7.78
N TRP A 114 -30.41 -2.71 -8.47
CA TRP A 114 -31.58 -3.54 -8.21
C TRP A 114 -31.18 -5.01 -8.21
N ARG A 115 -32.14 -5.84 -7.81
CA ARG A 115 -31.86 -7.23 -7.48
C ARG A 115 -31.81 -8.15 -8.69
N THR A 116 -32.50 -7.77 -9.78
CA THR A 116 -32.89 -8.69 -10.86
C THR A 116 -33.95 -9.68 -10.36
N GLU A 117 -34.62 -10.36 -11.30
CA GLU A 117 -35.70 -11.27 -10.93
C GLU A 117 -35.29 -12.73 -10.96
N MET A 118 -34.02 -12.99 -11.26
CA MET A 118 -33.58 -14.38 -11.33
C MET A 118 -32.90 -14.76 -10.02
N LYS A 119 -31.67 -14.29 -9.80
CA LYS A 119 -30.95 -14.56 -8.56
C LYS A 119 -30.83 -13.28 -7.75
N GLN A 120 -30.22 -13.38 -6.57
CA GLN A 120 -30.07 -12.24 -5.65
C GLN A 120 -28.80 -11.46 -5.93
N GLU A 121 -28.89 -10.51 -6.86
CA GLU A 121 -27.77 -9.66 -7.21
C GLU A 121 -27.96 -8.22 -6.79
N ARG A 122 -27.02 -7.38 -7.18
CA ARG A 122 -27.07 -5.94 -6.91
C ARG A 122 -26.47 -5.16 -8.07
N GLU A 123 -27.26 -4.94 -9.11
CA GLU A 123 -26.73 -4.40 -10.36
C GLU A 123 -27.22 -2.96 -10.58
N PRO A 124 -26.27 -2.04 -10.79
CA PRO A 124 -26.57 -0.61 -10.97
C PRO A 124 -27.16 -0.30 -12.34
N VAL A 125 -28.44 -0.60 -12.51
CA VAL A 125 -29.08 -0.40 -13.80
C VAL A 125 -29.51 1.06 -13.97
N GLY A 126 -29.56 1.80 -12.87
CA GLY A 126 -30.03 3.18 -12.92
C GLY A 126 -31.53 3.28 -13.12
N THR A 127 -32.13 4.34 -12.60
CA THR A 127 -33.56 4.56 -12.79
C THR A 127 -33.85 6.05 -12.87
N CYS A 128 -34.93 6.40 -13.57
CA CYS A 128 -35.37 7.78 -13.69
C CYS A 128 -36.81 7.95 -13.25
N PHE A 129 -37.13 9.12 -12.70
CA PHE A 129 -38.53 9.49 -12.43
C PHE A 129 -38.98 10.65 -13.32
N LEU A 130 -40.11 10.47 -13.99
CA LEU A 130 -40.66 11.50 -14.87
C LEU A 130 -41.98 12.07 -14.32
N GLN A 131 -42.05 13.39 -14.29
CA GLN A 131 -43.21 14.10 -13.77
C GLN A 131 -43.84 14.93 -14.89
N ASP A 132 -44.96 14.43 -15.40
CA ASP A 132 -45.73 15.12 -16.44
C ASP A 132 -46.99 15.74 -15.85
N GLY A 133 -46.92 17.04 -15.61
CA GLY A 133 -48.02 17.78 -15.04
C GLY A 133 -48.33 17.30 -13.63
N THR A 134 -49.33 16.44 -13.50
CA THR A 134 -49.73 15.94 -12.19
C THR A 134 -49.14 14.55 -11.92
N LYS A 135 -49.35 13.64 -12.87
CA LYS A 135 -48.88 12.25 -12.74
C LYS A 135 -47.36 12.11 -12.83
N THR A 136 -46.78 11.38 -11.89
CA THR A 136 -45.35 11.08 -11.88
C THR A 136 -45.07 9.57 -12.07
N VAL A 137 -44.27 9.21 -13.08
CA VAL A 137 -43.98 7.80 -13.38
C VAL A 137 -42.49 7.47 -13.31
N GLU A 138 -42.18 6.17 -13.19
CA GLU A 138 -40.80 5.72 -13.21
C GLU A 138 -40.37 5.26 -14.60
N TYR A 139 -39.08 5.45 -14.90
CA TYR A 139 -38.52 5.08 -16.20
C TYR A 139 -37.13 4.48 -15.98
N ALA A 140 -37.03 3.17 -16.07
CA ALA A 140 -35.75 2.50 -15.91
C ALA A 140 -35.60 1.51 -17.04
N PRO A 141 -35.18 2.03 -18.20
CA PRO A 141 -35.07 1.25 -19.44
C PRO A 141 -33.95 0.22 -19.43
N CYS A 142 -33.02 0.31 -18.47
CA CYS A 142 -31.96 -0.68 -18.39
C CYS A 142 -32.33 -1.79 -17.40
N ARG A 143 -33.36 -1.54 -16.60
CA ARG A 143 -33.86 -2.57 -15.70
C ARG A 143 -34.73 -3.59 -16.46
N SER A 144 -34.06 -4.51 -17.15
CA SER A 144 -34.65 -5.50 -18.07
C SER A 144 -34.27 -6.95 -17.73
N GLN A 145 -34.51 -7.86 -18.67
CA GLN A 145 -34.10 -9.27 -18.57
C GLN A 145 -32.71 -9.45 -19.15
N ASP A 146 -32.20 -8.42 -19.80
CA ASP A 146 -30.81 -8.43 -20.26
C ASP A 146 -29.88 -8.06 -19.11
N ILE A 147 -29.58 -9.04 -18.26
CA ILE A 147 -28.88 -8.77 -17.00
C ILE A 147 -27.36 -8.95 -17.09
N ASP A 148 -26.68 -8.67 -15.97
CA ASP A 148 -25.22 -8.79 -15.85
C ASP A 148 -24.49 -7.77 -16.75
N ALA A 149 -23.17 -7.70 -16.57
CA ALA A 149 -22.35 -6.71 -17.25
C ALA A 149 -22.44 -6.82 -18.79
N ASP A 150 -22.51 -8.05 -19.30
CA ASP A 150 -22.66 -8.29 -20.74
C ASP A 150 -23.93 -7.64 -21.28
N GLY A 151 -24.94 -7.50 -20.42
CA GLY A 151 -26.20 -6.88 -20.81
C GLY A 151 -26.34 -5.47 -20.29
N GLN A 152 -27.47 -5.17 -19.65
CA GLN A 152 -27.73 -3.81 -19.17
C GLN A 152 -27.64 -3.74 -17.66
N GLY A 153 -27.04 -4.75 -17.05
CA GLY A 153 -26.93 -4.79 -15.61
C GLY A 153 -26.19 -3.66 -14.95
N PHE A 154 -25.15 -3.16 -15.61
CA PHE A 154 -24.31 -2.13 -15.03
C PHE A 154 -24.43 -0.86 -15.84
N CYS A 155 -25.58 -0.74 -16.50
CA CYS A 155 -25.87 0.34 -17.43
C CYS A 155 -25.80 1.73 -16.82
N GLN A 156 -26.30 1.87 -15.60
CA GLN A 156 -26.41 3.17 -14.95
C GLN A 156 -27.19 4.13 -15.83
N GLY A 157 -28.39 3.70 -16.23
CA GLY A 157 -29.25 4.52 -17.09
C GLY A 157 -29.61 5.84 -16.44
N GLY A 158 -29.55 6.90 -17.22
CA GLY A 158 -29.85 8.23 -16.72
C GLY A 158 -28.58 8.92 -16.27
N PHE A 159 -27.43 8.34 -16.61
CA PHE A 159 -26.15 8.94 -16.31
C PHE A 159 -26.09 10.30 -17.01
N SER A 160 -26.67 10.35 -18.20
CA SER A 160 -26.92 11.62 -18.88
C SER A 160 -28.29 11.57 -19.55
N ILE A 161 -28.99 12.70 -19.57
CA ILE A 161 -30.32 12.77 -20.17
C ILE A 161 -30.57 14.06 -20.95
N ASP A 162 -31.62 14.05 -21.75
CA ASP A 162 -32.02 15.22 -22.51
C ASP A 162 -33.41 15.01 -23.09
N PHE A 163 -34.06 16.11 -23.43
CA PHE A 163 -35.33 16.09 -24.15
C PHE A 163 -35.12 16.52 -25.58
N THR A 164 -35.89 15.95 -26.49
CA THR A 164 -35.91 16.43 -27.86
C THR A 164 -37.03 17.47 -27.95
N LYS A 165 -37.14 18.09 -29.12
CA LYS A 165 -38.13 19.14 -29.34
C LYS A 165 -39.50 18.58 -29.68
N ALA A 166 -39.58 17.26 -29.86
CA ALA A 166 -40.84 16.60 -30.17
C ALA A 166 -41.25 15.68 -29.02
N ASP A 167 -40.86 16.05 -27.80
CA ASP A 167 -41.25 15.34 -26.58
C ASP A 167 -40.77 13.90 -26.63
N ARG A 168 -39.53 13.71 -27.04
CA ARG A 168 -38.89 12.42 -26.86
C ARG A 168 -37.73 12.54 -25.88
N VAL A 169 -37.54 11.54 -25.02
CA VAL A 169 -36.38 11.52 -24.12
C VAL A 169 -35.16 10.82 -24.71
N LEU A 170 -33.98 11.39 -24.50
CA LEU A 170 -32.74 10.71 -24.86
C LEU A 170 -31.93 10.35 -23.60
N LEU A 171 -31.71 9.06 -23.37
CA LEU A 171 -31.00 8.59 -22.18
C LEU A 171 -29.69 7.85 -22.49
N GLY A 172 -28.65 8.15 -21.71
CA GLY A 172 -27.35 7.50 -21.83
C GLY A 172 -26.99 6.53 -20.71
N GLY A 173 -26.46 5.36 -21.10
CA GLY A 173 -26.03 4.36 -20.14
C GLY A 173 -24.63 3.83 -20.44
N PRO A 174 -23.60 4.43 -19.80
CA PRO A 174 -22.19 4.15 -20.12
C PRO A 174 -21.73 2.73 -19.80
N GLY A 175 -22.46 2.00 -18.97
CA GLY A 175 -21.98 0.70 -18.50
C GLY A 175 -22.49 -0.53 -19.23
N SER A 176 -23.50 -0.34 -20.08
CA SER A 176 -24.10 -1.46 -20.80
C SER A 176 -23.08 -2.26 -21.62
N PHE A 177 -23.29 -3.56 -21.67
CA PHE A 177 -22.52 -4.46 -22.52
C PHE A 177 -21.02 -4.36 -22.24
N TYR A 178 -20.63 -4.64 -21.00
CA TYR A 178 -19.26 -4.52 -20.55
C TYR A 178 -18.73 -3.12 -20.89
N TRP A 179 -19.53 -2.10 -20.57
CA TRP A 179 -19.13 -0.69 -20.70
C TRP A 179 -18.85 -0.23 -22.13
N GLN A 180 -19.49 -0.89 -23.10
CA GLN A 180 -19.60 -0.34 -24.44
C GLN A 180 -20.42 0.94 -24.45
N GLY A 181 -21.36 1.02 -23.53
CA GLY A 181 -22.30 2.13 -23.42
C GLY A 181 -23.52 1.96 -24.30
N GLN A 182 -24.54 2.79 -24.07
CA GLN A 182 -25.78 2.71 -24.83
C GLN A 182 -26.58 4.02 -24.85
N LEU A 183 -27.26 4.29 -25.96
CA LEU A 183 -28.25 5.36 -26.01
C LEU A 183 -29.65 4.76 -26.10
N ILE A 184 -30.56 5.22 -25.24
CA ILE A 184 -31.94 4.79 -25.29
C ILE A 184 -32.89 5.97 -25.49
N SER A 185 -33.82 5.85 -26.43
CA SER A 185 -34.79 6.93 -26.66
C SER A 185 -36.24 6.46 -26.65
N ASP A 186 -37.03 7.05 -25.76
CA ASP A 186 -38.46 6.76 -25.67
C ASP A 186 -39.35 8.00 -25.74
N GLN A 187 -40.52 7.85 -26.33
CA GLN A 187 -41.53 8.90 -26.34
C GLN A 187 -42.12 9.15 -24.96
N VAL A 188 -42.14 10.41 -24.53
CA VAL A 188 -42.60 10.75 -23.20
C VAL A 188 -44.03 10.28 -22.97
N ALA A 189 -44.80 10.16 -24.04
CA ALA A 189 -46.20 9.73 -23.95
C ALA A 189 -46.27 8.24 -23.66
N GLU A 190 -45.39 7.48 -24.29
CA GLU A 190 -45.36 6.04 -24.11
C GLU A 190 -44.80 5.64 -22.76
N ILE A 191 -43.91 6.47 -22.22
CA ILE A 191 -43.31 6.25 -20.91
C ILE A 191 -44.39 6.29 -19.84
N VAL A 192 -45.27 7.28 -19.91
CA VAL A 192 -46.31 7.42 -18.89
C VAL A 192 -47.45 6.42 -19.15
N SER A 193 -47.79 6.19 -20.41
CA SER A 193 -48.92 5.34 -20.74
C SER A 193 -48.66 3.86 -20.45
N LYS A 194 -47.45 3.39 -20.72
CA LYS A 194 -47.10 1.98 -20.53
C LYS A 194 -46.56 1.74 -19.13
N TYR A 195 -46.58 2.78 -18.30
CA TYR A 195 -46.08 2.67 -16.93
C TYR A 195 -46.97 1.80 -16.04
N ASP A 196 -46.34 0.91 -15.27
CA ASP A 196 -47.05 0.04 -14.34
C ASP A 196 -46.16 -0.25 -13.12
N PRO A 197 -46.58 0.22 -11.94
CA PRO A 197 -45.79 0.11 -10.71
C PRO A 197 -45.55 -1.34 -10.27
N ASN A 198 -46.23 -2.29 -10.88
CA ASN A 198 -46.06 -3.70 -10.57
C ASN A 198 -45.20 -4.43 -11.62
N VAL A 199 -44.76 -3.70 -12.64
CA VAL A 199 -43.88 -4.25 -13.66
C VAL A 199 -42.48 -3.62 -13.64
N TYR A 200 -41.46 -4.45 -13.45
CA TYR A 200 -40.11 -3.95 -13.23
C TYR A 200 -39.29 -3.90 -14.52
N SER A 201 -39.76 -4.60 -15.54
CA SER A 201 -39.08 -4.56 -16.83
C SER A 201 -40.07 -4.28 -17.94
N ILE A 202 -40.23 -2.99 -18.24
CA ILE A 202 -41.23 -2.59 -19.22
C ILE A 202 -40.66 -2.51 -20.64
N LYS A 203 -41.33 -3.17 -21.57
CA LYS A 203 -40.93 -3.14 -22.97
C LYS A 203 -41.69 -2.06 -23.73
N TYR A 204 -40.97 -1.17 -24.40
CA TYR A 204 -41.61 -0.13 -25.20
C TYR A 204 -41.45 -0.40 -26.70
N ASN A 205 -42.56 -0.31 -27.44
CA ASN A 205 -42.56 -0.65 -28.85
C ASN A 205 -41.87 0.40 -29.71
N ASN A 206 -42.10 1.67 -29.39
CA ASN A 206 -41.50 2.75 -30.18
C ASN A 206 -40.15 3.20 -29.63
N GLN A 207 -39.47 2.31 -28.92
CA GLN A 207 -38.17 2.60 -28.32
C GLN A 207 -37.03 2.64 -29.33
N LEU A 208 -36.17 3.66 -29.27
CA LEU A 208 -34.96 3.64 -30.07
C LEU A 208 -33.77 3.42 -29.14
N ALA A 209 -32.96 2.40 -29.44
CA ALA A 209 -31.81 2.10 -28.61
C ALA A 209 -30.63 1.51 -29.39
N THR A 210 -29.41 1.85 -28.99
CA THR A 210 -28.25 1.21 -29.60
C THR A 210 -28.11 -0.22 -29.08
N ARG A 211 -27.61 -1.12 -29.92
CA ARG A 211 -27.48 -2.53 -29.57
C ARG A 211 -26.03 -2.88 -29.20
N THR A 212 -25.83 -4.02 -28.55
CA THR A 212 -24.48 -4.45 -28.18
C THR A 212 -23.65 -4.82 -29.41
N ALA A 213 -22.38 -4.43 -29.39
CA ALA A 213 -21.47 -4.67 -30.51
C ALA A 213 -20.34 -5.60 -30.09
N GLN A 214 -19.34 -5.75 -30.96
CA GLN A 214 -18.22 -6.63 -30.66
C GLN A 214 -17.38 -6.17 -29.47
N ALA A 215 -16.66 -7.12 -28.89
CA ALA A 215 -15.89 -6.95 -27.67
C ALA A 215 -14.78 -5.90 -27.81
N ILE A 216 -14.41 -5.60 -29.05
CA ILE A 216 -13.35 -4.62 -29.30
C ILE A 216 -13.83 -3.25 -28.85
N PHE A 217 -15.14 -3.07 -28.82
CA PHE A 217 -15.78 -1.82 -28.43
C PHE A 217 -16.07 -1.71 -26.93
N ASP A 218 -15.72 -2.71 -26.13
CA ASP A 218 -15.90 -2.57 -24.69
C ASP A 218 -15.13 -1.41 -24.05
N ASP A 219 -15.62 -0.91 -22.93
CA ASP A 219 -14.95 0.17 -22.17
C ASP A 219 -14.79 1.45 -23.01
N SER A 220 -15.91 1.91 -23.58
CA SER A 220 -15.94 3.08 -24.43
C SER A 220 -16.72 4.18 -23.75
N TYR A 221 -17.67 3.80 -22.90
CA TYR A 221 -18.53 4.73 -22.16
C TYR A 221 -19.44 5.59 -23.01
N LEU A 222 -20.05 5.01 -24.04
CA LEU A 222 -21.08 5.70 -24.79
C LEU A 222 -22.25 6.06 -23.89
N GLY A 223 -22.68 7.32 -23.94
CA GLY A 223 -23.79 7.77 -23.11
C GLY A 223 -23.30 8.51 -21.90
N TYR A 224 -21.99 8.75 -21.86
CA TYR A 224 -21.36 9.50 -20.80
C TYR A 224 -21.94 10.91 -20.73
N SER A 225 -22.19 11.48 -21.91
CA SER A 225 -22.86 12.75 -22.04
C SER A 225 -23.77 12.75 -23.27
N VAL A 226 -24.79 13.59 -23.27
CA VAL A 226 -25.72 13.66 -24.39
C VAL A 226 -26.15 15.09 -24.73
N ALA A 227 -26.64 15.26 -25.96
CA ALA A 227 -27.15 16.54 -26.44
C ALA A 227 -28.04 16.29 -27.64
N VAL A 228 -28.90 17.24 -27.98
CA VAL A 228 -29.80 17.04 -29.10
C VAL A 228 -29.70 18.21 -30.08
N GLY A 229 -30.03 17.92 -31.34
CA GLY A 229 -29.98 18.91 -32.40
C GLY A 229 -30.16 18.17 -33.71
N ASP A 230 -30.63 18.88 -34.74
CA ASP A 230 -30.86 18.26 -36.04
C ASP A 230 -29.58 18.28 -36.88
N PHE A 231 -29.24 17.14 -37.48
CA PHE A 231 -27.98 17.02 -38.22
C PHE A 231 -28.12 16.33 -39.59
N ASN A 232 -29.34 16.03 -40.00
CA ASN A 232 -29.57 15.50 -41.35
C ASN A 232 -30.72 16.24 -42.01
N GLY A 233 -31.09 17.36 -41.40
CA GLY A 233 -32.05 18.28 -41.99
C GLY A 233 -33.42 17.71 -42.24
N ASP A 234 -33.99 17.03 -41.25
CA ASP A 234 -35.34 16.50 -41.42
C ASP A 234 -36.26 17.00 -40.31
N GLY A 235 -35.78 17.96 -39.52
CA GLY A 235 -36.58 18.57 -38.49
C GLY A 235 -36.62 17.80 -37.19
N ILE A 236 -36.15 16.55 -37.22
CA ILE A 236 -36.13 15.68 -36.05
C ILE A 236 -34.81 15.77 -35.31
N ASP A 237 -34.85 16.12 -34.02
CA ASP A 237 -33.63 16.21 -33.21
C ASP A 237 -32.90 14.89 -33.15
N ASP A 238 -31.61 14.96 -33.44
CA ASP A 238 -30.75 13.79 -33.48
C ASP A 238 -29.95 13.67 -32.19
N PHE A 239 -29.38 12.50 -31.98
CA PHE A 239 -28.74 12.17 -30.71
C PHE A 239 -27.22 12.33 -30.77
N VAL A 240 -26.70 13.23 -29.93
CA VAL A 240 -25.25 13.42 -29.82
C VAL A 240 -24.75 12.87 -28.47
N SER A 241 -23.64 12.14 -28.49
CA SER A 241 -23.12 11.55 -27.26
C SER A 241 -21.60 11.39 -27.21
N GLY A 242 -21.02 11.72 -26.06
CA GLY A 242 -19.61 11.52 -25.82
C GLY A 242 -19.25 10.08 -25.50
N VAL A 243 -18.18 9.60 -26.11
CA VAL A 243 -17.70 8.25 -25.88
C VAL A 243 -16.23 8.32 -25.46
N PRO A 244 -15.97 8.79 -24.24
CA PRO A 244 -14.65 9.30 -23.82
C PRO A 244 -13.52 8.27 -23.78
N ARG A 245 -13.83 6.99 -23.64
CA ARG A 245 -12.76 5.99 -23.61
C ARG A 245 -12.58 5.23 -24.93
N ALA A 246 -13.42 5.54 -25.91
CA ALA A 246 -13.35 4.92 -27.24
C ALA A 246 -12.04 5.24 -27.97
N ALA A 247 -11.74 4.50 -29.04
CA ALA A 247 -10.49 4.75 -29.77
C ALA A 247 -9.22 4.78 -28.92
N ARG A 248 -9.07 3.80 -28.03
CA ARG A 248 -7.90 3.67 -27.17
C ARG A 248 -7.64 4.95 -26.39
N THR A 249 -8.68 5.40 -25.69
CA THR A 249 -8.63 6.56 -24.80
C THR A 249 -8.42 7.86 -25.57
N LEU A 250 -8.54 7.81 -26.89
CA LEU A 250 -8.58 9.04 -27.67
C LEU A 250 -9.91 9.73 -27.49
N GLY A 251 -10.95 8.93 -27.28
CA GLY A 251 -12.27 9.48 -27.08
C GLY A 251 -12.95 9.78 -28.40
N MET A 252 -14.26 9.58 -28.43
CA MET A 252 -15.01 9.87 -29.64
C MET A 252 -16.34 10.50 -29.29
N VAL A 253 -17.01 11.03 -30.30
CA VAL A 253 -18.37 11.51 -30.16
C VAL A 253 -19.23 10.94 -31.27
N TYR A 254 -20.29 10.25 -30.88
CA TYR A 254 -21.22 9.64 -31.82
C TYR A 254 -22.44 10.51 -32.07
N ILE A 255 -22.86 10.58 -33.32
CA ILE A 255 -24.16 11.16 -33.67
C ILE A 255 -25.06 10.11 -34.29
N TYR A 256 -26.25 9.93 -33.74
CA TYR A 256 -27.21 8.97 -34.26
C TYR A 256 -28.44 9.73 -34.76
N ASP A 257 -29.08 9.21 -35.81
CA ASP A 257 -30.34 9.78 -36.27
C ASP A 257 -31.40 9.65 -35.19
N GLY A 258 -32.15 10.72 -34.95
CA GLY A 258 -33.14 10.72 -33.90
C GLY A 258 -34.46 10.12 -34.34
N LYS A 259 -34.44 9.36 -35.43
CA LYS A 259 -35.63 8.73 -35.96
C LYS A 259 -35.51 7.21 -36.01
N ASN A 260 -34.34 6.71 -36.41
CA ASN A 260 -34.16 5.26 -36.53
C ASN A 260 -32.85 4.79 -35.91
N MET A 261 -32.21 5.69 -35.14
CA MET A 261 -30.99 5.40 -34.40
C MET A 261 -29.85 4.95 -35.32
N SER A 262 -29.91 5.33 -36.59
CA SER A 262 -28.83 5.03 -37.52
C SER A 262 -27.67 5.98 -37.28
N SER A 263 -26.44 5.52 -37.48
CA SER A 263 -25.26 6.37 -37.27
C SER A 263 -25.07 7.43 -38.35
N LEU A 264 -24.86 8.67 -37.92
CA LEU A 264 -24.71 9.79 -38.84
C LEU A 264 -23.29 10.32 -38.98
N TYR A 265 -22.70 10.71 -37.86
CA TYR A 265 -21.37 11.33 -37.88
C TYR A 265 -20.52 10.91 -36.68
N ASN A 266 -19.20 10.95 -36.84
CA ASN A 266 -18.25 10.70 -35.75
C ASN A 266 -17.23 11.80 -35.53
N PHE A 267 -16.88 12.06 -34.27
CA PHE A 267 -15.75 12.91 -33.95
C PHE A 267 -14.70 12.15 -33.14
N THR A 268 -13.42 12.47 -33.35
CA THR A 268 -12.34 11.81 -32.63
C THR A 268 -11.34 12.79 -31.99
N GLY A 269 -10.99 12.53 -30.74
CA GLY A 269 -9.97 13.26 -30.00
C GLY A 269 -8.57 13.12 -30.59
N GLU A 270 -7.66 14.02 -30.22
CA GLU A 270 -6.31 13.98 -30.82
C GLU A 270 -5.23 13.76 -29.77
N GLN A 271 -5.64 13.54 -28.52
CA GLN A 271 -4.71 13.28 -27.41
C GLN A 271 -5.16 12.19 -26.42
N MET A 272 -4.23 11.32 -26.00
CA MET A 272 -4.57 10.24 -25.05
C MET A 272 -5.05 10.76 -23.70
N ALA A 273 -6.14 10.17 -23.23
CA ALA A 273 -6.67 10.43 -21.89
C ALA A 273 -7.00 11.90 -21.63
N ALA A 274 -7.43 12.61 -22.67
CA ALA A 274 -7.86 13.99 -22.52
C ALA A 274 -9.33 14.04 -22.13
N TYR A 275 -9.97 12.88 -22.12
CA TYR A 275 -11.40 12.75 -21.84
C TYR A 275 -12.24 13.51 -22.84
N PHE A 276 -11.82 13.44 -24.10
CA PHE A 276 -12.60 13.91 -25.22
C PHE A 276 -13.99 13.29 -25.16
N GLY A 277 -15.02 14.10 -24.91
CA GLY A 277 -16.37 13.59 -24.83
C GLY A 277 -16.99 13.64 -23.46
N PHE A 278 -16.25 14.21 -22.51
CA PHE A 278 -16.74 14.39 -21.14
C PHE A 278 -18.05 15.14 -21.14
N SER A 279 -18.09 16.18 -21.96
CA SER A 279 -19.29 16.98 -22.13
C SER A 279 -19.52 17.25 -23.60
N VAL A 280 -20.79 17.27 -24.00
CA VAL A 280 -21.10 17.64 -25.38
C VAL A 280 -22.27 18.63 -25.36
N ALA A 281 -22.37 19.42 -26.41
CA ALA A 281 -23.47 20.38 -26.51
C ALA A 281 -23.78 20.67 -27.96
N ALA A 282 -25.04 21.00 -28.24
CA ALA A 282 -25.44 21.31 -29.61
C ALA A 282 -26.27 22.57 -29.62
N THR A 283 -25.75 23.61 -30.26
CA THR A 283 -26.48 24.84 -30.43
C THR A 283 -25.92 25.60 -31.61
N ASP A 284 -26.80 26.27 -32.37
CA ASP A 284 -26.36 27.09 -33.49
C ASP A 284 -25.67 28.34 -32.99
N ILE A 285 -24.37 28.46 -33.26
CA ILE A 285 -23.60 29.52 -32.65
C ILE A 285 -23.38 30.68 -33.64
N ASN A 286 -23.58 30.41 -34.93
CA ASN A 286 -23.30 31.43 -35.94
C ASN A 286 -24.52 31.88 -36.74
N GLY A 287 -25.71 31.68 -36.20
CA GLY A 287 -26.93 32.19 -36.80
C GLY A 287 -27.18 31.75 -38.23
N ASP A 288 -27.06 30.46 -38.51
CA ASP A 288 -27.37 29.95 -39.85
C ASP A 288 -28.42 28.86 -39.77
N ASP A 289 -28.96 28.66 -38.58
CA ASP A 289 -29.99 27.66 -38.28
C ASP A 289 -29.52 26.22 -38.42
N TYR A 290 -28.22 26.02 -38.52
CA TYR A 290 -27.60 24.69 -38.42
C TYR A 290 -26.98 24.49 -37.05
N ALA A 291 -27.52 23.56 -36.26
CA ALA A 291 -26.98 23.29 -34.93
C ALA A 291 -25.51 22.92 -35.01
N ASP A 292 -24.73 23.41 -34.06
CA ASP A 292 -23.29 23.17 -34.06
C ASP A 292 -22.86 22.34 -32.86
N VAL A 293 -21.80 21.55 -33.03
CA VAL A 293 -21.39 20.60 -32.00
C VAL A 293 -20.24 21.14 -31.17
N PHE A 294 -20.40 21.12 -29.85
CA PHE A 294 -19.36 21.54 -28.91
C PHE A 294 -18.89 20.36 -28.06
N ILE A 295 -17.63 19.96 -28.18
CA ILE A 295 -17.12 18.80 -27.45
C ILE A 295 -16.01 19.15 -26.45
N GLY A 296 -16.22 18.82 -25.17
CA GLY A 296 -15.24 19.12 -24.16
C GLY A 296 -14.23 18.01 -23.88
N ALA A 297 -12.96 18.38 -23.78
CA ALA A 297 -11.87 17.45 -23.40
C ALA A 297 -10.99 18.11 -22.33
N PRO A 298 -11.45 18.09 -21.07
CA PRO A 298 -10.91 18.85 -19.93
C PRO A 298 -9.48 18.52 -19.51
N LEU A 299 -8.94 17.41 -20.00
CA LEU A 299 -7.64 16.95 -19.54
C LEU A 299 -6.61 17.14 -20.63
N PHE A 300 -7.03 17.81 -21.70
CA PHE A 300 -6.15 18.07 -22.80
C PHE A 300 -4.93 18.85 -22.34
N MET A 301 -3.77 18.38 -22.80
CA MET A 301 -2.50 19.03 -22.50
C MET A 301 -1.98 19.73 -23.72
N ASP A 302 -1.72 21.02 -23.57
CA ASP A 302 -1.14 21.81 -24.63
C ASP A 302 0.32 22.13 -24.35
N ARG A 303 1.10 22.31 -25.42
CA ARG A 303 2.50 22.63 -25.25
C ARG A 303 2.64 24.15 -25.15
N GLY A 304 3.42 24.61 -24.18
CA GLY A 304 3.69 26.02 -24.02
C GLY A 304 4.84 26.64 -24.79
N SER A 305 5.05 27.91 -24.49
CA SER A 305 6.12 28.71 -25.07
C SER A 305 7.44 28.11 -24.59
N ASP A 306 7.40 27.47 -23.42
CA ASP A 306 8.60 26.89 -22.85
C ASP A 306 8.81 25.48 -23.36
N GLY A 307 7.89 25.03 -24.19
CA GLY A 307 8.01 23.71 -24.76
C GLY A 307 7.45 22.64 -23.83
N LYS A 308 7.03 23.00 -22.62
CA LYS A 308 6.47 22.00 -21.72
C LYS A 308 4.97 21.74 -21.83
N LEU A 309 4.53 20.47 -21.71
CA LEU A 309 3.09 20.18 -21.73
C LEU A 309 2.41 20.81 -20.52
N GLN A 310 1.17 21.26 -20.68
CA GLN A 310 0.43 21.70 -19.50
C GLN A 310 -1.06 21.37 -19.69
N GLU A 311 -1.66 20.74 -18.69
CA GLU A 311 -3.06 20.35 -18.75
C GLU A 311 -3.95 21.57 -18.58
N VAL A 312 -4.61 21.97 -19.67
CA VAL A 312 -5.46 23.15 -19.66
C VAL A 312 -6.88 22.87 -20.15
N GLY A 313 -7.07 21.75 -20.83
CA GLY A 313 -8.37 21.39 -21.35
C GLY A 313 -8.66 22.04 -22.70
N GLN A 314 -9.52 21.41 -23.48
CA GLN A 314 -9.84 21.90 -24.82
C GLN A 314 -11.30 21.65 -25.18
N VAL A 315 -11.92 22.62 -25.84
CA VAL A 315 -13.26 22.44 -26.43
C VAL A 315 -13.17 22.59 -27.94
N SER A 316 -13.70 21.63 -28.70
CA SER A 316 -13.76 21.77 -30.15
C SER A 316 -15.10 22.34 -30.60
N VAL A 317 -15.04 23.31 -31.50
CA VAL A 317 -16.23 23.93 -32.05
C VAL A 317 -16.42 23.49 -33.49
N SER A 318 -17.48 22.74 -33.76
CA SER A 318 -17.73 22.20 -35.10
C SER A 318 -18.98 22.84 -35.68
N LEU A 319 -18.78 23.69 -36.67
CA LEU A 319 -19.89 24.39 -37.31
C LEU A 319 -20.51 23.50 -38.39
N GLN A 320 -21.78 23.14 -38.22
CA GLN A 320 -22.44 22.31 -39.22
C GLN A 320 -22.73 22.97 -40.56
N ARG A 321 -21.95 22.66 -41.57
CA ARG A 321 -22.25 23.12 -42.92
C ARG A 321 -23.44 22.42 -43.57
N ALA A 322 -24.09 23.12 -44.49
CA ALA A 322 -25.23 22.60 -45.23
C ALA A 322 -24.76 21.44 -46.08
N SER A 323 -23.48 21.46 -46.43
CA SER A 323 -22.90 20.44 -47.29
C SER A 323 -22.66 19.12 -46.55
N GLY A 324 -23.01 19.10 -45.27
CA GLY A 324 -22.90 17.92 -44.44
C GLY A 324 -21.63 17.82 -43.61
N ASP A 325 -20.59 18.53 -44.03
CA ASP A 325 -19.32 18.52 -43.32
C ASP A 325 -19.38 19.33 -42.04
N PHE A 326 -18.24 19.46 -41.38
CA PHE A 326 -18.13 20.30 -40.19
C PHE A 326 -16.86 21.11 -40.38
N GLN A 327 -16.96 22.40 -40.13
CA GLN A 327 -15.80 23.27 -40.05
C GLN A 327 -15.47 23.40 -38.57
N THR A 328 -14.40 22.73 -38.16
CA THR A 328 -14.03 22.56 -36.75
C THR A 328 -12.88 23.45 -36.34
N THR A 329 -13.06 24.10 -35.19
CA THR A 329 -11.96 24.84 -34.59
C THR A 329 -11.75 24.28 -33.20
N LYS A 330 -10.70 24.74 -32.51
CA LYS A 330 -10.41 24.19 -31.21
C LYS A 330 -10.14 25.34 -30.24
N LEU A 331 -10.69 25.22 -29.03
CA LEU A 331 -10.54 26.26 -28.02
C LEU A 331 -9.82 25.75 -26.77
N ASN A 332 -8.63 26.26 -26.49
CA ASN A 332 -7.85 25.81 -25.34
C ASN A 332 -8.13 26.57 -24.04
N GLY A 333 -8.01 25.86 -22.92
CA GLY A 333 -8.17 26.48 -21.62
C GLY A 333 -7.04 27.42 -21.23
N PHE A 334 -7.25 28.15 -20.14
CA PHE A 334 -6.31 29.20 -19.73
C PHE A 334 -5.48 28.89 -18.49
N GLU A 335 -6.04 28.09 -17.59
CA GLU A 335 -5.39 27.80 -16.32
C GLU A 335 -5.04 26.31 -16.24
N VAL A 336 -3.86 26.02 -15.71
CA VAL A 336 -3.42 24.63 -15.53
C VAL A 336 -4.27 23.86 -14.51
N PHE A 337 -4.67 22.65 -14.89
CA PHE A 337 -5.42 21.73 -14.05
C PHE A 337 -6.83 22.23 -13.70
N ALA A 338 -7.25 23.30 -14.37
CA ALA A 338 -8.56 23.90 -14.11
C ALA A 338 -9.68 23.07 -14.75
N ARG A 339 -9.30 22.23 -15.70
CA ARG A 339 -10.25 21.40 -16.45
C ARG A 339 -11.32 22.21 -17.18
N PHE A 340 -10.84 23.19 -17.95
CA PHE A 340 -11.66 23.92 -18.91
C PHE A 340 -12.38 22.97 -19.86
N GLY A 341 -13.70 23.16 -19.99
CA GLY A 341 -14.48 22.32 -20.88
C GLY A 341 -15.25 21.22 -20.17
N SER A 342 -15.22 21.23 -18.84
CA SER A 342 -15.94 20.23 -18.04
C SER A 342 -17.44 20.37 -18.25
N ALA A 343 -17.90 21.60 -18.43
CA ALA A 343 -19.30 21.87 -18.68
C ALA A 343 -19.44 22.90 -19.78
N ILE A 344 -20.40 22.66 -20.69
CA ILE A 344 -20.67 23.54 -21.80
C ILE A 344 -22.17 23.83 -21.90
N ALA A 345 -22.55 25.07 -21.62
CA ALA A 345 -23.96 25.43 -21.60
C ALA A 345 -24.32 26.49 -22.64
N PRO A 346 -25.16 26.11 -23.62
CA PRO A 346 -25.76 27.08 -24.52
C PRO A 346 -26.56 28.13 -23.76
N LEU A 347 -26.32 29.41 -24.05
CA LEU A 347 -26.93 30.49 -23.27
C LEU A 347 -28.10 31.15 -24.01
N GLY A 348 -28.37 30.70 -25.23
CA GLY A 348 -29.26 31.43 -26.09
C GLY A 348 -28.51 32.65 -26.59
N ASP A 349 -29.23 33.73 -26.86
CA ASP A 349 -28.59 34.97 -27.27
C ASP A 349 -28.45 35.87 -26.06
N LEU A 350 -27.37 35.67 -25.31
CA LEU A 350 -27.16 36.36 -24.04
C LEU A 350 -27.23 37.89 -24.16
N ASP A 351 -26.80 38.43 -25.28
CA ASP A 351 -26.77 39.89 -25.42
C ASP A 351 -27.72 40.38 -26.49
N GLN A 352 -28.50 39.45 -27.05
CA GLN A 352 -29.49 39.79 -28.07
C GLN A 352 -28.89 40.58 -29.22
N ASP A 353 -27.80 40.10 -29.80
CA ASP A 353 -27.21 40.78 -30.95
C ASP A 353 -27.49 40.00 -32.23
N GLY A 354 -28.25 38.92 -32.10
CA GLY A 354 -28.64 38.11 -33.24
C GLY A 354 -27.87 36.80 -33.40
N PHE A 355 -26.93 36.54 -32.50
CA PHE A 355 -26.11 35.31 -32.54
C PHE A 355 -26.05 34.66 -31.17
N ASN A 356 -26.33 33.35 -31.13
CA ASN A 356 -26.33 32.59 -29.88
C ASN A 356 -24.95 32.56 -29.23
N ASP A 357 -24.95 32.42 -27.92
CA ASP A 357 -23.73 32.45 -27.13
C ASP A 357 -23.60 31.17 -26.32
N ILE A 358 -22.43 30.95 -25.74
CA ILE A 358 -22.23 29.72 -24.98
C ILE A 358 -21.31 29.97 -23.79
N ALA A 359 -21.52 29.22 -22.72
CA ALA A 359 -20.64 29.27 -21.55
C ALA A 359 -19.84 27.99 -21.43
N ILE A 360 -18.57 28.13 -21.07
CA ILE A 360 -17.67 27.01 -20.81
C ILE A 360 -17.00 27.16 -19.45
N ALA A 361 -17.07 26.12 -18.64
CA ALA A 361 -16.59 26.22 -17.27
C ALA A 361 -15.23 25.55 -17.05
N ALA A 362 -14.43 26.17 -16.18
CA ALA A 362 -13.23 25.55 -15.65
C ALA A 362 -13.41 25.44 -14.13
N PRO A 363 -14.10 24.37 -13.69
CA PRO A 363 -14.62 24.22 -12.32
C PRO A 363 -13.55 24.23 -11.23
N TYR A 364 -12.29 24.05 -11.62
CA TYR A 364 -11.22 23.96 -10.64
C TYR A 364 -10.19 25.04 -10.89
N GLY A 365 -10.57 26.06 -11.64
CA GLY A 365 -9.69 27.18 -11.88
C GLY A 365 -9.88 28.27 -10.87
N GLY A 366 -9.17 29.38 -11.09
CA GLY A 366 -9.25 30.55 -10.25
C GLY A 366 -8.53 30.38 -8.93
N GLU A 367 -8.46 31.48 -8.17
CA GLU A 367 -7.83 31.50 -6.86
C GLU A 367 -8.52 30.55 -5.88
N ASP A 368 -7.72 29.82 -5.10
CA ASP A 368 -8.25 28.91 -4.08
C ASP A 368 -9.16 27.83 -4.67
N LYS A 369 -8.95 27.53 -5.95
CA LYS A 369 -9.77 26.55 -6.66
C LYS A 369 -11.27 26.79 -6.48
N LYS A 370 -11.71 28.04 -6.68
CA LYS A 370 -13.10 28.36 -6.42
C LYS A 370 -13.94 28.29 -7.69
N GLY A 371 -13.31 27.93 -8.81
CA GLY A 371 -14.05 27.70 -10.04
C GLY A 371 -14.16 28.93 -10.92
N ILE A 372 -14.19 28.74 -12.24
CA ILE A 372 -14.27 29.85 -13.18
C ILE A 372 -15.25 29.48 -14.28
N VAL A 373 -16.05 30.44 -14.73
CA VAL A 373 -16.90 30.26 -15.90
C VAL A 373 -16.62 31.29 -16.98
N TYR A 374 -16.38 30.82 -18.20
CA TYR A 374 -16.08 31.71 -19.31
C TYR A 374 -17.27 31.87 -20.25
N ILE A 375 -17.57 33.12 -20.59
CA ILE A 375 -18.66 33.44 -21.49
C ILE A 375 -18.11 33.73 -22.89
N PHE A 376 -18.62 33.02 -23.89
CA PHE A 376 -18.18 33.21 -25.27
C PHE A 376 -19.37 33.61 -26.13
N ASN A 377 -19.17 34.63 -26.97
CA ASN A 377 -20.23 35.12 -27.84
C ASN A 377 -20.08 34.57 -29.25
N GLY A 378 -21.20 34.26 -29.89
CA GLY A 378 -21.18 33.82 -31.27
C GLY A 378 -21.14 34.98 -32.24
N ARG A 379 -20.78 34.67 -33.49
CA ARG A 379 -20.85 35.65 -34.55
C ARG A 379 -20.94 34.91 -35.86
N SER A 380 -21.07 35.68 -36.94
CA SER A 380 -21.31 35.17 -38.27
C SER A 380 -20.27 34.09 -38.67
N THR A 381 -19.03 34.26 -38.21
CA THR A 381 -17.95 33.36 -38.59
C THR A 381 -17.80 32.17 -37.64
N GLY A 382 -18.62 32.15 -36.60
CA GLY A 382 -18.58 31.05 -35.65
C GLY A 382 -18.43 31.63 -34.26
N LEU A 383 -17.76 30.92 -33.38
CA LEU A 383 -17.62 31.38 -32.02
C LEU A 383 -16.45 32.35 -31.89
N ASN A 384 -16.66 33.45 -31.18
CA ASN A 384 -15.56 34.38 -30.88
C ASN A 384 -14.68 33.72 -29.83
N ALA A 385 -13.44 33.45 -30.22
CA ALA A 385 -12.47 32.71 -29.43
C ALA A 385 -12.08 33.40 -28.12
N VAL A 386 -12.18 34.71 -28.07
CA VAL A 386 -11.84 35.40 -26.85
C VAL A 386 -13.10 35.56 -26.01
N PRO A 387 -13.02 35.17 -24.73
CA PRO A 387 -14.19 35.28 -23.86
C PRO A 387 -14.47 36.74 -23.50
N SER A 388 -15.74 37.10 -23.40
CA SER A 388 -16.11 38.47 -23.11
C SER A 388 -16.42 38.69 -21.64
N GLN A 389 -16.48 37.60 -20.87
CA GLN A 389 -16.72 37.72 -19.45
C GLN A 389 -16.21 36.52 -18.68
N ILE A 390 -15.71 36.80 -17.48
CA ILE A 390 -15.21 35.76 -16.59
C ILE A 390 -16.02 35.75 -15.31
N LEU A 391 -16.74 34.64 -15.08
CA LEU A 391 -17.53 34.46 -13.86
C LEU A 391 -16.70 33.72 -12.80
N GLU A 392 -16.51 34.35 -11.65
CA GLU A 392 -15.69 33.78 -10.59
C GLU A 392 -16.49 33.22 -9.42
N GLY A 393 -16.04 32.08 -8.88
CA GLY A 393 -16.59 31.52 -7.66
C GLY A 393 -16.15 32.33 -6.46
N GLN A 394 -17.05 32.48 -5.49
CA GLN A 394 -16.78 33.34 -4.35
C GLN A 394 -16.57 32.54 -3.05
N TRP A 395 -16.85 31.25 -3.14
CA TRP A 395 -16.96 30.33 -2.01
C TRP A 395 -15.80 29.36 -1.86
N ALA A 396 -15.13 29.49 -0.71
CA ALA A 396 -13.96 28.71 -0.32
C ALA A 396 -14.35 27.24 -0.12
N ALA A 397 -13.34 26.37 -0.13
CA ALA A 397 -13.57 24.93 -0.08
C ALA A 397 -13.58 24.41 1.34
N ARG A 398 -14.23 23.26 1.51
CA ARG A 398 -14.15 22.49 2.74
C ARG A 398 -13.55 21.08 2.64
N SER A 399 -14.03 20.21 1.75
CA SER A 399 -13.24 19.04 1.43
C SER A 399 -13.21 18.81 -0.09
N CYS A 400 -14.39 18.76 -0.70
CA CYS A 400 -14.45 18.54 -2.14
C CYS A 400 -14.15 19.96 -2.60
N PRO A 401 -13.48 20.14 -3.76
CA PRO A 401 -13.50 21.57 -4.16
C PRO A 401 -14.91 22.08 -4.49
N PRO A 402 -15.10 23.41 -4.48
CA PRO A 402 -16.43 24.03 -4.67
C PRO A 402 -17.09 23.58 -5.97
N SER A 403 -16.28 23.37 -7.00
CA SER A 403 -16.75 22.90 -8.30
C SER A 403 -17.77 23.85 -8.92
N PHE A 404 -17.54 25.15 -8.72
CA PHE A 404 -18.35 26.19 -9.35
C PHE A 404 -18.22 26.05 -10.87
N GLY A 405 -19.32 25.77 -11.54
CA GLY A 405 -19.30 25.59 -12.98
C GLY A 405 -19.39 24.15 -13.44
N TYR A 406 -19.28 23.22 -12.50
CA TYR A 406 -19.33 21.80 -12.84
C TYR A 406 -20.62 21.44 -13.57
N SER A 407 -21.69 22.14 -13.24
CA SER A 407 -22.95 22.07 -14.00
C SER A 407 -23.53 23.46 -14.17
N MET A 408 -24.18 23.70 -15.30
CA MET A 408 -24.84 24.97 -15.51
C MET A 408 -25.89 24.86 -16.59
N LYS A 409 -26.83 25.82 -16.60
CA LYS A 409 -27.89 25.82 -17.59
C LYS A 409 -28.21 27.27 -17.92
N GLY A 410 -28.43 27.55 -19.20
CA GLY A 410 -28.80 28.87 -19.65
C GLY A 410 -30.01 28.88 -20.56
N ALA A 411 -30.12 29.95 -21.35
CA ALA A 411 -31.17 30.09 -22.37
C ALA A 411 -32.60 30.22 -21.84
N THR A 412 -32.76 30.69 -20.62
CA THR A 412 -34.10 30.96 -20.07
C THR A 412 -34.18 32.34 -19.43
N ASP A 413 -35.12 33.15 -19.88
CA ASP A 413 -35.32 34.49 -19.36
C ASP A 413 -36.27 34.47 -18.18
N ILE A 414 -35.70 34.31 -16.99
CA ILE A 414 -36.47 34.01 -15.79
C ILE A 414 -37.10 35.26 -15.20
N ASP A 415 -36.61 36.43 -15.61
CA ASP A 415 -37.13 37.68 -15.09
C ASP A 415 -37.84 38.51 -16.16
N LYS A 416 -38.09 37.89 -17.31
CA LYS A 416 -38.83 38.52 -18.40
C LYS A 416 -38.28 39.87 -18.85
N ASN A 417 -36.96 40.01 -18.80
CA ASN A 417 -36.33 41.26 -19.18
C ASN A 417 -35.89 41.28 -20.64
N GLY A 418 -36.13 40.18 -21.35
CA GLY A 418 -35.82 40.08 -22.76
C GLY A 418 -34.50 39.40 -23.02
N TYR A 419 -33.80 39.05 -21.95
CA TYR A 419 -32.49 38.40 -22.06
C TYR A 419 -32.41 37.13 -21.25
N PRO A 420 -31.83 36.08 -21.83
CA PRO A 420 -31.69 34.77 -21.18
C PRO A 420 -30.67 34.79 -20.06
N ASP A 421 -30.95 34.06 -18.99
CA ASP A 421 -30.10 34.10 -17.81
C ASP A 421 -29.39 32.77 -17.64
N LEU A 422 -28.60 32.63 -16.58
CA LEU A 422 -27.71 31.48 -16.42
C LEU A 422 -27.66 30.97 -14.98
N ILE A 423 -27.88 29.67 -14.80
CA ILE A 423 -27.70 29.05 -13.48
C ILE A 423 -26.37 28.34 -13.45
N VAL A 424 -25.60 28.57 -12.38
CA VAL A 424 -24.32 27.92 -12.25
C VAL A 424 -24.28 27.18 -10.92
N GLY A 425 -24.05 25.87 -10.99
CA GLY A 425 -24.02 25.04 -9.80
C GLY A 425 -22.62 24.93 -9.19
N ALA A 426 -22.55 24.88 -7.87
CA ALA A 426 -21.29 24.64 -7.18
C ALA A 426 -21.52 23.64 -6.05
N PHE A 427 -21.52 22.36 -6.39
CA PHE A 427 -21.94 21.34 -5.43
C PHE A 427 -20.97 21.14 -4.29
N GLY A 428 -19.70 21.50 -4.52
CA GLY A 428 -18.67 21.32 -3.51
C GLY A 428 -18.91 22.23 -2.32
N VAL A 429 -19.67 23.30 -2.54
CA VAL A 429 -20.00 24.23 -1.47
C VAL A 429 -21.52 24.25 -1.30
N ASP A 430 -22.18 23.29 -1.93
CA ASP A 430 -23.63 23.14 -1.88
C ASP A 430 -24.36 24.43 -2.23
N ARG A 431 -24.11 24.93 -3.44
CA ARG A 431 -24.68 26.20 -3.84
C ARG A 431 -25.07 26.19 -5.30
N ALA A 432 -26.09 26.97 -5.64
CA ALA A 432 -26.43 27.23 -7.03
C ALA A 432 -26.70 28.72 -7.16
N ILE A 433 -26.19 29.32 -8.22
CA ILE A 433 -26.26 30.77 -8.38
C ILE A 433 -26.91 31.15 -9.70
N LEU A 434 -27.91 32.03 -9.60
CA LEU A 434 -28.58 32.53 -10.77
C LEU A 434 -27.98 33.88 -11.14
N TYR A 435 -27.40 33.95 -12.33
CA TYR A 435 -26.88 35.18 -12.91
C TYR A 435 -27.85 35.74 -13.94
N ARG A 436 -28.24 37.00 -13.76
CA ARG A 436 -29.20 37.64 -14.66
C ARG A 436 -28.49 38.50 -15.69
N ALA A 437 -28.94 38.39 -16.94
CA ALA A 437 -28.37 39.15 -18.04
C ALA A 437 -28.85 40.59 -17.98
N ARG A 438 -27.91 41.53 -18.05
CA ARG A 438 -28.23 42.95 -18.07
C ARG A 438 -28.65 43.38 -19.47
N PRO A 439 -29.61 44.31 -19.58
CA PRO A 439 -30.01 44.79 -20.91
C PRO A 439 -28.85 45.47 -21.63
N VAL A 440 -28.77 45.33 -22.94
CA VAL A 440 -27.61 45.89 -23.65
C VAL A 440 -27.92 47.12 -24.50
N ILE A 441 -27.25 48.24 -24.19
CA ILE A 441 -27.50 49.48 -24.92
C ILE A 441 -26.49 49.62 -26.06
N THR A 442 -26.96 49.69 -27.29
CA THR A 442 -26.06 49.98 -28.41
C THR A 442 -26.06 51.47 -28.73
N VAL A 443 -24.88 52.08 -28.72
CA VAL A 443 -24.78 53.52 -28.93
C VAL A 443 -24.07 53.81 -30.24
N ASN A 444 -24.64 54.71 -31.04
CA ASN A 444 -23.97 55.22 -32.22
C ASN A 444 -23.58 56.66 -32.02
N ALA A 445 -22.32 56.90 -31.71
CA ALA A 445 -21.89 58.26 -31.47
C ALA A 445 -21.24 58.83 -32.71
N GLY A 446 -21.40 60.14 -32.91
CA GLY A 446 -20.81 60.80 -34.06
C GLY A 446 -19.95 61.98 -33.65
N LEU A 447 -18.96 62.32 -34.46
CA LEU A 447 -18.13 63.47 -34.16
C LEU A 447 -17.61 64.08 -35.44
N GLU A 448 -18.08 65.28 -35.74
CA GLU A 448 -17.65 66.01 -36.92
C GLU A 448 -16.88 67.25 -36.54
N VAL A 449 -15.77 67.51 -37.23
CA VAL A 449 -15.01 68.74 -37.04
C VAL A 449 -14.87 69.41 -38.40
N TYR A 450 -15.61 70.48 -38.62
CA TYR A 450 -15.53 71.18 -39.89
C TYR A 450 -15.35 72.68 -39.64
N PRO A 451 -14.40 73.29 -40.37
CA PRO A 451 -13.50 72.60 -41.30
C PRO A 451 -12.38 71.86 -40.58
N SER A 452 -11.93 70.74 -41.14
CA SER A 452 -10.87 69.97 -40.52
C SER A 452 -9.50 70.51 -40.95
N ILE A 453 -9.46 71.24 -42.06
CA ILE A 453 -8.25 71.98 -42.39
C ILE A 453 -8.41 73.43 -41.92
N LEU A 454 -7.47 73.85 -41.08
CA LEU A 454 -7.55 75.11 -40.35
C LEU A 454 -6.58 76.16 -40.85
N ASN A 455 -7.11 77.24 -41.40
CA ASN A 455 -6.26 78.34 -41.81
C ASN A 455 -6.11 79.24 -40.60
N GLN A 456 -4.88 79.37 -40.14
CA GLN A 456 -4.58 80.16 -38.95
C GLN A 456 -4.86 81.64 -39.18
N ASP A 457 -4.76 82.05 -40.44
CA ASP A 457 -5.02 83.41 -40.91
C ASP A 457 -6.50 83.77 -41.07
N ASN A 458 -7.36 82.75 -41.06
CA ASN A 458 -8.80 82.96 -41.23
C ASN A 458 -9.41 83.96 -40.26
N LYS A 459 -9.29 83.71 -38.98
CA LYS A 459 -9.84 84.64 -37.99
C LYS A 459 -11.27 85.11 -38.26
N THR A 460 -12.22 84.19 -38.25
CA THR A 460 -13.62 84.56 -38.51
C THR A 460 -14.39 84.83 -37.22
N CYS A 461 -14.46 83.85 -36.34
CA CYS A 461 -15.24 84.01 -35.12
C CYS A 461 -14.62 85.02 -34.17
N SER A 462 -15.43 86.02 -33.81
CA SER A 462 -14.96 87.09 -32.97
C SER A 462 -14.93 86.51 -31.56
N LEU A 463 -14.11 87.03 -30.68
CA LEU A 463 -14.15 86.54 -29.31
C LEU A 463 -14.57 87.67 -28.37
N PRO A 464 -15.37 87.32 -27.35
CA PRO A 464 -15.89 88.25 -26.34
C PRO A 464 -14.82 88.79 -25.39
N GLY A 465 -14.70 90.11 -25.31
CA GLY A 465 -13.79 90.76 -24.38
C GLY A 465 -12.60 91.40 -25.08
N THR A 466 -12.11 90.73 -26.11
CA THR A 466 -10.98 91.26 -26.87
C THR A 466 -11.49 91.68 -28.24
N ALA A 467 -10.84 92.66 -28.84
CA ALA A 467 -11.18 93.07 -30.20
C ALA A 467 -10.59 92.09 -31.19
N LEU A 468 -9.61 91.31 -30.74
CA LEU A 468 -8.91 90.43 -31.64
C LEU A 468 -9.74 89.19 -31.98
N LYS A 469 -9.98 88.98 -33.27
CA LYS A 469 -10.69 87.80 -33.75
C LYS A 469 -9.75 86.59 -33.75
N VAL A 470 -10.34 85.39 -33.78
CA VAL A 470 -9.55 84.17 -33.81
C VAL A 470 -9.99 83.24 -34.94
N SER A 471 -9.09 82.34 -35.32
CA SER A 471 -9.41 81.30 -36.27
C SER A 471 -10.19 80.19 -35.59
N CYS A 472 -11.42 80.00 -36.05
CA CYS A 472 -12.38 79.13 -35.37
C CYS A 472 -12.95 78.06 -36.31
N PHE A 473 -13.49 77.00 -35.69
CA PHE A 473 -14.12 75.89 -36.41
C PHE A 473 -15.21 75.25 -35.57
N ASN A 474 -16.10 74.50 -36.21
CA ASN A 474 -17.24 73.90 -35.50
C ASN A 474 -17.01 72.46 -35.03
N VAL A 475 -17.33 72.19 -33.78
CA VAL A 475 -17.28 70.84 -33.21
C VAL A 475 -18.68 70.29 -32.95
N ARG A 476 -19.13 69.35 -33.78
CA ARG A 476 -20.46 68.76 -33.64
C ARG A 476 -20.45 67.30 -33.20
N PHE A 477 -21.08 66.96 -32.08
CA PHE A 477 -21.09 65.56 -31.66
C PHE A 477 -22.52 65.03 -31.59
N CYS A 478 -22.75 63.85 -32.18
CA CYS A 478 -24.07 63.26 -32.22
C CYS A 478 -24.16 61.99 -31.39
N LEU A 479 -25.35 61.70 -30.89
CA LEU A 479 -25.52 60.54 -30.04
C LEU A 479 -26.86 59.84 -30.30
N LYS A 480 -26.83 58.53 -30.55
CA LYS A 480 -28.07 57.81 -30.85
C LYS A 480 -27.96 56.43 -30.23
N ALA A 481 -29.02 55.98 -29.58
CA ALA A 481 -29.02 54.69 -28.90
C ALA A 481 -30.31 53.87 -29.02
N ASP A 482 -30.17 52.57 -28.87
CA ASP A 482 -31.31 51.67 -28.84
C ASP A 482 -30.88 50.35 -28.25
N GLY A 483 -31.84 49.59 -27.75
CA GLY A 483 -31.56 48.29 -27.19
C GLY A 483 -32.69 47.31 -27.35
N LYS A 484 -32.44 46.04 -27.09
CA LYS A 484 -33.45 45.03 -27.28
C LYS A 484 -33.95 44.70 -25.86
N GLY A 485 -35.09 44.03 -25.77
CA GLY A 485 -35.74 43.72 -24.50
C GLY A 485 -36.42 44.78 -23.65
N VAL A 486 -36.43 44.60 -22.33
CA VAL A 486 -36.99 45.62 -21.46
C VAL A 486 -36.01 46.57 -20.81
N LEU A 487 -36.01 47.79 -21.34
CA LEU A 487 -35.14 48.86 -20.90
C LEU A 487 -35.97 50.16 -20.93
N PRO A 488 -35.58 51.17 -20.15
CA PRO A 488 -36.33 52.44 -20.20
C PRO A 488 -36.37 53.13 -21.56
N ARG A 489 -37.18 54.17 -21.68
CA ARG A 489 -37.28 54.94 -22.91
C ARG A 489 -36.13 55.96 -22.91
N LYS A 490 -36.10 56.78 -21.87
CA LYS A 490 -35.12 57.86 -21.66
C LYS A 490 -33.74 57.41 -21.15
N LEU A 491 -32.71 57.41 -22.00
CA LEU A 491 -31.34 57.11 -21.54
C LEU A 491 -30.45 58.35 -21.36
N ASN A 492 -30.03 58.58 -20.11
CA ASN A 492 -29.18 59.73 -19.75
C ASN A 492 -27.67 59.49 -19.94
N PHE A 493 -27.09 60.27 -20.83
CA PHE A 493 -25.66 60.22 -21.17
C PHE A 493 -24.85 61.40 -20.64
N GLN A 494 -23.61 61.11 -20.23
CA GLN A 494 -22.64 62.14 -19.90
C GLN A 494 -21.50 62.18 -20.89
N VAL A 495 -21.46 63.26 -21.65
CA VAL A 495 -20.50 63.40 -22.73
C VAL A 495 -19.39 64.41 -22.42
N GLU A 496 -18.15 64.00 -22.66
CA GLU A 496 -16.93 64.81 -22.51
C GLU A 496 -16.22 65.04 -23.81
N LEU A 497 -15.80 66.28 -23.99
CA LEU A 497 -15.03 66.64 -25.15
C LEU A 497 -13.70 67.24 -24.72
N LEU A 498 -12.61 66.78 -25.32
CA LEU A 498 -11.33 67.38 -25.04
C LEU A 498 -10.64 67.73 -26.35
N LEU A 499 -10.29 69.00 -26.51
CA LEU A 499 -9.61 69.45 -27.71
C LEU A 499 -8.11 69.24 -27.60
N ASP A 500 -7.46 68.82 -28.68
CA ASP A 500 -6.01 68.69 -28.65
C ASP A 500 -5.54 67.81 -27.48
N LYS A 501 -6.12 66.63 -27.42
CA LYS A 501 -5.93 65.58 -26.43
C LYS A 501 -4.50 65.08 -26.45
N LEU A 502 -3.83 65.06 -27.60
CA LEU A 502 -2.52 64.44 -27.64
C LEU A 502 -1.50 65.39 -27.02
N LYS A 503 -1.83 66.67 -26.90
CA LYS A 503 -0.98 67.59 -26.12
C LYS A 503 -1.20 67.41 -24.59
N GLN A 504 -0.43 66.50 -24.00
CA GLN A 504 -0.47 66.20 -22.56
C GLN A 504 -0.11 67.38 -21.66
N LYS A 505 -0.51 67.31 -20.39
CA LYS A 505 -0.19 68.37 -19.45
C LYS A 505 1.32 68.51 -19.38
N GLY A 506 1.76 69.63 -19.94
CA GLY A 506 3.15 70.04 -20.01
C GLY A 506 3.29 70.75 -21.34
N ALA A 507 2.90 70.08 -22.42
CA ALA A 507 2.91 70.69 -23.75
C ALA A 507 1.78 71.70 -23.86
N ILE A 508 1.90 72.70 -24.75
CA ILE A 508 0.82 73.68 -24.81
C ILE A 508 -0.44 73.16 -25.53
N ARG A 509 -1.59 73.40 -24.91
CA ARG A 509 -2.91 73.09 -25.48
C ARG A 509 -3.19 73.96 -26.70
N ARG A 510 -3.28 73.45 -27.92
CA ARG A 510 -3.33 74.41 -29.03
C ARG A 510 -4.73 74.90 -29.43
N ALA A 511 -5.77 74.18 -29.04
CA ALA A 511 -7.14 74.56 -29.40
C ALA A 511 -8.07 74.51 -28.20
N LEU A 512 -8.89 75.55 -28.02
CA LEU A 512 -9.83 75.60 -26.90
C LEU A 512 -11.20 76.07 -27.39
N PHE A 513 -12.26 75.73 -26.67
CA PHE A 513 -13.62 76.14 -27.02
C PHE A 513 -13.89 77.61 -26.71
N LEU A 514 -14.63 78.22 -27.63
CA LEU A 514 -14.88 79.66 -27.64
C LEU A 514 -15.58 80.20 -26.40
N TYR A 515 -16.72 79.60 -26.04
CA TYR A 515 -17.55 80.16 -24.98
C TYR A 515 -16.94 79.94 -23.59
N SER A 516 -16.27 78.81 -23.41
CA SER A 516 -15.74 78.45 -22.10
C SER A 516 -14.26 78.82 -21.98
N ARG A 517 -13.63 79.11 -23.10
CA ARG A 517 -12.19 79.40 -23.16
C ARG A 517 -11.38 78.27 -22.56
N SER A 518 -11.88 77.06 -22.73
CA SER A 518 -11.36 75.85 -22.12
C SER A 518 -11.28 74.74 -23.17
N PRO A 519 -10.30 73.85 -23.04
CA PRO A 519 -10.11 72.73 -23.98
C PRO A 519 -11.14 71.64 -23.74
N SER A 520 -11.79 71.68 -22.57
CA SER A 520 -12.73 70.65 -22.18
C SER A 520 -14.16 71.19 -22.14
N HIS A 521 -15.09 70.33 -22.54
CA HIS A 521 -16.51 70.63 -22.52
C HIS A 521 -17.31 69.44 -22.04
N SER A 522 -18.12 69.65 -21.00
CA SER A 522 -18.98 68.60 -20.47
C SER A 522 -20.42 68.85 -20.88
N LYS A 523 -21.17 67.78 -21.11
CA LYS A 523 -22.56 67.94 -21.48
C LYS A 523 -23.42 66.73 -21.16
N ASN A 524 -24.54 66.99 -20.48
CA ASN A 524 -25.51 65.93 -20.22
C ASN A 524 -26.48 65.85 -21.37
N MET A 525 -26.66 64.64 -21.84
CA MET A 525 -27.53 64.37 -22.96
C MET A 525 -28.51 63.25 -22.70
N THR A 526 -29.76 63.65 -22.55
CA THR A 526 -30.89 62.74 -22.51
C THR A 526 -31.32 62.42 -23.95
N ILE A 527 -31.22 61.16 -24.34
CA ILE A 527 -31.62 60.72 -25.67
C ILE A 527 -32.66 59.62 -25.50
N SER A 528 -33.51 59.43 -26.51
CA SER A 528 -34.51 58.37 -26.47
C SER A 528 -34.18 57.15 -27.27
N ARG A 529 -34.41 55.99 -26.65
CA ARG A 529 -34.02 54.78 -27.31
C ARG A 529 -34.98 54.63 -28.45
N GLY A 530 -34.56 54.04 -29.56
CA GLY A 530 -35.50 53.85 -30.64
C GLY A 530 -35.59 55.11 -31.48
N GLY A 531 -35.38 56.24 -30.80
CA GLY A 531 -35.51 57.57 -31.34
C GLY A 531 -34.53 58.19 -32.30
N LEU A 532 -34.86 59.43 -32.68
CA LEU A 532 -34.01 60.16 -33.61
C LEU A 532 -32.66 60.47 -32.98
N MET A 533 -31.70 60.87 -33.81
CA MET A 533 -30.37 61.17 -33.31
C MET A 533 -30.28 62.54 -32.64
N GLN A 534 -29.76 62.66 -31.42
CA GLN A 534 -29.56 64.01 -30.79
C GLN A 534 -28.17 64.59 -30.97
N CYS A 535 -28.07 65.79 -31.50
CA CYS A 535 -26.76 66.36 -31.77
C CYS A 535 -26.61 67.68 -31.04
N GLU A 536 -25.36 68.11 -30.89
CA GLU A 536 -25.07 69.41 -30.33
C GLU A 536 -23.83 69.88 -31.04
N GLU A 537 -23.92 71.12 -31.51
CA GLU A 537 -22.84 71.77 -32.22
C GLU A 537 -22.15 72.74 -31.28
N LEU A 538 -20.90 73.05 -31.55
CA LEU A 538 -20.15 73.92 -30.66
C LEU A 538 -19.01 74.53 -31.45
N ILE A 539 -18.58 75.73 -31.02
CA ILE A 539 -17.51 76.41 -31.73
C ILE A 539 -16.22 76.39 -30.93
N ALA A 540 -15.15 75.99 -31.60
CA ALA A 540 -13.83 76.01 -31.01
C ALA A 540 -12.95 76.87 -31.87
N TYR A 541 -11.87 77.37 -31.29
CA TYR A 541 -10.97 78.23 -32.04
C TYR A 541 -9.52 77.88 -31.74
N LEU A 542 -8.65 78.27 -32.67
CA LEU A 542 -7.22 78.12 -32.48
C LEU A 542 -6.59 79.28 -31.72
N ARG A 543 -5.60 79.00 -30.87
CA ARG A 543 -4.75 80.08 -30.36
C ARG A 543 -3.99 80.84 -31.45
N ASP A 544 -3.62 82.06 -31.10
CA ASP A 544 -2.82 82.95 -31.93
C ASP A 544 -1.47 82.30 -32.27
N GLU A 545 -0.94 82.58 -33.46
CA GLU A 545 0.27 81.93 -33.94
C GLU A 545 1.46 82.09 -33.00
N SER A 546 1.50 83.20 -32.28
CA SER A 546 2.58 83.51 -31.36
C SER A 546 2.50 82.76 -30.03
N GLU A 547 1.40 82.06 -29.80
CA GLU A 547 1.17 81.41 -28.51
C GLU A 547 1.65 79.94 -28.45
N PHE A 548 1.96 79.38 -29.61
CA PHE A 548 2.53 78.03 -29.69
C PHE A 548 3.35 77.91 -30.98
N ARG A 549 4.40 77.11 -30.94
CA ARG A 549 5.25 76.94 -32.11
C ARG A 549 5.06 75.54 -32.71
N ASP A 550 4.02 74.85 -32.27
CA ASP A 550 3.81 73.48 -32.72
C ASP A 550 2.64 73.42 -33.70
N LYS A 551 3.00 73.35 -34.98
CA LYS A 551 2.06 73.38 -36.10
C LYS A 551 2.17 72.13 -36.96
N LEU A 552 2.85 71.12 -36.44
CA LEU A 552 3.04 69.89 -37.20
C LEU A 552 2.11 68.81 -36.69
N THR A 553 2.06 68.65 -35.38
CA THR A 553 1.22 67.68 -34.72
C THR A 553 -0.26 67.98 -34.95
N PRO A 554 -1.02 67.00 -35.45
CA PRO A 554 -2.46 67.09 -35.67
C PRO A 554 -3.22 67.27 -34.36
N ILE A 555 -4.15 68.21 -34.35
CA ILE A 555 -5.00 68.48 -33.19
C ILE A 555 -6.16 67.51 -33.11
N THR A 556 -6.06 66.55 -32.19
CA THR A 556 -7.11 65.55 -32.08
C THR A 556 -8.23 66.00 -31.16
N ILE A 557 -9.45 66.01 -31.70
CA ILE A 557 -10.66 66.27 -30.92
C ILE A 557 -11.16 64.95 -30.36
N PHE A 558 -11.23 64.84 -29.04
CA PHE A 558 -11.62 63.58 -28.42
C PHE A 558 -13.03 63.62 -27.83
N MET A 559 -13.87 62.64 -28.12
CA MET A 559 -15.21 62.63 -27.53
C MET A 559 -15.44 61.37 -26.72
N GLU A 560 -15.81 61.54 -25.46
CA GLU A 560 -16.09 60.41 -24.57
C GLU A 560 -17.52 60.50 -23.99
N TYR A 561 -18.18 59.36 -23.87
CA TYR A 561 -19.57 59.30 -23.37
C TYR A 561 -19.74 58.08 -22.47
N ARG A 562 -20.64 58.19 -21.50
CA ARG A 562 -20.92 57.08 -20.60
C ARG A 562 -22.39 57.16 -20.27
N LEU A 563 -22.91 56.13 -19.60
CA LEU A 563 -24.32 56.12 -19.25
C LEU A 563 -24.59 56.19 -17.76
N ASP A 564 -25.73 56.79 -17.43
CA ASP A 564 -26.23 56.84 -16.07
C ASP A 564 -26.90 55.53 -15.72
N TYR A 565 -26.10 54.62 -15.13
CA TYR A 565 -26.58 53.29 -14.78
C TYR A 565 -27.54 53.30 -13.59
N ARG A 566 -27.28 54.18 -12.63
CA ARG A 566 -28.15 54.32 -11.47
C ARG A 566 -29.60 54.68 -11.82
N THR A 567 -29.80 55.59 -12.77
CA THR A 567 -31.15 56.04 -13.09
C THR A 567 -31.80 55.19 -14.19
N ALA A 568 -30.99 54.42 -14.91
CA ALA A 568 -31.49 53.55 -15.97
C ALA A 568 -31.78 52.15 -15.42
N ALA A 569 -31.52 52.02 -14.12
CA ALA A 569 -31.56 50.78 -13.34
C ALA A 569 -32.94 50.13 -13.38
N ASP A 570 -33.06 48.89 -12.90
CA ASP A 570 -34.37 48.29 -12.94
C ASP A 570 -34.99 48.44 -11.56
N THR A 571 -36.23 47.98 -11.41
CA THR A 571 -36.92 48.06 -10.13
C THR A 571 -36.17 47.20 -9.10
N THR A 572 -35.52 46.16 -9.62
CA THR A 572 -34.70 45.21 -8.87
C THR A 572 -33.25 45.66 -8.81
N GLY A 573 -32.98 46.85 -9.32
CA GLY A 573 -31.63 47.36 -9.31
C GLY A 573 -30.74 46.82 -10.42
N LEU A 574 -31.35 46.25 -11.46
CA LEU A 574 -30.57 45.68 -12.56
C LEU A 574 -30.25 46.75 -13.58
N GLN A 575 -28.98 47.12 -13.58
CA GLN A 575 -28.47 48.15 -14.46
C GLN A 575 -28.07 47.63 -15.82
N PRO A 576 -28.51 48.32 -16.88
CA PRO A 576 -28.25 48.03 -18.29
C PRO A 576 -26.77 48.15 -18.55
N ILE A 577 -26.33 47.87 -19.76
CA ILE A 577 -24.90 47.91 -20.04
C ILE A 577 -24.68 48.22 -21.50
N LEU A 578 -23.60 48.95 -21.74
CA LEU A 578 -23.18 49.32 -23.07
C LEU A 578 -22.58 48.09 -23.72
N ASN A 579 -22.82 47.98 -25.02
CA ASN A 579 -22.29 46.87 -25.79
C ASN A 579 -20.77 46.96 -25.73
N GLN A 580 -20.12 45.79 -25.74
CA GLN A 580 -18.67 45.74 -25.59
C GLN A 580 -17.84 45.98 -26.84
N PHE A 581 -18.32 45.59 -28.02
CA PHE A 581 -17.52 45.77 -29.23
C PHE A 581 -17.44 47.26 -29.56
N THR A 582 -18.35 48.03 -28.97
CA THR A 582 -18.40 49.45 -29.29
C THR A 582 -17.66 50.24 -28.22
N PRO A 583 -16.73 51.07 -28.70
CA PRO A 583 -15.91 52.11 -28.10
C PRO A 583 -16.74 53.21 -27.49
N ALA A 584 -16.47 53.46 -26.22
CA ALA A 584 -17.17 54.49 -25.50
C ALA A 584 -16.56 55.86 -25.79
N ASN A 585 -15.81 55.93 -26.89
CA ASN A 585 -15.23 57.19 -27.30
C ASN A 585 -14.86 57.14 -28.78
N ILE A 586 -14.76 58.31 -29.40
CA ILE A 586 -14.28 58.46 -30.78
C ILE A 586 -13.44 59.72 -30.87
N SER A 587 -12.51 59.76 -31.83
CA SER A 587 -11.64 60.92 -32.00
C SER A 587 -11.55 61.35 -33.46
N ARG A 588 -11.39 62.65 -33.66
CA ARG A 588 -11.23 63.24 -34.99
C ARG A 588 -10.20 64.34 -34.88
N GLN A 589 -9.33 64.43 -35.88
CA GLN A 589 -8.24 65.41 -35.85
C GLN A 589 -8.30 66.50 -36.92
N ALA A 590 -7.78 67.67 -36.57
CA ALA A 590 -7.67 68.76 -37.52
C ALA A 590 -6.21 69.17 -37.69
N HIS A 591 -5.91 69.74 -38.86
CA HIS A 591 -4.56 70.12 -39.31
C HIS A 591 -4.44 71.59 -39.65
N ILE A 592 -3.21 72.10 -39.60
CA ILE A 592 -2.98 73.50 -39.85
C ILE A 592 -2.35 73.41 -41.24
N LEU A 593 -2.61 74.45 -42.03
CA LEU A 593 -2.02 74.62 -43.35
C LEU A 593 -0.50 74.57 -43.51
N LEU A 594 0.18 75.65 -43.15
CA LEU A 594 1.63 75.77 -43.32
C LEU A 594 2.02 75.69 -44.80
N GLY B 5 15.43 49.83 -37.32
CA GLY B 5 14.44 50.86 -37.06
C GLY B 5 14.42 51.29 -35.61
N CYS B 6 15.60 51.61 -35.09
CA CYS B 6 15.72 52.11 -33.72
C CYS B 6 15.62 53.62 -33.69
N ALA B 7 15.79 54.25 -34.85
CA ALA B 7 15.69 55.70 -34.97
C ALA B 7 14.25 56.17 -34.93
N LEU B 8 13.32 55.30 -35.31
CA LEU B 8 11.92 55.68 -35.32
C LEU B 8 11.23 55.49 -33.97
N GLY B 9 11.97 54.98 -32.98
CA GLY B 9 11.39 54.81 -31.66
C GLY B 9 11.27 56.08 -30.84
N GLY B 10 12.42 56.59 -30.38
CA GLY B 10 12.44 57.79 -29.56
C GLY B 10 12.57 57.51 -28.09
N THR B 13 12.63 59.02 -24.83
CA THR B 13 13.05 58.63 -23.49
C THR B 13 14.03 57.47 -23.54
N CYS B 14 15.03 57.52 -22.67
CA CYS B 14 16.00 56.43 -22.58
C CYS B 14 15.33 55.12 -22.18
N GLU B 15 14.31 55.22 -21.33
CA GLU B 15 13.59 54.04 -20.86
C GLU B 15 12.84 53.36 -22.00
N ASP B 16 12.13 54.15 -22.80
CA ASP B 16 11.36 53.61 -23.92
C ASP B 16 12.23 53.23 -25.10
N CYS B 17 13.42 53.82 -25.17
CA CYS B 17 14.34 53.58 -26.27
C CYS B 17 14.90 52.16 -26.27
N LEU B 18 15.14 51.62 -25.09
CA LEU B 18 15.71 50.28 -24.97
C LEU B 18 14.63 49.21 -25.08
N LEU B 19 13.37 49.63 -24.96
CA LEU B 19 12.25 48.69 -24.94
C LEU B 19 11.85 48.24 -26.33
N ILE B 20 12.05 49.10 -27.32
CA ILE B 20 11.63 48.82 -28.70
C ILE B 20 12.50 47.78 -29.38
N GLY B 21 13.67 47.51 -28.80
CA GLY B 21 14.58 46.54 -29.36
C GLY B 21 15.83 46.35 -28.51
N PRO B 22 16.37 45.12 -28.50
CA PRO B 22 17.57 44.78 -27.73
C PRO B 22 18.83 45.38 -28.35
N GLN B 23 18.72 45.85 -29.59
CA GLN B 23 19.86 46.41 -30.30
C GLN B 23 19.93 47.92 -30.12
N CYS B 24 18.89 48.48 -29.50
CA CYS B 24 18.77 49.91 -29.35
C CYS B 24 19.49 50.45 -28.12
N ALA B 25 20.02 51.66 -28.24
CA ALA B 25 20.75 52.30 -27.13
C ALA B 25 20.40 53.79 -27.06
N TRP B 26 20.69 54.40 -25.92
CA TRP B 26 20.41 55.81 -25.73
C TRP B 26 21.66 56.56 -25.27
N CYS B 27 21.83 57.78 -25.77
CA CYS B 27 22.96 58.62 -25.39
C CYS B 27 22.50 59.84 -24.59
N ARG B 41 19.52 60.51 -30.82
CA ARG B 41 18.74 60.04 -29.68
C ARG B 41 18.83 58.53 -29.53
N CYS B 42 17.70 57.86 -29.72
CA CYS B 42 17.64 56.40 -29.63
C CYS B 42 18.18 55.76 -30.90
N ASP B 43 19.31 55.07 -30.77
CA ASP B 43 19.93 54.40 -31.91
C ASP B 43 20.92 53.35 -31.44
N THR B 44 21.40 52.53 -32.37
CA THR B 44 22.41 51.52 -32.05
C THR B 44 23.72 52.20 -31.65
N PRO B 45 24.47 51.57 -30.73
CA PRO B 45 25.72 52.17 -30.23
C PRO B 45 26.73 52.45 -31.34
N ALA B 46 26.83 51.54 -32.30
CA ALA B 46 27.74 51.71 -33.42
C ALA B 46 27.34 52.93 -34.26
N ASN B 47 26.04 53.17 -34.37
CA ASN B 47 25.54 54.29 -35.16
C ASN B 47 25.64 55.58 -34.35
N LEU B 48 25.48 55.48 -33.03
CA LEU B 48 25.55 56.63 -32.14
C LEU B 48 26.94 57.26 -32.16
N LEU B 49 27.97 56.41 -32.17
CA LEU B 49 29.35 56.87 -32.21
C LEU B 49 29.64 57.66 -33.49
N ALA B 50 29.01 57.26 -34.59
CA ALA B 50 29.21 57.93 -35.86
C ALA B 50 28.50 59.29 -35.88
N LYS B 51 27.38 59.36 -35.16
CA LYS B 51 26.64 60.61 -35.03
C LYS B 51 27.43 61.58 -34.18
N GLY B 52 28.33 61.05 -33.36
CA GLY B 52 29.22 61.85 -32.54
C GLY B 52 29.03 61.63 -31.04
N CYS B 53 28.73 60.40 -30.65
CA CYS B 53 28.57 60.08 -29.24
C CYS B 53 29.79 59.34 -28.70
N GLN B 54 29.90 59.28 -27.38
CA GLN B 54 31.03 58.62 -26.73
C GLN B 54 30.61 57.32 -26.04
N LEU B 55 31.59 56.53 -25.62
CA LEU B 55 31.33 55.23 -25.01
C LEU B 55 30.64 55.35 -23.66
N ASN B 56 31.01 56.37 -22.90
CA ASN B 56 30.49 56.52 -21.55
C ASN B 56 29.09 57.12 -21.50
N PHE B 57 28.56 57.53 -22.65
CA PHE B 57 27.22 58.12 -22.67
C PHE B 57 26.22 57.14 -23.28
N ILE B 58 26.73 56.17 -24.03
CA ILE B 58 25.89 55.11 -24.58
C ILE B 58 25.59 54.08 -23.50
N GLU B 59 24.31 53.98 -23.11
CA GLU B 59 23.92 53.04 -22.08
C GLU B 59 23.24 51.80 -22.66
N ASN B 60 23.98 50.69 -22.64
CA ASN B 60 23.49 49.43 -23.18
C ASN B 60 23.55 48.28 -22.19
N PRO B 61 22.47 48.08 -21.44
CA PRO B 61 22.36 46.91 -20.56
C PRO B 61 22.18 45.63 -21.37
N VAL B 62 23.26 45.16 -21.99
CA VAL B 62 23.19 44.04 -22.91
C VAL B 62 22.97 42.72 -22.17
N SER B 63 22.31 41.78 -22.82
CA SER B 63 22.10 40.45 -22.28
C SER B 63 23.44 39.77 -22.04
N GLN B 64 23.58 39.13 -20.88
CA GLN B 64 24.82 38.45 -20.54
C GLN B 64 24.60 37.30 -19.57
N VAL B 65 25.64 36.49 -19.39
CA VAL B 65 25.60 35.40 -18.42
C VAL B 65 26.71 35.57 -17.39
N GLU B 66 26.45 35.13 -16.16
CA GLU B 66 27.46 35.16 -15.11
C GLU B 66 27.54 33.80 -14.45
N ILE B 67 28.60 33.05 -14.77
CA ILE B 67 28.80 31.72 -14.19
C ILE B 67 29.07 31.83 -12.69
N LEU B 68 28.27 31.12 -11.91
CA LEU B 68 28.44 31.08 -10.45
C LEU B 68 29.10 29.77 -10.04
N LYS B 69 28.49 28.66 -10.44
CA LYS B 69 29.03 27.34 -10.16
C LYS B 69 29.22 26.55 -11.46
N ASN B 70 30.48 26.38 -11.87
CA ASN B 70 30.79 25.60 -13.05
C ASN B 70 31.83 24.53 -12.73
N LYS B 71 31.38 23.51 -12.01
CA LYS B 71 32.24 22.41 -11.58
C LYS B 71 32.39 21.43 -12.76
N PRO B 72 33.63 20.98 -13.03
CA PRO B 72 33.87 20.05 -14.14
C PRO B 72 33.17 18.70 -13.99
N LEU B 73 32.76 18.13 -15.12
CA LEU B 73 32.08 16.84 -15.15
C LEU B 73 32.99 15.72 -14.64
N SER B 74 32.48 14.93 -13.71
CA SER B 74 33.21 13.77 -13.18
C SER B 74 33.45 12.76 -14.28
N VAL B 75 34.51 11.98 -14.13
CA VAL B 75 34.87 11.01 -15.14
C VAL B 75 35.56 9.79 -14.55
N GLY B 76 35.18 8.61 -15.03
CA GLY B 76 35.88 7.39 -14.67
C GLY B 76 35.41 6.88 -13.32
N ARG B 77 34.14 7.17 -12.98
CA ARG B 77 33.56 6.72 -11.71
C ARG B 77 34.12 7.47 -10.52
N GLN B 78 33.31 7.61 -9.47
CA GLN B 78 33.74 8.26 -8.24
C GLN B 78 33.54 7.36 -7.02
N LYS B 79 34.53 7.35 -6.13
CA LYS B 79 34.43 6.58 -4.89
C LYS B 79 33.69 7.38 -3.82
N ASN B 80 33.90 8.69 -3.86
CA ASN B 80 33.25 9.61 -2.93
C ASN B 80 31.97 10.15 -3.56
N SER B 81 30.83 9.84 -2.93
CA SER B 81 29.53 10.15 -3.51
C SER B 81 29.33 11.66 -3.72
N SER B 82 29.97 12.47 -2.89
CA SER B 82 29.81 13.91 -2.96
C SER B 82 30.61 14.51 -4.10
N ASP B 83 31.45 13.70 -4.74
CA ASP B 83 32.30 14.19 -5.82
C ASP B 83 31.71 13.97 -7.20
N ILE B 84 30.54 13.34 -7.26
CA ILE B 84 29.91 13.05 -8.53
C ILE B 84 29.31 14.32 -9.15
N VAL B 85 29.72 14.63 -10.38
CA VAL B 85 29.20 15.79 -11.11
C VAL B 85 28.70 15.36 -12.49
N GLN B 86 27.38 15.47 -12.68
CA GLN B 86 26.75 14.97 -13.90
C GLN B 86 26.22 16.08 -14.80
N ILE B 87 26.28 17.33 -14.34
CA ILE B 87 25.84 18.45 -15.17
C ILE B 87 26.75 19.67 -14.97
N ALA B 88 27.01 20.37 -16.06
CA ALA B 88 27.89 21.54 -16.04
C ALA B 88 27.40 22.60 -17.02
N PRO B 89 27.31 23.85 -16.55
CA PRO B 89 27.59 24.28 -15.18
C PRO B 89 26.45 23.92 -14.22
N GLN B 90 26.52 24.39 -12.99
CA GLN B 90 25.52 24.04 -11.98
C GLN B 90 24.71 25.25 -11.53
N SER B 91 25.31 26.43 -11.59
CA SER B 91 24.57 27.65 -11.24
C SER B 91 24.91 28.80 -12.19
N LEU B 92 23.86 29.51 -12.61
CA LEU B 92 24.00 30.59 -13.58
C LEU B 92 23.08 31.75 -13.25
N ILE B 93 23.57 32.97 -13.48
CA ILE B 93 22.72 34.13 -13.45
C ILE B 93 22.58 34.67 -14.87
N LEU B 94 21.34 34.81 -15.34
CA LEU B 94 21.10 35.19 -16.71
C LEU B 94 20.36 36.52 -16.79
N LYS B 95 21.10 37.58 -17.09
CA LYS B 95 20.54 38.91 -17.23
C LYS B 95 20.11 39.15 -18.69
N LEU B 96 18.81 39.20 -18.92
CA LEU B 96 18.29 39.26 -20.27
C LEU B 96 17.52 40.53 -20.59
N ARG B 97 17.99 41.24 -21.61
CA ARG B 97 17.24 42.33 -22.20
C ARG B 97 15.96 41.77 -22.82
N PRO B 98 14.85 42.50 -22.67
CA PRO B 98 13.60 42.05 -23.29
C PRO B 98 13.77 41.95 -24.81
N GLY B 99 13.68 40.72 -25.32
CA GLY B 99 13.87 40.48 -26.74
C GLY B 99 15.25 39.93 -27.04
N GLY B 100 16.24 40.34 -26.25
CA GLY B 100 17.60 39.88 -26.45
C GLY B 100 17.83 38.51 -25.86
N ALA B 101 17.93 37.50 -26.72
CA ALA B 101 18.05 36.13 -26.28
C ALA B 101 19.49 35.78 -25.90
N GLN B 102 19.64 34.67 -25.20
CA GLN B 102 20.95 34.19 -24.79
C GLN B 102 20.96 32.67 -24.81
N THR B 103 22.04 32.09 -25.33
CA THR B 103 22.12 30.63 -25.45
C THR B 103 23.09 30.05 -24.42
N LEU B 104 22.61 29.09 -23.65
CA LEU B 104 23.44 28.42 -22.65
C LEU B 104 23.98 27.12 -23.20
N GLN B 105 25.25 26.86 -22.94
CA GLN B 105 25.84 25.58 -23.31
C GLN B 105 25.83 24.67 -22.08
N VAL B 106 24.90 23.73 -22.05
CA VAL B 106 24.77 22.80 -20.92
C VAL B 106 25.37 21.45 -21.27
N HIS B 107 26.23 20.95 -20.38
CA HIS B 107 26.88 19.66 -20.60
C HIS B 107 26.47 18.67 -19.53
N VAL B 108 26.08 17.48 -19.95
CA VAL B 108 25.64 16.46 -19.03
C VAL B 108 26.34 15.13 -19.31
N ARG B 109 26.71 14.44 -18.24
CA ARG B 109 27.38 13.16 -18.36
C ARG B 109 26.99 12.25 -17.21
N GLN B 110 26.61 11.02 -17.52
CA GLN B 110 26.25 10.06 -16.49
C GLN B 110 27.49 9.41 -15.91
N THR B 111 27.51 9.24 -14.59
CA THR B 111 28.65 8.62 -13.93
C THR B 111 28.56 7.10 -14.03
N GLU B 112 29.71 6.44 -13.98
CA GLU B 112 29.79 5.00 -14.17
C GLU B 112 29.03 4.23 -13.09
N ASP B 113 29.31 4.54 -11.84
CA ASP B 113 28.61 3.92 -10.73
C ASP B 113 27.63 4.92 -10.11
N TYR B 114 26.37 4.54 -10.04
CA TYR B 114 25.32 5.44 -9.55
C TYR B 114 24.19 4.56 -9.03
N PRO B 115 23.69 4.89 -7.84
CA PRO B 115 22.64 4.20 -7.07
C PRO B 115 21.29 3.99 -7.79
N VAL B 116 20.69 2.82 -7.64
CA VAL B 116 19.43 2.56 -8.32
C VAL B 116 18.36 2.10 -7.32
N ASP B 117 17.19 2.72 -7.38
CA ASP B 117 16.03 2.31 -6.62
C ASP B 117 15.02 1.67 -7.56
N LEU B 118 14.46 0.54 -7.17
CA LEU B 118 13.50 -0.15 -8.02
C LEU B 118 12.25 -0.45 -7.20
N TYR B 119 11.11 0.07 -7.64
CA TYR B 119 9.85 -0.25 -6.99
C TYR B 119 8.97 -1.06 -7.92
N TYR B 120 8.75 -2.30 -7.54
CA TYR B 120 7.94 -3.22 -8.32
C TYR B 120 6.46 -3.05 -7.97
N LEU B 121 5.73 -2.44 -8.90
CA LEU B 121 4.30 -2.19 -8.71
C LEU B 121 3.48 -3.14 -9.59
N MET B 122 2.88 -4.15 -8.98
CA MET B 122 2.24 -5.20 -9.77
C MET B 122 0.72 -5.25 -9.66
N ASP B 123 0.06 -5.34 -10.82
CA ASP B 123 -1.35 -5.71 -10.93
C ASP B 123 -1.65 -7.07 -10.30
N LEU B 124 -2.58 -7.11 -9.34
CA LEU B 124 -2.95 -8.37 -8.72
C LEU B 124 -4.41 -8.79 -9.04
N SER B 125 -4.88 -8.40 -10.22
CA SER B 125 -6.16 -8.84 -10.83
C SER B 125 -6.17 -10.33 -11.14
N ALA B 126 -7.36 -10.89 -11.38
CA ALA B 126 -7.47 -12.33 -11.60
C ALA B 126 -6.70 -12.88 -12.81
N SER B 127 -6.46 -12.04 -13.82
CA SER B 127 -5.70 -12.44 -15.01
C SER B 127 -4.19 -12.62 -14.73
N MET B 128 -3.76 -12.15 -13.57
CA MET B 128 -2.35 -12.19 -13.16
C MET B 128 -1.88 -13.34 -12.22
N ASP B 129 -2.69 -14.39 -12.10
CA ASP B 129 -2.40 -15.53 -11.21
C ASP B 129 -1.18 -16.39 -11.57
N ASP B 130 -1.05 -16.73 -12.86
CA ASP B 130 0.05 -17.53 -13.37
C ASP B 130 1.41 -16.82 -13.34
N ASP B 131 1.35 -15.50 -13.50
CA ASP B 131 2.51 -14.60 -13.41
C ASP B 131 3.24 -14.68 -12.08
N LEU B 132 2.46 -14.73 -11.00
CA LEU B 132 2.96 -14.81 -9.64
C LEU B 132 3.91 -16.01 -9.44
N ASN B 133 3.60 -17.15 -10.03
CA ASN B 133 4.46 -18.33 -9.84
C ASN B 133 5.87 -18.14 -10.38
N THR B 134 6.02 -17.36 -11.45
CA THR B 134 7.33 -17.17 -12.08
C THR B 134 8.22 -16.10 -11.41
N ILE B 135 7.61 -15.15 -10.69
CA ILE B 135 8.36 -14.02 -10.10
C ILE B 135 8.96 -14.38 -8.72
N LYS B 136 8.70 -15.60 -8.28
CA LYS B 136 9.06 -16.13 -6.95
C LYS B 136 10.52 -15.94 -6.58
N GLU B 137 11.40 -15.86 -7.57
CA GLU B 137 12.81 -15.65 -7.26
C GLU B 137 13.37 -14.48 -8.06
N LEU B 138 12.51 -13.54 -8.46
CA LEU B 138 12.93 -12.36 -9.22
C LEU B 138 13.85 -11.41 -8.45
N GLY B 139 13.58 -11.24 -7.17
CA GLY B 139 14.34 -10.33 -6.32
C GLY B 139 15.82 -10.59 -6.34
N SER B 140 16.18 -11.83 -6.06
CA SER B 140 17.57 -12.26 -6.00
C SER B 140 18.19 -12.28 -7.40
N ARG B 141 17.38 -12.58 -8.42
CA ARG B 141 17.90 -12.64 -9.78
C ARG B 141 18.19 -11.23 -10.28
N LEU B 142 17.33 -10.29 -9.89
CA LEU B 142 17.51 -8.91 -10.32
C LEU B 142 18.67 -8.23 -9.61
N SER B 143 18.78 -8.42 -8.30
CA SER B 143 19.84 -7.75 -7.57
C SER B 143 21.17 -8.38 -7.89
N LYS B 144 21.14 -9.61 -8.40
CA LYS B 144 22.36 -10.26 -8.83
C LYS B 144 22.85 -9.66 -10.13
N GLU B 145 21.92 -9.39 -11.03
CA GLU B 145 22.25 -8.79 -12.31
C GLU B 145 22.59 -7.33 -12.14
N MET B 146 21.79 -6.63 -11.35
CA MET B 146 22.02 -5.21 -11.08
C MET B 146 23.33 -4.98 -10.33
N SER B 147 23.80 -6.01 -9.63
CA SER B 147 25.05 -5.93 -8.89
C SER B 147 26.24 -5.68 -9.83
N LYS B 148 26.11 -6.16 -11.06
CA LYS B 148 27.13 -5.98 -12.08
C LYS B 148 27.19 -4.51 -12.54
N LEU B 149 26.03 -3.87 -12.59
CA LEU B 149 25.92 -2.54 -13.19
C LEU B 149 25.99 -1.43 -12.16
N THR B 150 25.72 -1.75 -10.90
CA THR B 150 25.81 -0.74 -9.85
C THR B 150 26.09 -1.39 -8.51
N SER B 151 26.64 -0.61 -7.58
CA SER B 151 26.99 -1.13 -6.26
C SER B 151 25.93 -0.84 -5.20
N ASN B 152 24.98 0.01 -5.55
CA ASN B 152 23.92 0.37 -4.62
C ASN B 152 22.58 0.14 -5.29
N PHE B 153 22.04 -1.05 -5.14
CA PHE B 153 20.74 -1.36 -5.73
C PHE B 153 19.73 -1.68 -4.66
N ARG B 154 18.58 -1.01 -4.72
CA ARG B 154 17.48 -1.25 -3.79
C ARG B 154 16.11 -1.46 -4.42
N LEU B 155 15.46 -2.54 -4.02
CA LEU B 155 14.16 -2.88 -4.56
C LEU B 155 13.03 -2.97 -3.52
N GLY B 156 11.83 -2.62 -3.95
CA GLY B 156 10.64 -2.67 -3.11
C GLY B 156 9.45 -3.23 -3.86
N PHE B 157 8.34 -3.42 -3.16
CA PHE B 157 7.15 -4.04 -3.75
C PHE B 157 5.85 -3.37 -3.33
N GLY B 158 4.92 -3.28 -4.28
CA GLY B 158 3.58 -2.80 -4.03
C GLY B 158 2.59 -3.41 -5.00
N SER B 159 1.32 -3.45 -4.63
CA SER B 159 0.30 -4.06 -5.49
C SER B 159 -0.95 -3.20 -5.59
N PHE B 160 -1.77 -3.49 -6.61
CA PHE B 160 -2.99 -2.75 -6.89
C PHE B 160 -3.99 -3.65 -7.60
N VAL B 161 -5.26 -3.29 -7.50
CA VAL B 161 -6.29 -3.89 -8.33
C VAL B 161 -7.25 -2.87 -8.93
N GLU B 162 -8.05 -2.27 -8.06
CA GLU B 162 -9.13 -1.40 -8.50
C GLU B 162 -9.78 -0.69 -7.31
N LYS B 163 -10.45 0.43 -7.56
CA LYS B 163 -11.29 1.05 -6.55
C LYS B 163 -12.35 0.05 -6.13
N PRO B 164 -12.37 -0.32 -4.86
CA PRO B 164 -13.31 -1.33 -4.39
C PRO B 164 -14.71 -0.78 -4.26
N VAL B 165 -15.25 -0.25 -5.35
CA VAL B 165 -16.60 0.30 -5.33
C VAL B 165 -17.38 -0.03 -6.60
N SER B 166 -18.71 -0.02 -6.49
CA SER B 166 -19.59 -0.16 -7.64
C SER B 166 -19.40 1.04 -8.56
N PRO B 167 -19.41 0.82 -9.89
CA PRO B 167 -19.70 -0.44 -10.59
C PRO B 167 -18.46 -1.23 -10.97
N PHE B 168 -17.32 -0.82 -10.45
CA PHE B 168 -16.06 -1.47 -10.81
C PHE B 168 -15.97 -2.83 -10.13
N VAL B 169 -16.88 -3.06 -9.19
CA VAL B 169 -16.82 -4.24 -8.34
C VAL B 169 -18.25 -4.66 -7.97
N LYS B 170 -18.53 -5.96 -8.05
CA LYS B 170 -19.83 -6.50 -7.64
C LYS B 170 -20.00 -6.33 -6.14
N THR B 171 -21.21 -6.05 -5.69
CA THR B 171 -21.39 -5.53 -4.34
C THR B 171 -22.35 -6.39 -3.52
N THR B 172 -22.62 -7.60 -4.00
CA THR B 172 -23.34 -8.58 -3.19
C THR B 172 -22.42 -9.05 -2.08
N PRO B 173 -22.99 -9.42 -0.92
CA PRO B 173 -22.20 -9.88 0.24
C PRO B 173 -21.15 -10.96 -0.07
N GLU B 174 -21.53 -11.94 -0.88
CA GLU B 174 -20.64 -13.05 -1.22
C GLU B 174 -19.51 -12.61 -2.15
N GLU B 175 -19.85 -11.82 -3.17
CA GLU B 175 -18.87 -11.35 -4.16
C GLU B 175 -17.87 -10.37 -3.54
N ILE B 176 -18.30 -9.62 -2.53
CA ILE B 176 -17.38 -8.75 -1.81
C ILE B 176 -16.39 -9.61 -1.03
N ALA B 177 -16.88 -10.63 -0.35
CA ALA B 177 -16.03 -11.53 0.42
C ALA B 177 -15.02 -12.32 -0.43
N ASN B 178 -15.45 -12.69 -1.64
CA ASN B 178 -14.64 -13.44 -2.59
C ASN B 178 -15.01 -13.00 -4.00
N PRO B 179 -14.24 -12.06 -4.59
CA PRO B 179 -14.73 -11.71 -5.92
C PRO B 179 -14.49 -12.73 -7.02
N CYS B 180 -14.02 -13.93 -6.69
CA CYS B 180 -13.88 -14.92 -7.74
C CYS B 180 -14.80 -16.04 -7.29
N SER B 181 -15.87 -15.68 -6.57
CA SER B 181 -16.81 -16.68 -6.09
C SER B 181 -17.74 -17.24 -7.14
N SER B 182 -17.66 -16.73 -8.35
CA SER B 182 -18.60 -17.17 -9.37
C SER B 182 -17.94 -18.17 -10.29
N ILE B 183 -16.62 -18.14 -10.31
CA ILE B 183 -15.84 -19.02 -11.17
C ILE B 183 -16.03 -20.52 -10.94
N PRO B 184 -15.89 -21.02 -9.70
CA PRO B 184 -15.51 -20.60 -8.34
C PRO B 184 -13.99 -20.71 -8.10
N TYR B 185 -13.33 -19.71 -7.54
CA TYR B 185 -11.87 -19.76 -7.46
C TYR B 185 -11.66 -18.95 -6.18
N PHE B 186 -10.54 -19.12 -5.47
CA PHE B 186 -10.41 -18.32 -4.27
C PHE B 186 -9.65 -16.99 -4.50
N CYS B 187 -10.26 -15.82 -4.34
CA CYS B 187 -9.42 -14.62 -4.44
C CYS B 187 -9.70 -13.66 -3.30
N LEU B 188 -8.75 -12.76 -3.05
CA LEU B 188 -8.88 -11.76 -1.99
C LEU B 188 -9.91 -10.71 -2.41
N PRO B 189 -10.61 -10.11 -1.44
CA PRO B 189 -11.47 -8.97 -1.80
C PRO B 189 -10.68 -7.82 -2.45
N THR B 190 -11.32 -7.13 -3.39
CA THR B 190 -10.69 -6.03 -4.13
C THR B 190 -10.16 -4.94 -3.20
N PHE B 191 -8.97 -4.43 -3.51
CA PHE B 191 -8.35 -3.34 -2.75
C PHE B 191 -7.73 -2.34 -3.72
N GLY B 192 -7.50 -1.12 -3.26
CA GLY B 192 -7.03 -0.09 -4.15
C GLY B 192 -5.54 -0.16 -4.42
N PHE B 193 -4.73 0.12 -3.40
CA PHE B 193 -3.27 0.03 -3.53
C PHE B 193 -2.62 -0.30 -2.19
N LYS B 194 -1.84 -1.38 -2.17
CA LYS B 194 -1.09 -1.75 -0.98
C LYS B 194 0.42 -1.55 -1.15
N HIS B 195 1.03 -0.76 -0.28
CA HIS B 195 2.49 -0.62 -0.29
C HIS B 195 3.09 -1.61 0.70
N ILE B 196 3.44 -2.79 0.20
CA ILE B 196 3.88 -3.89 1.04
C ILE B 196 5.34 -3.79 1.52
N LEU B 197 6.27 -3.58 0.59
CA LEU B 197 7.69 -3.59 0.96
C LEU B 197 8.38 -2.31 0.56
N PRO B 198 8.83 -1.54 1.55
CA PRO B 198 9.70 -0.40 1.29
C PRO B 198 11.04 -0.87 0.74
N LEU B 199 11.52 -0.14 -0.27
CA LEU B 199 12.70 -0.54 -1.01
C LEU B 199 13.94 -0.65 -0.10
N THR B 200 14.59 -1.82 -0.15
CA THR B 200 15.69 -2.18 0.73
C THR B 200 16.76 -2.95 -0.07
N ASN B 201 17.95 -3.13 0.50
CA ASN B 201 19.02 -3.85 -0.21
C ASN B 201 18.80 -5.34 -0.09
N ASP B 202 17.98 -5.76 0.88
CA ASP B 202 17.72 -7.18 1.05
C ASP B 202 16.79 -7.72 -0.02
N ALA B 203 17.40 -8.42 -0.98
CA ALA B 203 16.70 -9.01 -2.11
C ALA B 203 15.94 -10.27 -1.71
N GLU B 204 16.41 -10.89 -0.65
CA GLU B 204 15.77 -12.10 -0.15
C GLU B 204 14.42 -11.79 0.48
N ARG B 205 14.34 -10.63 1.15
CA ARG B 205 13.08 -10.13 1.73
C ARG B 205 12.03 -9.91 0.64
N PHE B 206 12.49 -9.49 -0.55
CA PHE B 206 11.64 -9.28 -1.71
C PHE B 206 11.04 -10.58 -2.21
N ASN B 207 11.84 -11.62 -2.17
CA ASN B 207 11.46 -12.95 -2.59
C ASN B 207 10.29 -13.42 -1.72
N GLU B 208 10.48 -13.36 -0.40
CA GLU B 208 9.49 -13.87 0.53
C GLU B 208 8.16 -13.14 0.45
N ILE B 209 8.22 -11.85 0.18
CA ILE B 209 7.03 -11.02 0.04
C ILE B 209 6.20 -11.37 -1.19
N VAL B 210 6.89 -11.63 -2.30
CA VAL B 210 6.25 -12.04 -3.54
C VAL B 210 5.53 -13.37 -3.32
N LYS B 211 6.19 -14.30 -2.65
CA LYS B 211 5.64 -15.64 -2.37
C LYS B 211 4.42 -15.60 -1.43
N ASN B 212 4.22 -14.45 -0.78
CA ASN B 212 3.11 -14.26 0.16
C ASN B 212 1.94 -13.51 -0.44
N GLN B 213 2.10 -13.02 -1.67
CA GLN B 213 1.00 -12.30 -2.30
C GLN B 213 -0.13 -13.25 -2.66
N LYS B 214 -1.35 -12.71 -2.70
CA LYS B 214 -2.50 -13.51 -3.06
C LYS B 214 -3.35 -12.68 -4.04
N ILE B 215 -3.89 -13.33 -5.05
CA ILE B 215 -4.64 -12.62 -6.09
C ILE B 215 -6.05 -12.11 -5.74
N SER B 216 -6.40 -10.93 -6.27
CA SER B 216 -7.73 -10.33 -6.11
C SER B 216 -8.61 -10.57 -7.33
N ALA B 217 -9.65 -9.76 -7.47
CA ALA B 217 -10.39 -9.62 -8.72
C ALA B 217 -11.36 -8.44 -8.69
N ASN B 218 -11.93 -8.12 -9.85
CA ASN B 218 -13.03 -7.17 -9.95
C ASN B 218 -13.81 -7.44 -11.25
N ILE B 219 -14.53 -6.45 -11.78
CA ILE B 219 -15.35 -6.69 -12.97
C ILE B 219 -14.69 -6.18 -14.25
N ASP B 220 -14.64 -4.86 -14.41
CA ASP B 220 -14.19 -4.23 -15.64
C ASP B 220 -12.69 -4.38 -15.87
N THR B 221 -12.29 -4.44 -17.14
CA THR B 221 -10.91 -4.77 -17.52
C THR B 221 -9.86 -3.70 -17.15
N PRO B 222 -10.12 -2.39 -17.43
CA PRO B 222 -9.07 -1.48 -16.98
C PRO B 222 -8.97 -1.49 -15.46
N GLU B 223 -7.83 -1.08 -14.92
CA GLU B 223 -7.64 -1.21 -13.49
C GLU B 223 -7.30 0.12 -12.83
N GLY B 224 -6.98 0.07 -11.53
CA GLY B 224 -6.75 1.29 -10.79
C GLY B 224 -5.27 1.51 -10.56
N GLY B 225 -4.47 1.17 -11.56
CA GLY B 225 -3.03 1.36 -11.52
C GLY B 225 -2.57 2.77 -11.27
N PHE B 226 -3.21 3.73 -11.95
CA PHE B 226 -2.81 5.12 -11.84
C PHE B 226 -2.89 5.66 -10.42
N ASP B 227 -3.85 5.16 -9.64
CA ASP B 227 -3.93 5.52 -8.22
C ASP B 227 -2.64 5.15 -7.52
N ALA B 228 -2.18 3.94 -7.78
CA ALA B 228 -0.96 3.39 -7.19
C ALA B 228 0.30 4.13 -7.66
N ILE B 229 0.40 4.38 -8.97
CA ILE B 229 1.54 5.10 -9.53
C ILE B 229 1.75 6.45 -8.84
N MET B 230 0.66 7.17 -8.66
CA MET B 230 0.68 8.46 -7.97
C MET B 230 1.20 8.38 -6.55
N GLN B 231 0.67 7.43 -5.77
CA GLN B 231 1.09 7.25 -4.38
C GLN B 231 2.55 6.83 -4.28
N ALA B 232 2.99 5.95 -5.18
CA ALA B 232 4.37 5.48 -5.19
C ALA B 232 5.34 6.63 -5.47
N ALA B 233 4.96 7.49 -6.39
CA ALA B 233 5.79 8.63 -6.78
C ALA B 233 5.88 9.69 -5.68
N VAL B 234 4.76 9.93 -5.01
CA VAL B 234 4.64 11.05 -4.06
C VAL B 234 5.11 10.67 -2.65
N CYS B 235 4.72 9.48 -2.20
CA CYS B 235 5.06 9.03 -0.84
C CYS B 235 6.55 8.67 -0.70
N LYS B 236 7.37 9.70 -0.55
CA LYS B 236 8.83 9.56 -0.53
C LYS B 236 9.36 8.79 0.67
N GLU B 237 8.94 9.23 1.85
CA GLU B 237 9.39 8.65 3.11
C GLU B 237 8.96 7.19 3.30
N LYS B 238 7.74 6.90 2.88
CA LYS B 238 7.10 5.59 3.02
C LYS B 238 7.71 4.58 2.04
N ILE B 239 7.77 4.94 0.76
CA ILE B 239 8.37 4.07 -0.25
C ILE B 239 9.88 3.94 -0.08
N GLY B 240 10.53 5.05 0.25
CA GLY B 240 11.95 5.02 0.59
C GLY B 240 12.90 5.49 -0.49
N TRP B 241 12.43 6.35 -1.39
CA TRP B 241 13.31 6.86 -2.44
C TRP B 241 14.50 7.58 -1.81
N ARG B 242 15.72 7.16 -2.19
CA ARG B 242 16.94 7.83 -1.76
C ARG B 242 17.13 9.12 -2.59
N ASN B 243 17.81 10.11 -2.02
CA ASN B 243 17.94 11.41 -2.67
C ASN B 243 18.76 11.44 -3.96
N ASP B 244 19.98 10.92 -3.97
CA ASP B 244 20.78 10.94 -5.20
C ASP B 244 20.86 9.56 -5.83
N SER B 245 19.74 9.10 -6.40
CA SER B 245 19.70 7.79 -7.05
C SER B 245 18.59 7.71 -8.09
N LEU B 246 18.74 6.78 -9.02
CA LEU B 246 17.68 6.54 -10.00
C LEU B 246 16.46 5.91 -9.37
N HIS B 247 15.31 6.52 -9.62
CA HIS B 247 14.06 6.03 -9.07
C HIS B 247 13.31 5.31 -10.20
N LEU B 248 13.31 3.99 -10.17
CA LEU B 248 12.64 3.21 -11.20
C LEU B 248 11.38 2.60 -10.67
N LEU B 249 10.27 2.96 -11.29
CA LEU B 249 8.96 2.44 -10.92
C LEU B 249 8.44 1.48 -11.99
N VAL B 250 8.55 0.18 -11.74
CA VAL B 250 8.12 -0.81 -12.71
C VAL B 250 6.64 -1.12 -12.53
N PHE B 251 5.87 -0.83 -13.56
CA PHE B 251 4.43 -1.01 -13.58
C PHE B 251 4.05 -2.26 -14.37
N VAL B 252 3.68 -3.33 -13.68
CA VAL B 252 3.39 -4.61 -14.31
C VAL B 252 1.89 -4.92 -14.39
N SER B 253 1.33 -4.93 -15.60
CA SER B 253 -0.11 -5.16 -15.78
C SER B 253 -0.42 -5.71 -17.19
N ASP B 254 -1.54 -6.40 -17.36
CA ASP B 254 -1.94 -6.89 -18.69
C ASP B 254 -3.23 -6.22 -19.14
N ALA B 255 -3.49 -5.05 -18.58
CA ALA B 255 -4.73 -4.33 -18.84
C ALA B 255 -4.50 -2.83 -18.96
N ASP B 256 -5.45 -2.16 -19.59
CA ASP B 256 -5.44 -0.70 -19.61
C ASP B 256 -5.64 -0.18 -18.18
N SER B 257 -5.64 1.13 -18.03
CA SER B 257 -5.77 1.78 -16.73
C SER B 257 -6.90 2.81 -16.79
N HIS B 258 -7.52 3.02 -15.64
CA HIS B 258 -8.50 4.09 -15.50
C HIS B 258 -7.77 5.37 -15.18
N PHE B 259 -8.36 6.46 -15.63
CA PHE B 259 -7.81 7.78 -15.41
C PHE B 259 -8.90 8.81 -15.19
N GLY B 260 -8.52 9.89 -14.50
CA GLY B 260 -9.35 11.05 -14.33
C GLY B 260 -10.76 10.77 -13.86
N MET B 261 -11.72 11.16 -14.70
CA MET B 261 -13.13 11.14 -14.33
C MET B 261 -13.81 9.81 -14.66
N ASP B 262 -13.04 8.73 -14.80
CA ASP B 262 -13.64 7.42 -14.93
C ASP B 262 -14.41 7.08 -13.66
N SER B 263 -13.93 7.60 -12.54
CA SER B 263 -14.52 7.36 -11.24
C SER B 263 -15.87 8.05 -11.06
N LYS B 264 -16.27 8.86 -12.04
CA LYS B 264 -17.58 9.51 -11.99
C LYS B 264 -18.71 8.49 -12.00
N LEU B 265 -18.46 7.34 -12.60
CA LEU B 265 -19.43 6.26 -12.60
C LEU B 265 -19.73 5.76 -11.20
N ALA B 266 -18.73 5.84 -10.33
CA ALA B 266 -18.82 5.37 -8.95
C ALA B 266 -19.28 6.47 -7.99
N GLY B 267 -19.54 7.64 -8.54
CA GLY B 267 -19.94 8.80 -7.76
C GLY B 267 -18.76 9.45 -7.06
N ILE B 268 -17.57 9.19 -7.57
CA ILE B 268 -16.35 9.81 -7.06
C ILE B 268 -15.99 10.98 -7.96
N VAL B 269 -16.21 12.19 -7.47
CA VAL B 269 -16.12 13.37 -8.33
C VAL B 269 -15.18 14.42 -7.74
N CYS B 270 -14.40 14.03 -6.75
CA CYS B 270 -13.36 14.89 -6.18
C CYS B 270 -11.99 14.54 -6.78
N PRO B 271 -11.40 15.50 -7.49
CA PRO B 271 -10.12 15.32 -8.20
C PRO B 271 -8.97 14.90 -7.31
N ASN B 272 -8.03 14.16 -7.89
CA ASN B 272 -6.85 13.71 -7.18
C ASN B 272 -6.00 14.93 -6.78
N ASP B 273 -5.46 14.91 -5.58
CA ASP B 273 -4.75 16.05 -5.04
C ASP B 273 -3.23 15.92 -5.12
N GLY B 274 -2.78 14.75 -5.57
CA GLY B 274 -1.36 14.48 -5.75
C GLY B 274 -0.61 14.47 -4.44
N LEU B 275 -1.35 14.22 -3.36
CA LEU B 275 -0.75 14.10 -2.03
C LEU B 275 -0.61 12.64 -1.62
N CYS B 276 0.18 12.39 -0.59
CA CYS B 276 0.37 11.04 -0.11
C CYS B 276 -0.75 10.60 0.83
N HIS B 277 -1.43 9.49 0.55
CA HIS B 277 -2.50 9.09 1.47
C HIS B 277 -2.32 7.60 1.81
N LEU B 278 -1.27 7.32 2.56
CA LEU B 278 -0.94 5.97 3.01
C LEU B 278 -1.10 5.89 4.51
N ASP B 279 -2.02 5.04 4.96
CA ASP B 279 -2.41 5.07 6.35
C ASP B 279 -1.43 4.21 7.14
N SER B 280 -1.77 3.93 8.40
CA SER B 280 -1.03 3.02 9.25
C SER B 280 -0.76 1.62 8.70
N LYS B 281 -1.68 1.12 7.90
CA LYS B 281 -1.49 -0.12 7.16
C LYS B 281 -0.80 -0.02 5.78
N ASN B 282 -0.26 1.14 5.43
CA ASN B 282 0.34 1.40 4.11
C ASN B 282 -0.60 1.12 2.94
N GLU B 283 -1.89 1.35 3.15
CA GLU B 283 -2.87 1.28 2.09
C GLU B 283 -3.38 2.66 1.67
N TYR B 284 -3.72 2.78 0.41
CA TYR B 284 -4.24 4.04 -0.12
C TYR B 284 -5.65 4.23 0.45
N SER B 285 -5.77 5.23 1.33
CA SER B 285 -6.99 5.43 2.09
C SER B 285 -8.00 6.31 1.37
N MET B 286 -7.60 6.89 0.25
CA MET B 286 -8.48 7.77 -0.53
C MET B 286 -8.97 7.11 -1.82
N SER B 287 -8.79 5.79 -1.90
CA SER B 287 -9.18 5.02 -3.08
C SER B 287 -10.64 5.21 -3.46
N THR B 288 -11.50 5.40 -2.45
CA THR B 288 -12.93 5.55 -2.68
C THR B 288 -13.36 7.01 -2.55
N VAL B 289 -12.40 7.90 -2.33
CA VAL B 289 -12.67 9.32 -2.12
C VAL B 289 -12.24 10.17 -3.31
N LEU B 290 -11.04 9.91 -3.81
CA LEU B 290 -10.48 10.73 -4.88
C LEU B 290 -10.56 10.04 -6.23
N GLU B 291 -10.56 10.84 -7.29
CA GLU B 291 -10.59 10.33 -8.64
C GLU B 291 -9.27 9.69 -8.98
N TYR B 292 -9.27 8.91 -10.05
CA TYR B 292 -8.02 8.44 -10.63
C TYR B 292 -7.25 9.69 -11.02
N PRO B 293 -5.93 9.68 -10.84
CA PRO B 293 -5.16 10.81 -11.36
C PRO B 293 -5.29 10.93 -12.88
N THR B 294 -5.02 12.13 -13.39
CA THR B 294 -4.95 12.34 -14.82
C THR B 294 -3.49 12.20 -15.24
N ILE B 295 -3.26 11.96 -16.53
CA ILE B 295 -1.90 11.84 -17.04
C ILE B 295 -1.07 13.08 -16.73
N GLY B 296 -1.67 14.24 -16.90
CA GLY B 296 -1.02 15.50 -16.57
C GLY B 296 -0.62 15.61 -15.11
N GLN B 297 -1.41 14.99 -14.23
CA GLN B 297 -1.13 14.97 -12.81
C GLN B 297 0.01 13.98 -12.52
N LEU B 298 0.03 12.86 -13.23
CA LEU B 298 1.10 11.88 -13.07
C LEU B 298 2.43 12.48 -13.54
N ILE B 299 2.42 13.05 -14.74
CA ILE B 299 3.58 13.75 -15.28
C ILE B 299 4.15 14.75 -14.26
N ASP B 300 3.26 15.55 -13.70
CA ASP B 300 3.65 16.58 -12.74
C ASP B 300 4.36 16.00 -11.53
N LYS B 301 3.85 14.88 -11.05
CA LYS B 301 4.38 14.30 -9.84
C LYS B 301 5.62 13.44 -10.10
N LEU B 302 5.61 12.70 -11.21
CA LEU B 302 6.77 11.88 -11.58
C LEU B 302 8.02 12.74 -11.81
N VAL B 303 7.85 13.88 -12.48
CA VAL B 303 8.94 14.81 -12.75
C VAL B 303 9.45 15.44 -11.46
N GLN B 304 8.51 15.88 -10.63
CA GLN B 304 8.86 16.55 -9.38
C GLN B 304 9.58 15.58 -8.44
N ASN B 305 9.21 14.30 -8.51
CA ASN B 305 9.83 13.32 -7.62
C ASN B 305 10.91 12.54 -8.35
N ASN B 306 11.23 12.98 -9.57
CA ASN B 306 12.29 12.40 -10.38
C ASN B 306 12.16 10.89 -10.57
N VAL B 307 10.94 10.43 -10.81
CA VAL B 307 10.67 8.99 -10.94
C VAL B 307 10.56 8.55 -12.40
N LEU B 308 11.37 7.58 -12.79
CA LEU B 308 11.33 7.04 -14.14
C LEU B 308 10.37 5.85 -14.23
N LEU B 309 9.33 6.00 -15.04
CA LEU B 309 8.25 5.02 -15.09
C LEU B 309 8.44 4.01 -16.22
N ILE B 310 8.55 2.74 -15.84
CA ILE B 310 8.72 1.65 -16.79
C ILE B 310 7.42 0.86 -16.88
N PHE B 311 6.83 0.84 -18.08
CA PHE B 311 5.60 0.11 -18.37
C PHE B 311 5.83 -1.30 -18.87
N ALA B 312 5.88 -2.27 -17.96
CA ALA B 312 5.95 -3.67 -18.37
C ALA B 312 4.56 -4.25 -18.58
N VAL B 313 4.10 -4.23 -19.82
CA VAL B 313 2.73 -4.62 -20.13
C VAL B 313 2.69 -5.61 -21.29
N THR B 314 1.62 -6.40 -21.33
CA THR B 314 1.44 -7.45 -22.34
C THR B 314 1.13 -6.88 -23.72
N GLN B 315 1.10 -7.77 -24.71
CA GLN B 315 1.00 -7.44 -26.13
C GLN B 315 -0.18 -6.56 -26.49
N GLU B 316 -1.34 -6.84 -25.90
CA GLU B 316 -2.55 -6.11 -26.25
C GLU B 316 -2.55 -4.63 -25.81
N GLN B 317 -1.68 -4.31 -24.86
CA GLN B 317 -1.53 -2.98 -24.24
C GLN B 317 -0.28 -2.19 -24.60
N VAL B 318 0.68 -2.84 -25.26
CA VAL B 318 1.97 -2.22 -25.51
C VAL B 318 1.76 -0.91 -26.27
N HIS B 319 1.05 -0.99 -27.41
CA HIS B 319 0.86 0.19 -28.25
C HIS B 319 0.10 1.31 -27.50
N LEU B 320 -0.91 0.93 -26.74
CA LEU B 320 -1.65 1.89 -25.93
C LEU B 320 -0.68 2.57 -24.91
N TYR B 321 0.11 1.78 -24.17
CA TYR B 321 1.00 2.35 -23.16
C TYR B 321 2.21 3.06 -23.77
N GLU B 322 2.60 2.67 -24.98
CA GLU B 322 3.64 3.40 -25.73
C GLU B 322 3.24 4.87 -25.90
N ASN B 323 2.00 5.09 -26.30
CA ASN B 323 1.47 6.43 -26.49
C ASN B 323 1.50 7.22 -25.18
N TYR B 324 1.17 6.57 -24.07
CA TYR B 324 1.27 7.20 -22.75
C TYR B 324 2.71 7.60 -22.46
N ALA B 325 3.65 6.71 -22.76
CA ALA B 325 5.06 6.96 -22.46
C ALA B 325 5.60 8.16 -23.23
N LYS B 326 5.01 8.46 -24.39
CA LYS B 326 5.49 9.57 -25.21
C LYS B 326 5.14 10.94 -24.60
N LEU B 327 4.19 10.96 -23.68
CA LEU B 327 3.82 12.19 -22.97
C LEU B 327 4.55 12.35 -21.64
N ILE B 328 5.00 11.24 -21.09
CA ILE B 328 5.64 11.22 -19.79
C ILE B 328 7.15 11.17 -19.96
N PRO B 329 7.83 12.23 -19.54
CA PRO B 329 9.29 12.25 -19.69
C PRO B 329 9.96 11.18 -18.86
N GLY B 330 10.90 10.46 -19.47
CA GLY B 330 11.62 9.40 -18.78
C GLY B 330 10.90 8.07 -18.79
N ALA B 331 9.75 7.98 -19.45
CA ALA B 331 8.97 6.76 -19.45
C ALA B 331 9.35 5.87 -20.63
N THR B 332 9.37 4.57 -20.38
CA THR B 332 9.62 3.56 -21.41
C THR B 332 8.61 2.42 -21.29
N VAL B 333 8.53 1.61 -22.34
CA VAL B 333 7.57 0.52 -22.40
C VAL B 333 8.26 -0.81 -22.76
N GLY B 334 7.96 -1.86 -22.01
CA GLY B 334 8.49 -3.18 -22.30
C GLY B 334 7.40 -4.23 -22.52
N LEU B 335 7.57 -5.05 -23.55
CA LEU B 335 6.62 -6.10 -23.90
C LEU B 335 6.70 -7.31 -22.94
N LEU B 336 5.75 -7.41 -22.02
CA LEU B 336 5.72 -8.49 -21.04
C LEU B 336 5.07 -9.78 -21.62
N GLN B 337 5.66 -10.94 -21.35
CA GLN B 337 5.07 -12.21 -21.78
C GLN B 337 3.90 -12.60 -20.91
N LYS B 338 3.10 -13.56 -21.38
CA LYS B 338 1.84 -13.89 -20.75
C LYS B 338 2.08 -14.34 -19.31
N ASP B 339 3.22 -14.93 -19.03
CA ASP B 339 3.49 -15.35 -17.66
C ASP B 339 4.55 -14.50 -16.98
N SER B 340 4.82 -13.34 -17.56
CA SER B 340 5.83 -12.38 -17.07
C SER B 340 7.20 -13.04 -16.92
N GLY B 341 7.48 -14.00 -17.80
CA GLY B 341 8.70 -14.78 -17.82
C GLY B 341 9.96 -14.00 -18.13
N ASN B 342 9.75 -12.83 -18.74
CA ASN B 342 10.81 -12.00 -19.27
C ASN B 342 10.99 -10.70 -18.51
N ILE B 343 10.42 -10.62 -17.31
CA ILE B 343 10.36 -9.38 -16.55
C ILE B 343 11.81 -8.98 -16.22
N LEU B 344 12.67 -9.96 -15.95
CA LEU B 344 14.09 -9.66 -15.71
C LEU B 344 14.75 -8.94 -16.86
N GLN B 345 14.58 -9.49 -18.06
CA GLN B 345 15.19 -8.88 -19.23
C GLN B 345 14.62 -7.50 -19.52
N LEU B 346 13.31 -7.32 -19.31
CA LEU B 346 12.72 -6.03 -19.56
C LEU B 346 13.28 -4.94 -18.67
N ILE B 347 13.46 -5.26 -17.40
CA ILE B 347 13.97 -4.28 -16.45
C ILE B 347 15.41 -3.90 -16.75
N ILE B 348 16.23 -4.90 -17.03
CA ILE B 348 17.62 -4.68 -17.36
C ILE B 348 17.76 -3.90 -18.66
N SER B 349 17.00 -4.32 -19.67
CA SER B 349 17.00 -3.65 -20.96
C SER B 349 16.60 -2.19 -20.81
N ALA B 350 15.52 -1.95 -20.08
CA ALA B 350 15.03 -0.60 -19.84
C ALA B 350 16.07 0.25 -19.10
N TYR B 351 16.67 -0.36 -18.07
CA TYR B 351 17.68 0.31 -17.27
C TYR B 351 18.86 0.72 -18.16
N GLU B 352 19.30 -0.21 -19.00
CA GLU B 352 20.41 0.04 -19.93
C GLU B 352 20.02 1.03 -21.01
N GLU B 353 18.73 1.08 -21.30
CA GLU B 353 18.19 2.05 -22.24
C GLU B 353 18.32 3.45 -21.63
N LEU B 354 17.89 3.62 -20.38
CA LEU B 354 17.96 4.91 -19.71
C LEU B 354 19.41 5.29 -19.45
N ARG B 355 20.25 4.27 -19.41
CA ARG B 355 21.69 4.37 -19.16
C ARG B 355 22.34 4.97 -20.40
N SER B 356 21.58 5.05 -21.50
CA SER B 356 22.12 5.64 -22.73
C SER B 356 21.28 6.82 -23.17
N GLU B 357 20.08 6.97 -22.62
CA GLU B 357 19.27 8.11 -23.01
C GLU B 357 19.66 9.28 -22.11
N VAL B 358 19.68 10.49 -22.64
CA VAL B 358 19.91 11.69 -21.83
C VAL B 358 18.92 12.75 -22.30
N GLU B 359 17.90 13.01 -21.50
CA GLU B 359 16.99 14.14 -21.70
C GLU B 359 17.10 15.28 -20.71
N LEU B 360 16.99 16.49 -21.25
CA LEU B 360 17.02 17.70 -20.47
C LEU B 360 15.60 18.03 -19.98
N GLU B 361 15.50 18.71 -18.85
CA GLU B 361 14.21 19.16 -18.30
C GLU B 361 14.27 20.61 -17.85
N VAL B 362 13.18 21.35 -18.06
CA VAL B 362 13.15 22.72 -17.62
C VAL B 362 12.00 22.96 -16.64
N LEU B 363 12.34 23.11 -15.36
CA LEU B 363 11.35 23.30 -14.31
C LEU B 363 11.39 24.74 -13.81
N GLY B 364 10.36 25.14 -13.08
CA GLY B 364 10.31 26.45 -12.49
C GLY B 364 9.46 27.45 -13.25
N ASP B 365 9.74 28.73 -13.01
CA ASP B 365 8.92 29.82 -13.56
C ASP B 365 9.31 30.10 -15.01
N THR B 366 8.73 29.32 -15.92
CA THR B 366 9.10 29.42 -17.32
C THR B 366 7.94 29.80 -18.27
N GLU B 367 6.79 30.16 -17.71
CA GLU B 367 5.67 30.55 -18.55
C GLU B 367 5.88 31.93 -19.15
N GLY B 368 5.53 32.06 -20.44
CA GLY B 368 5.70 33.31 -21.14
C GLY B 368 7.13 33.52 -21.55
N LEU B 369 7.91 32.44 -21.51
CA LEU B 369 9.32 32.50 -21.83
C LEU B 369 9.58 31.69 -23.10
N ASN B 370 10.30 32.28 -24.04
CA ASN B 370 10.61 31.58 -25.27
C ASN B 370 11.86 30.74 -25.05
N LEU B 371 11.72 29.43 -25.21
CA LEU B 371 12.83 28.49 -25.03
C LEU B 371 12.97 27.55 -26.23
N SER B 372 14.19 27.38 -26.70
CA SER B 372 14.47 26.45 -27.78
C SER B 372 15.68 25.59 -27.46
N PHE B 373 15.71 24.38 -27.99
CA PHE B 373 16.76 23.43 -27.68
C PHE B 373 17.35 22.81 -28.94
N THR B 374 18.68 22.76 -28.98
CA THR B 374 19.37 21.98 -29.99
C THR B 374 20.27 21.01 -29.24
N ALA B 375 20.29 19.76 -29.67
CA ALA B 375 21.06 18.74 -28.97
C ALA B 375 22.34 18.40 -29.72
N ILE B 376 23.46 18.52 -29.03
CA ILE B 376 24.75 18.10 -29.58
C ILE B 376 25.10 16.76 -28.94
N CYS B 377 24.52 15.69 -29.48
CA CYS B 377 24.64 14.38 -28.86
C CYS B 377 26.02 13.81 -29.14
N ASN B 378 26.16 13.16 -30.30
CA ASN B 378 27.48 12.77 -30.74
C ASN B 378 28.22 14.00 -31.24
N ASN B 379 29.55 13.99 -31.09
CA ASN B 379 30.37 15.16 -31.42
C ASN B 379 30.27 15.56 -32.89
N GLY B 380 29.77 14.66 -33.72
CA GLY B 380 29.72 14.91 -35.15
C GLY B 380 28.40 15.46 -35.67
N THR B 381 27.34 15.39 -34.87
CA THR B 381 26.02 15.86 -35.33
C THR B 381 25.22 16.63 -34.28
N LEU B 382 24.44 17.60 -34.76
CA LEU B 382 23.56 18.41 -33.92
C LEU B 382 22.09 18.14 -34.27
N PHE B 383 21.25 17.96 -33.26
CA PHE B 383 19.83 17.71 -33.49
C PHE B 383 18.97 18.92 -33.12
N GLN B 384 18.31 19.48 -34.12
CA GLN B 384 17.47 20.66 -33.93
C GLN B 384 16.18 20.31 -33.22
N HIS B 385 15.66 21.27 -32.45
CA HIS B 385 14.40 21.11 -31.73
C HIS B 385 14.40 19.82 -30.92
N GLN B 386 15.51 19.55 -30.26
CA GLN B 386 15.65 18.32 -29.49
C GLN B 386 16.46 18.57 -28.21
N LYS B 387 16.00 18.02 -27.11
CA LYS B 387 16.72 18.13 -25.84
C LYS B 387 17.03 16.74 -25.29
N LYS B 388 17.15 15.78 -26.21
CA LYS B 388 17.34 14.38 -25.83
C LYS B 388 18.41 13.69 -26.68
N CYS B 389 19.31 12.96 -26.02
CA CYS B 389 20.32 12.19 -26.74
C CYS B 389 20.17 10.71 -26.45
N SER B 390 20.49 9.87 -27.42
CA SER B 390 20.33 8.43 -27.26
C SER B 390 21.47 7.65 -27.89
N HIS B 391 21.47 6.34 -27.64
CA HIS B 391 22.52 5.44 -28.14
C HIS B 391 23.92 5.92 -27.79
N MET B 392 24.10 6.43 -26.57
CA MET B 392 25.42 6.85 -26.10
C MET B 392 25.87 5.98 -24.94
N LYS B 393 27.11 5.52 -24.99
CA LYS B 393 27.67 4.74 -23.88
C LYS B 393 27.99 5.61 -22.67
N VAL B 394 27.81 5.05 -21.48
CA VAL B 394 28.02 5.77 -20.23
C VAL B 394 29.45 6.27 -20.10
N GLY B 395 29.60 7.58 -20.00
CA GLY B 395 30.90 8.21 -19.99
C GLY B 395 30.95 9.25 -21.08
N ASP B 396 30.19 9.01 -22.15
CA ASP B 396 30.06 9.97 -23.23
C ASP B 396 29.32 11.19 -22.72
N THR B 397 29.68 12.35 -23.25
CA THR B 397 29.08 13.60 -22.79
C THR B 397 28.07 14.14 -23.79
N ALA B 398 26.94 14.63 -23.28
CA ALA B 398 25.91 15.20 -24.12
C ALA B 398 25.82 16.70 -23.88
N SER B 399 25.92 17.48 -24.94
CA SER B 399 25.88 18.93 -24.84
C SER B 399 24.62 19.50 -25.47
N PHE B 400 24.02 20.46 -24.79
CA PHE B 400 22.79 21.08 -25.27
C PHE B 400 22.94 22.58 -25.35
N SER B 401 22.36 23.18 -26.38
CA SER B 401 22.34 24.62 -26.52
C SER B 401 20.94 25.13 -26.21
N VAL B 402 20.73 25.54 -24.97
CA VAL B 402 19.46 26.07 -24.53
C VAL B 402 19.38 27.58 -24.73
N THR B 403 18.47 28.01 -25.58
CA THR B 403 18.29 29.44 -25.87
C THR B 403 17.14 30.01 -25.06
N VAL B 404 17.43 31.05 -24.28
CA VAL B 404 16.45 31.66 -23.40
C VAL B 404 16.14 33.10 -23.81
N ASN B 405 14.86 33.45 -23.81
CA ASN B 405 14.44 34.79 -24.18
C ASN B 405 13.21 35.32 -23.43
N ILE B 406 13.29 36.57 -23.00
CA ILE B 406 12.17 37.28 -22.40
C ILE B 406 11.51 38.18 -23.44
N PRO B 407 10.23 37.95 -23.71
CA PRO B 407 9.51 38.72 -24.72
C PRO B 407 9.29 40.18 -24.30
N HIS B 408 8.79 40.37 -23.08
CA HIS B 408 8.49 41.72 -22.60
C HIS B 408 9.12 41.95 -21.24
N CYS B 409 9.55 43.19 -20.99
CA CYS B 409 10.21 43.55 -19.73
C CYS B 409 9.36 43.19 -18.52
N GLU B 410 9.88 42.30 -17.67
CA GLU B 410 9.16 41.85 -16.50
C GLU B 410 9.61 42.60 -15.25
N ARG B 411 8.80 42.53 -14.21
CA ARG B 411 9.11 43.19 -12.95
C ARG B 411 9.92 42.28 -12.04
N ARG B 412 9.45 41.06 -11.87
CA ARG B 412 10.08 40.12 -10.95
C ARG B 412 10.93 39.12 -11.71
N SER B 413 11.97 38.61 -11.05
CA SER B 413 12.84 37.60 -11.65
C SER B 413 12.22 36.22 -11.53
N ARG B 414 12.72 35.28 -12.33
CA ARG B 414 12.18 33.92 -12.32
C ARG B 414 13.27 32.88 -12.03
N HIS B 415 12.94 31.95 -11.14
CA HIS B 415 13.84 30.86 -10.78
C HIS B 415 13.57 29.64 -11.64
N ILE B 416 14.59 29.21 -12.37
CA ILE B 416 14.45 28.10 -13.31
C ILE B 416 15.49 27.01 -13.04
N ILE B 417 15.09 25.76 -13.25
CA ILE B 417 15.99 24.63 -13.06
C ILE B 417 16.10 23.78 -14.32
N ILE B 418 17.32 23.65 -14.83
CA ILE B 418 17.60 22.74 -15.93
C ILE B 418 18.31 21.51 -15.37
N LYS B 419 17.76 20.32 -15.62
CA LYS B 419 18.34 19.10 -15.07
C LYS B 419 18.10 17.92 -16.00
N PRO B 420 18.93 16.87 -15.86
CA PRO B 420 18.72 15.63 -16.62
C PRO B 420 17.54 14.82 -16.08
N VAL B 421 16.82 14.13 -16.96
CA VAL B 421 15.72 13.28 -16.57
C VAL B 421 16.21 12.08 -15.76
N GLY B 422 15.67 11.92 -14.55
CA GLY B 422 15.99 10.76 -13.74
C GLY B 422 17.14 11.01 -12.78
N LEU B 423 18.00 11.96 -13.12
CA LEU B 423 19.17 12.26 -12.31
C LEU B 423 18.94 13.40 -11.35
N GLY B 424 19.64 13.36 -10.21
CA GLY B 424 19.47 14.36 -9.17
C GLY B 424 20.12 15.69 -9.50
N ASP B 425 21.26 15.63 -10.19
CA ASP B 425 22.03 16.83 -10.55
C ASP B 425 21.17 17.87 -11.26
N ALA B 426 21.42 19.14 -10.98
CA ALA B 426 20.60 20.21 -11.52
C ALA B 426 21.42 21.46 -11.83
N LEU B 427 20.90 22.27 -12.75
CA LEU B 427 21.53 23.54 -13.09
C LEU B 427 20.60 24.67 -12.68
N GLU B 428 20.93 25.36 -11.60
CA GLU B 428 20.13 26.49 -11.16
C GLU B 428 20.27 27.65 -12.14
N LEU B 429 19.14 28.24 -12.52
CA LEU B 429 19.15 29.36 -13.46
C LEU B 429 18.37 30.54 -12.89
N LEU B 430 19.08 31.62 -12.59
CA LEU B 430 18.45 32.84 -12.10
C LEU B 430 18.29 33.86 -13.22
N VAL B 431 17.10 33.91 -13.82
CA VAL B 431 16.81 34.83 -14.92
C VAL B 431 16.28 36.16 -14.40
N SER B 432 17.12 37.19 -14.48
CA SER B 432 16.75 38.52 -14.00
C SER B 432 16.65 39.51 -15.14
N PRO B 433 15.53 40.23 -15.23
CA PRO B 433 15.30 41.19 -16.31
C PRO B 433 16.11 42.47 -16.15
N GLU B 434 16.58 43.02 -17.27
CA GLU B 434 17.23 44.32 -17.28
C GLU B 434 16.54 45.25 -18.26
N CYS B 435 15.66 46.11 -17.72
CA CYS B 435 14.83 46.97 -18.55
C CYS B 435 15.00 48.44 -18.21
N ASN B 436 15.97 48.75 -17.34
CA ASN B 436 16.17 50.11 -16.87
C ASN B 436 17.53 50.66 -17.29
N CYS B 437 17.66 51.99 -17.31
CA CYS B 437 18.90 52.62 -17.70
C CYS B 437 19.80 52.86 -16.48
N ASP B 438 21.03 53.29 -16.73
CA ASP B 438 21.99 53.54 -15.66
C ASP B 438 21.85 54.95 -15.10
N CYS B 439 21.41 55.89 -15.93
CA CYS B 439 21.29 57.27 -15.50
C CYS B 439 20.14 57.47 -14.52
N GLN B 440 19.08 56.69 -14.70
CA GLN B 440 17.90 56.80 -13.84
C GLN B 440 18.00 55.86 -12.64
N VAL B 445 15.72 65.99 -10.20
CA VAL B 445 14.56 66.87 -10.07
C VAL B 445 15.00 68.28 -9.67
N ASN B 446 14.53 69.26 -10.44
CA ASN B 446 14.87 70.67 -10.21
C ASN B 446 16.38 70.89 -10.18
N SER B 447 17.06 70.44 -11.23
CA SER B 447 18.52 70.52 -11.30
C SER B 447 19.01 71.91 -11.65
N SER B 448 20.29 72.16 -11.40
CA SER B 448 20.91 73.44 -11.71
C SER B 448 21.40 73.47 -13.16
N LYS B 449 21.18 72.36 -13.87
CA LYS B 449 21.56 72.25 -15.26
C LYS B 449 20.51 72.93 -16.14
N CYS B 450 19.36 73.22 -15.54
CA CYS B 450 18.28 73.90 -16.24
C CYS B 450 18.20 75.35 -15.75
N HIS B 451 17.26 76.12 -16.29
CA HIS B 451 17.11 77.50 -15.89
C HIS B 451 16.59 77.60 -14.45
N ASN B 452 17.53 77.63 -13.51
CA ASN B 452 17.22 77.80 -12.08
C ASN B 452 16.25 76.78 -11.52
N GLY B 453 16.37 75.54 -11.99
CA GLY B 453 15.56 74.45 -11.46
C GLY B 453 14.11 74.55 -11.89
N ASN B 454 13.89 74.90 -13.15
CA ASN B 454 12.54 75.04 -13.68
C ASN B 454 12.02 73.70 -14.20
N GLY B 455 12.88 72.69 -14.21
CA GLY B 455 12.51 71.37 -14.67
C GLY B 455 13.44 70.28 -14.14
N SER B 456 13.07 69.03 -14.34
CA SER B 456 13.88 67.90 -13.89
C SER B 456 14.80 67.40 -15.00
N PHE B 457 16.01 67.01 -14.61
CA PHE B 457 17.01 66.52 -15.56
C PHE B 457 17.24 65.01 -15.42
N GLN B 458 17.35 64.34 -16.56
CA GLN B 458 17.59 62.90 -16.56
C GLN B 458 18.28 62.45 -17.85
N CYS B 459 19.22 61.52 -17.71
CA CYS B 459 19.94 60.93 -18.82
C CYS B 459 20.71 61.96 -19.66
N GLY B 460 20.26 62.22 -20.88
CA GLY B 460 20.96 63.16 -21.74
C GLY B 460 20.17 64.38 -22.19
N VAL B 461 18.86 64.37 -21.95
CA VAL B 461 18.01 65.50 -22.32
C VAL B 461 17.20 65.98 -21.12
N CYS B 462 17.20 67.29 -20.89
CA CYS B 462 16.47 67.90 -19.78
C CYS B 462 15.00 68.17 -20.14
N ALA B 463 14.10 67.74 -19.26
CA ALA B 463 12.67 67.98 -19.45
C ALA B 463 12.15 69.06 -18.52
N CYS B 464 11.90 70.26 -19.06
CA CYS B 464 11.45 71.39 -18.25
C CYS B 464 9.94 71.40 -18.02
N HIS B 465 9.51 72.25 -17.09
CA HIS B 465 8.09 72.38 -16.76
C HIS B 465 7.49 73.58 -17.49
N PRO B 466 6.18 73.53 -17.77
CA PRO B 466 5.50 74.65 -18.42
C PRO B 466 5.45 75.90 -17.55
N GLY B 470 13.10 72.68 -26.34
CA GLY B 470 14.43 73.10 -25.92
C GLY B 470 14.84 72.45 -24.62
N PRO B 471 16.14 72.13 -24.48
CA PRO B 471 16.68 71.48 -23.28
C PRO B 471 16.47 72.32 -22.02
N ARG B 472 16.81 73.60 -22.10
CA ARG B 472 16.65 74.50 -20.97
C ARG B 472 15.31 75.23 -21.02
N CYS B 473 14.90 75.78 -19.89
CA CYS B 473 13.59 76.44 -19.78
C CYS B 473 13.62 77.92 -20.12
N GLU B 474 13.74 78.23 -21.41
CA GLU B 474 13.77 79.63 -21.85
C GLU B 474 12.49 80.01 -22.59
N PHE C 1 24.03 -31.01 6.98
CA PHE C 1 23.53 -32.19 6.28
C PHE C 1 24.51 -33.35 6.46
N ASN C 2 25.76 -33.00 6.79
CA ASN C 2 26.85 -33.96 6.88
C ASN C 2 27.14 -34.49 8.29
N LEU C 3 26.22 -34.23 9.22
CA LEU C 3 26.31 -34.76 10.58
C LEU C 3 25.95 -36.24 10.65
N ASP C 4 26.80 -37.03 11.32
CA ASP C 4 26.57 -38.47 11.45
C ASP C 4 25.54 -38.85 12.50
N VAL C 5 24.41 -39.33 12.03
CA VAL C 5 23.29 -39.71 12.87
C VAL C 5 23.15 -41.22 13.03
N ASP C 6 23.94 -42.01 12.31
CA ASP C 6 23.82 -43.46 12.41
C ASP C 6 24.40 -43.99 13.71
N SER C 7 25.58 -43.50 14.05
CA SER C 7 26.26 -43.91 15.27
C SER C 7 26.86 -42.72 16.02
N PRO C 8 26.01 -41.88 16.62
CA PRO C 8 26.53 -40.77 17.40
C PRO C 8 26.88 -41.22 18.82
N ALA C 9 27.80 -40.51 19.48
CA ALA C 9 28.19 -40.85 20.84
C ALA C 9 27.21 -40.40 21.92
N GLU C 10 26.73 -41.38 22.69
CA GLU C 10 25.74 -41.14 23.74
C GLU C 10 26.34 -41.19 25.15
N TYR C 11 26.38 -40.04 25.79
CA TYR C 11 26.87 -39.93 27.17
C TYR C 11 25.70 -39.76 28.15
N SER C 12 25.79 -40.41 29.30
CA SER C 12 24.72 -40.33 30.29
C SER C 12 25.22 -40.12 31.72
N GLY C 13 24.37 -39.53 32.55
CA GLY C 13 24.68 -39.28 33.94
C GLY C 13 23.60 -39.83 34.86
N PRO C 14 23.71 -39.57 36.18
CA PRO C 14 22.73 -40.03 37.15
C PRO C 14 21.33 -39.55 36.79
N GLU C 15 20.33 -40.38 37.00
CA GLU C 15 18.97 -40.00 36.66
C GLU C 15 18.52 -38.88 37.60
N GLY C 16 17.70 -37.97 37.08
CA GLY C 16 17.19 -36.85 37.85
C GLY C 16 18.22 -35.76 38.12
N SER C 17 19.42 -35.91 37.57
CA SER C 17 20.50 -34.96 37.82
C SER C 17 20.56 -33.87 36.76
N TYR C 18 19.67 -33.95 35.77
CA TYR C 18 19.64 -33.02 34.63
C TYR C 18 20.97 -32.97 33.90
N PHE C 19 21.61 -34.13 33.79
CA PHE C 19 22.82 -34.28 32.98
C PHE C 19 22.54 -33.81 31.56
N GLY C 20 23.24 -32.77 31.12
CA GLY C 20 23.06 -32.24 29.78
C GLY C 20 22.34 -30.90 29.71
N PHE C 21 22.09 -30.31 30.87
CA PHE C 21 21.44 -29.00 30.94
C PHE C 21 22.35 -27.96 30.29
N ALA C 22 23.67 -28.15 30.43
CA ALA C 22 24.67 -27.31 29.76
C ALA C 22 25.82 -28.13 29.20
N VAL C 23 26.21 -27.87 27.96
CA VAL C 23 27.30 -28.61 27.32
C VAL C 23 28.35 -27.70 26.67
N ASP C 24 29.56 -28.20 26.54
CA ASP C 24 30.66 -27.50 25.87
C ASP C 24 31.79 -28.47 25.54
N PHE C 25 32.82 -27.97 24.87
CA PHE C 25 34.00 -28.77 24.61
C PHE C 25 35.14 -28.37 25.57
N PHE C 26 36.19 -29.18 25.55
CA PHE C 26 37.41 -28.93 26.29
C PHE C 26 38.61 -29.32 25.45
N VAL C 27 39.41 -28.33 25.08
CA VAL C 27 40.60 -28.60 24.28
C VAL C 27 41.82 -27.93 24.90
N PRO C 28 42.51 -28.69 25.77
CA PRO C 28 43.71 -28.22 26.47
C PRO C 28 44.93 -28.22 25.55
N SER C 32 47.21 -32.62 24.38
CA SER C 32 46.69 -32.74 23.02
C SER C 32 45.47 -33.65 22.97
N ARG C 33 44.95 -34.02 24.15
CA ARG C 33 43.72 -34.80 24.22
C ARG C 33 42.44 -33.99 24.07
N MET C 34 41.28 -34.63 23.80
CA MET C 34 40.05 -33.84 23.73
C MET C 34 38.96 -34.31 24.69
N PHE C 35 38.07 -33.42 25.14
CA PHE C 35 37.05 -33.85 26.10
C PHE C 35 35.66 -33.22 25.88
N LEU C 36 34.62 -33.81 26.47
CA LEU C 36 33.28 -33.20 26.53
C LEU C 36 32.96 -32.63 27.92
N LEU C 37 32.49 -31.39 27.99
CA LEU C 37 32.03 -30.84 29.26
C LEU C 37 30.51 -30.83 29.36
N VAL C 38 29.97 -31.53 30.36
CA VAL C 38 28.53 -31.62 30.53
C VAL C 38 28.14 -31.09 31.91
N GLY C 39 27.12 -30.24 31.96
CA GLY C 39 26.64 -29.75 33.24
C GLY C 39 25.54 -30.64 33.76
N ALA C 40 25.63 -30.97 35.04
CA ALA C 40 24.56 -31.66 35.74
C ALA C 40 24.25 -30.92 37.03
N PRO C 41 23.42 -29.89 36.94
CA PRO C 41 23.18 -28.95 38.04
C PRO C 41 22.41 -29.59 39.20
N LYS C 42 21.73 -30.70 38.95
CA LYS C 42 20.99 -31.37 40.02
C LYS C 42 21.72 -32.61 40.55
N ALA C 43 23.01 -32.75 40.23
CA ALA C 43 23.76 -33.93 40.60
C ALA C 43 24.22 -33.91 42.06
N ASN C 44 24.00 -35.00 42.78
CA ASN C 44 24.56 -35.17 44.12
C ASN C 44 26.07 -35.30 44.13
N THR C 45 26.73 -34.59 45.04
CA THR C 45 28.18 -34.70 45.16
C THR C 45 28.55 -35.22 46.54
N THR C 46 29.86 -35.35 46.80
CA THR C 46 30.34 -35.87 48.08
C THR C 46 30.57 -34.75 49.07
N GLN C 47 30.24 -33.52 48.67
CA GLN C 47 30.38 -32.35 49.52
C GLN C 47 29.56 -32.55 50.78
N PRO C 48 30.18 -32.33 51.94
CA PRO C 48 29.57 -32.56 53.26
C PRO C 48 28.31 -31.74 53.51
N GLY C 49 27.21 -32.46 53.70
CA GLY C 49 25.92 -31.89 54.04
C GLY C 49 25.18 -31.25 52.88
N ILE C 50 25.79 -31.28 51.70
CA ILE C 50 25.21 -30.65 50.52
C ILE C 50 24.43 -31.60 49.61
N VAL C 51 23.12 -31.41 49.55
CA VAL C 51 22.25 -32.23 48.70
C VAL C 51 22.05 -31.60 47.33
N GLU C 52 22.41 -32.34 46.28
CA GLU C 52 22.29 -31.90 44.89
C GLU C 52 22.97 -30.56 44.63
N GLY C 53 24.24 -30.47 45.01
CA GLY C 53 25.03 -29.28 44.77
C GLY C 53 25.24 -29.08 43.28
N GLY C 54 25.24 -30.19 42.55
CA GLY C 54 25.48 -30.19 41.12
C GLY C 54 26.95 -30.32 40.81
N GLN C 55 27.26 -30.80 39.62
CA GLN C 55 28.65 -30.94 39.20
C GLN C 55 28.77 -30.81 37.68
N VAL C 56 30.00 -30.63 37.23
CA VAL C 56 30.31 -30.60 35.82
C VAL C 56 31.19 -31.78 35.47
N LEU C 57 30.77 -32.59 34.49
CA LEU C 57 31.53 -33.79 34.25
C LEU C 57 32.38 -33.60 33.00
N LYS C 58 33.59 -34.15 33.09
CA LYS C 58 34.54 -34.19 31.99
C LYS C 58 34.44 -35.62 31.48
N CYS C 59 33.92 -35.74 30.27
CA CYS C 59 33.74 -37.02 29.60
C CYS C 59 34.78 -37.16 28.56
N ASP C 60 35.27 -38.39 28.39
CA ASP C 60 36.36 -38.55 27.45
C ASP C 60 35.64 -39.07 26.26
N TRP C 61 36.01 -38.51 25.11
CA TRP C 61 35.55 -39.07 23.85
C TRP C 61 36.42 -40.28 23.41
N SER C 62 37.73 -40.20 23.65
CA SER C 62 38.67 -41.23 23.22
C SER C 62 38.35 -42.59 23.84
N SER C 63 38.29 -43.61 22.98
CA SER C 63 38.02 -44.98 23.40
C SER C 63 36.78 -44.96 24.27
N THR C 64 36.86 -45.59 25.44
CA THR C 64 35.70 -45.80 26.30
C THR C 64 34.97 -44.49 26.57
N ARG C 65 33.69 -44.63 26.92
CA ARG C 65 32.82 -43.49 27.18
C ARG C 65 32.69 -43.23 28.68
N ARG C 66 33.66 -42.52 29.25
CA ARG C 66 33.72 -42.32 30.69
C ARG C 66 33.57 -40.86 31.08
N CYS C 67 32.54 -40.49 31.85
CA CYS C 67 32.50 -39.10 32.27
C CYS C 67 33.17 -39.11 33.63
N GLN C 68 33.93 -38.07 33.96
CA GLN C 68 34.56 -38.11 35.27
C GLN C 68 34.18 -36.73 35.86
N PRO C 69 33.63 -36.68 37.10
CA PRO C 69 33.34 -35.37 37.70
C PRO C 69 34.56 -34.44 37.89
N ILE C 70 34.45 -33.16 37.54
CA ILE C 70 35.55 -32.22 37.83
C ILE C 70 35.39 -31.53 39.19
N GLU C 71 36.34 -31.73 40.09
CA GLU C 71 36.26 -31.12 41.42
C GLU C 71 36.61 -29.63 41.41
N PHE C 72 35.60 -28.79 41.30
CA PHE C 72 35.80 -27.34 41.37
C PHE C 72 35.83 -26.95 42.84
N ASP C 73 34.99 -27.63 43.62
CA ASP C 73 34.88 -27.36 45.04
C ASP C 73 34.38 -28.61 45.77
N ALA C 74 35.18 -29.08 46.73
CA ALA C 74 34.86 -30.27 47.49
C ALA C 74 34.31 -29.95 48.87
N THR C 75 34.41 -28.67 49.25
CA THR C 75 34.03 -28.23 50.59
C THR C 75 32.51 -28.04 50.74
N GLY C 76 32.05 -28.07 51.98
CA GLY C 76 30.65 -27.80 52.26
C GLY C 76 30.44 -26.32 52.48
N ASN C 77 29.46 -25.96 53.30
CA ASN C 77 29.17 -24.55 53.57
C ASN C 77 30.15 -23.90 54.56
N ARG C 78 30.86 -22.88 54.11
CA ARG C 78 31.68 -22.08 55.02
C ARG C 78 30.83 -21.40 56.06
N ASP C 79 31.38 -21.22 57.24
CA ASP C 79 30.72 -20.51 58.33
C ASP C 79 31.14 -19.03 58.35
N TYR C 80 30.15 -18.14 58.46
CA TYR C 80 30.40 -16.72 58.72
C TYR C 80 30.90 -16.54 60.15
N ALA C 81 30.26 -17.24 61.07
CA ALA C 81 30.68 -17.26 62.48
C ALA C 81 30.30 -18.62 63.06
N LYS C 82 30.61 -18.85 64.32
CA LYS C 82 30.25 -20.12 64.95
C LYS C 82 28.74 -20.37 64.93
N ASP C 83 28.35 -21.53 64.39
CA ASP C 83 26.94 -21.92 64.26
C ASP C 83 26.13 -20.96 63.37
N ASP C 84 26.84 -20.26 62.48
CA ASP C 84 26.25 -19.28 61.56
C ASP C 84 26.77 -19.44 60.14
N PRO C 85 26.16 -20.36 59.36
CA PRO C 85 26.64 -20.67 58.01
C PRO C 85 26.61 -19.45 57.09
N LEU C 86 27.68 -19.30 56.32
CA LEU C 86 27.86 -18.18 55.39
C LEU C 86 27.14 -18.40 54.06
N GLU C 87 27.05 -19.64 53.62
CA GLU C 87 26.53 -19.95 52.31
C GLU C 87 25.62 -21.16 52.31
N PHE C 88 24.91 -21.37 51.21
CA PHE C 88 24.00 -22.49 51.07
C PHE C 88 24.18 -23.07 49.69
N LYS C 89 24.94 -24.17 49.63
CA LYS C 89 25.34 -24.73 48.36
C LYS C 89 24.39 -25.81 47.91
N SER C 90 23.50 -26.24 48.79
CA SER C 90 22.51 -27.24 48.43
C SER C 90 21.56 -26.67 47.39
N HIS C 91 21.29 -27.45 46.35
CA HIS C 91 20.40 -27.05 45.27
C HIS C 91 20.85 -25.75 44.61
N GLN C 92 22.16 -25.56 44.50
CA GLN C 92 22.70 -24.32 43.95
C GLN C 92 22.77 -24.35 42.44
N TRP C 93 22.50 -25.53 41.86
CA TRP C 93 22.50 -25.73 40.41
C TRP C 93 23.86 -25.43 39.82
N PHE C 94 24.91 -25.89 40.48
CA PHE C 94 26.25 -25.73 39.94
C PHE C 94 26.39 -26.55 38.67
N GLY C 95 26.81 -25.92 37.59
CA GLY C 95 26.88 -26.58 36.31
C GLY C 95 25.68 -26.26 35.46
N ALA C 96 24.92 -25.24 35.87
CA ALA C 96 23.78 -24.77 35.11
C ALA C 96 24.29 -24.07 33.86
N SER C 97 25.49 -23.52 33.95
CA SER C 97 26.14 -22.94 32.78
C SER C 97 27.63 -23.28 32.79
N VAL C 98 28.10 -23.89 31.70
CA VAL C 98 29.51 -24.22 31.55
C VAL C 98 30.14 -23.64 30.27
N ARG C 99 31.28 -22.98 30.41
CA ARG C 99 31.95 -22.35 29.26
C ARG C 99 33.45 -22.58 29.35
N SER C 100 34.05 -23.01 28.24
CA SER C 100 35.47 -23.35 28.23
C SER C 100 36.25 -22.69 27.10
N LYS C 101 37.45 -22.21 27.44
CA LYS C 101 38.40 -21.62 26.49
C LYS C 101 39.82 -22.10 26.76
N GLN C 102 40.34 -22.98 25.90
CA GLN C 102 41.68 -23.54 26.05
C GLN C 102 41.82 -24.30 27.37
N ASP C 103 42.70 -23.82 28.26
CA ASP C 103 42.86 -24.52 29.53
C ASP C 103 41.99 -23.94 30.63
N LYS C 104 41.03 -23.10 30.26
CA LYS C 104 40.12 -22.52 31.26
C LYS C 104 38.74 -23.14 31.18
N ILE C 105 38.19 -23.49 32.34
CA ILE C 105 36.82 -23.99 32.43
C ILE C 105 36.09 -23.16 33.46
N LEU C 106 35.02 -22.52 33.00
CA LEU C 106 34.17 -21.71 33.87
C LEU C 106 32.80 -22.33 34.02
N ALA C 107 32.45 -22.67 35.25
CA ALA C 107 31.12 -23.20 35.57
C ALA C 107 30.50 -22.37 36.67
N CYS C 108 29.17 -22.31 36.69
CA CYS C 108 28.48 -21.42 37.62
C CYS C 108 27.31 -22.08 38.34
N ALA C 109 26.94 -21.50 39.48
CA ALA C 109 25.81 -21.95 40.28
C ALA C 109 24.85 -20.80 40.49
N PRO C 110 23.89 -20.63 39.56
CA PRO C 110 22.95 -19.51 39.54
C PRO C 110 22.06 -19.46 40.78
N LEU C 111 21.77 -20.62 41.36
CA LEU C 111 20.90 -20.66 42.53
C LEU C 111 21.69 -20.81 43.84
N TYR C 112 22.98 -20.49 43.80
CA TYR C 112 23.79 -20.40 45.01
C TYR C 112 23.32 -19.22 45.86
N HIS C 113 22.99 -19.46 47.13
CA HIS C 113 22.61 -18.35 48.00
C HIS C 113 23.66 -18.06 49.05
N TRP C 114 23.78 -16.82 49.52
CA TRP C 114 24.67 -16.65 50.65
C TRP C 114 24.19 -15.68 51.70
N ARG C 115 24.89 -15.74 52.82
CA ARG C 115 24.46 -15.05 54.01
C ARG C 115 25.04 -13.63 53.96
N THR C 116 24.37 -12.62 54.48
CA THR C 116 24.71 -11.25 54.17
C THR C 116 25.81 -11.12 55.23
N GLU C 117 26.68 -10.12 55.25
CA GLU C 117 27.72 -10.21 56.28
C GLU C 117 27.25 -9.30 57.39
N MET C 118 26.07 -8.73 57.16
CA MET C 118 25.47 -7.83 58.11
C MET C 118 24.44 -8.63 58.91
N LYS C 119 23.34 -9.01 58.27
CA LYS C 119 22.30 -9.81 58.93
C LYS C 119 22.26 -11.24 58.37
N GLN C 120 21.39 -12.07 58.92
CA GLN C 120 21.27 -13.47 58.50
C GLN C 120 20.26 -13.64 57.37
N GLU C 121 20.71 -13.48 56.13
CA GLU C 121 19.81 -13.65 55.00
C GLU C 121 20.15 -14.87 54.18
N ARG C 122 19.43 -15.03 53.08
CA ARG C 122 19.67 -16.11 52.13
C ARG C 122 19.40 -15.62 50.72
N GLU C 123 20.40 -14.94 50.15
CA GLU C 123 20.23 -14.22 48.90
C GLU C 123 21.00 -14.90 47.77
N PRO C 124 20.30 -15.22 46.67
CA PRO C 124 20.85 -15.92 45.51
C PRO C 124 21.75 -15.07 44.64
N VAL C 125 22.98 -14.82 45.07
CA VAL C 125 23.89 -13.97 44.33
C VAL C 125 24.54 -14.77 43.21
N GLY C 126 24.49 -16.09 43.29
CA GLY C 126 25.15 -16.93 42.31
C GLY C 126 26.66 -16.91 42.48
N THR C 127 27.32 -18.01 42.12
CA THR C 127 28.77 -18.04 42.20
C THR C 127 29.36 -18.89 41.08
N CYS C 128 30.59 -18.57 40.70
CA CYS C 128 31.30 -19.32 39.68
C CYS C 128 32.67 -19.81 40.16
N PHE C 129 33.09 -20.96 39.64
CA PHE C 129 34.44 -21.46 39.81
C PHE C 129 35.23 -21.48 38.51
N LEU C 130 36.43 -20.91 38.50
CA LEU C 130 37.24 -20.91 37.29
C LEU C 130 38.45 -21.80 37.52
N GLN C 131 38.68 -22.72 36.59
CA GLN C 131 39.78 -23.69 36.65
C GLN C 131 40.79 -23.61 35.52
N ASP C 132 41.97 -23.04 35.79
CA ASP C 132 43.01 -23.00 34.76
C ASP C 132 44.10 -24.01 35.06
N GLY C 133 44.07 -25.14 34.37
CA GLY C 133 45.08 -26.16 34.59
C GLY C 133 45.02 -26.73 36.00
N THR C 134 45.88 -26.20 36.85
CA THR C 134 45.99 -26.65 38.23
C THR C 134 45.21 -25.72 39.18
N LYS C 135 45.45 -24.41 39.10
CA LYS C 135 44.76 -23.48 40.01
C LYS C 135 43.26 -23.32 39.75
N THR C 136 42.48 -23.44 40.80
CA THR C 136 41.04 -23.23 40.79
C THR C 136 40.60 -22.06 41.69
N VAL C 137 39.91 -21.06 41.14
CA VAL C 137 39.51 -19.92 41.98
C VAL C 137 37.99 -19.77 41.98
N GLU C 138 37.47 -19.05 42.98
CA GLU C 138 36.04 -18.73 43.00
C GLU C 138 35.80 -17.35 42.42
N TYR C 139 34.64 -17.17 41.80
CA TYR C 139 34.29 -15.90 41.19
C TYR C 139 32.83 -15.57 41.43
N ALA C 140 32.57 -14.66 42.37
CA ALA C 140 31.20 -14.25 42.68
C ALA C 140 31.13 -12.74 42.72
N PRO C 141 31.03 -12.11 41.54
CA PRO C 141 31.04 -10.65 41.40
C PRO C 141 29.78 -9.99 41.94
N CYS C 142 28.72 -10.76 42.17
CA CYS C 142 27.50 -10.18 42.72
C CYS C 142 27.46 -10.33 44.25
N ARG C 143 28.34 -11.16 44.79
CA ARG C 143 28.48 -11.32 46.23
C ARG C 143 29.27 -10.13 46.80
N SER C 144 28.59 -9.00 46.96
CA SER C 144 29.18 -7.70 47.35
C SER C 144 28.55 -7.09 48.61
N GLN C 145 28.81 -5.80 48.84
CA GLN C 145 28.19 -5.06 49.94
C GLN C 145 26.89 -4.45 49.48
N ASP C 146 26.65 -4.48 48.17
CA ASP C 146 25.38 -4.06 47.60
C ASP C 146 24.32 -5.17 47.72
N ILE C 147 23.71 -5.31 48.90
CA ILE C 147 22.85 -6.46 49.18
C ILE C 147 21.37 -6.23 48.90
N ASP C 148 20.57 -7.28 49.11
CA ASP C 148 19.11 -7.24 48.92
C ASP C 148 18.74 -7.02 47.45
N ALA C 149 17.45 -7.13 47.14
CA ALA C 149 16.96 -7.07 45.76
C ALA C 149 17.31 -5.74 45.06
N ASP C 150 17.26 -4.63 45.79
CA ASP C 150 17.61 -3.33 45.23
C ASP C 150 19.07 -3.33 44.71
N GLY C 151 19.91 -4.16 45.31
CA GLY C 151 21.29 -4.27 44.89
C GLY C 151 21.57 -5.52 44.08
N GLN C 152 22.60 -6.27 44.46
CA GLN C 152 22.99 -7.45 43.71
C GLN C 152 22.66 -8.73 44.46
N GLY C 153 21.80 -8.60 45.47
CA GLY C 153 21.41 -9.72 46.30
C GLY C 153 20.74 -10.87 45.58
N PHE C 154 19.96 -10.56 44.55
CA PHE C 154 19.21 -11.59 43.87
C PHE C 154 19.68 -11.69 42.43
N CYS C 155 20.94 -11.31 42.25
CA CYS C 155 21.58 -11.24 40.95
C CYS C 155 21.62 -12.57 40.21
N GLN C 156 21.90 -13.65 40.94
CA GLN C 156 22.09 -14.96 40.32
C GLN C 156 23.17 -14.87 39.25
N GLY C 157 24.32 -14.35 39.64
CA GLY C 157 25.44 -14.19 38.73
C GLY C 157 25.86 -15.53 38.17
N GLY C 158 26.13 -15.55 36.86
CA GLY C 158 26.52 -16.77 36.17
C GLY C 158 25.34 -17.49 35.55
N PHE C 159 24.19 -16.83 35.51
CA PHE C 159 23.00 -17.38 34.87
C PHE C 159 23.33 -17.63 33.39
N SER C 160 24.12 -16.72 32.81
CA SER C 160 24.71 -16.94 31.50
C SER C 160 26.14 -16.41 31.50
N ILE C 161 27.03 -17.09 30.78
CA ILE C 161 28.44 -16.71 30.71
C ILE C 161 29.04 -16.85 29.32
N ASP C 162 30.21 -16.25 29.12
CA ASP C 162 30.92 -16.35 27.85
C ASP C 162 32.36 -15.84 28.00
N PHE C 163 33.22 -16.26 27.07
CA PHE C 163 34.58 -15.74 26.98
C PHE C 163 34.75 -14.82 25.77
N THR C 164 35.59 -13.80 25.92
CA THR C 164 36.00 -12.98 24.79
C THR C 164 37.28 -13.59 24.22
N LYS C 165 37.76 -13.03 23.12
CA LYS C 165 38.96 -13.55 22.46
C LYS C 165 40.21 -13.02 23.13
N ALA C 166 40.06 -12.10 24.07
CA ALA C 166 41.22 -11.57 24.76
C ALA C 166 41.18 -12.00 26.21
N ASP C 167 40.59 -13.17 26.43
CA ASP C 167 40.55 -13.81 27.75
C ASP C 167 39.87 -12.91 28.76
N ARG C 168 38.73 -12.36 28.38
CA ARG C 168 37.86 -11.70 29.34
C ARG C 168 36.56 -12.49 29.48
N VAL C 169 36.06 -12.58 30.71
CA VAL C 169 34.77 -13.22 30.97
C VAL C 169 33.59 -12.26 30.90
N LEU C 170 32.50 -12.72 30.28
CA LEU C 170 31.23 -12.00 30.30
C LEU C 170 30.21 -12.80 31.12
N LEU C 171 29.71 -12.21 32.21
CA LEU C 171 28.76 -12.91 33.09
C LEU C 171 27.41 -12.19 33.15
N GLY C 172 26.32 -12.95 33.10
CA GLY C 172 24.99 -12.40 33.19
C GLY C 172 24.25 -12.64 34.49
N GLY C 173 23.65 -11.59 35.01
CA GLY C 173 22.86 -11.67 36.22
C GLY C 173 21.50 -11.02 36.17
N PRO C 174 20.45 -11.78 35.87
CA PRO C 174 19.10 -11.26 35.56
C PRO C 174 18.38 -10.63 36.77
N GLY C 175 18.83 -10.88 38.00
CA GLY C 175 18.10 -10.42 39.16
C GLY C 175 18.58 -9.11 39.78
N SER C 176 19.74 -8.61 39.35
CA SER C 176 20.29 -7.39 39.92
C SER C 176 19.32 -6.22 39.81
N PHE C 177 19.32 -5.39 40.85
CA PHE C 177 18.57 -4.14 40.86
C PHE C 177 17.09 -4.36 40.60
N TYR C 178 16.45 -5.16 41.44
CA TYR C 178 15.04 -5.53 41.26
C TYR C 178 14.81 -6.10 39.86
N TRP C 179 15.70 -7.01 39.45
CA TRP C 179 15.57 -7.76 38.20
C TRP C 179 15.63 -6.89 36.94
N GLN C 180 16.32 -5.76 37.05
CA GLN C 180 16.76 -5.04 35.86
C GLN C 180 17.75 -5.90 35.11
N GLY C 181 18.48 -6.72 35.86
CA GLY C 181 19.52 -7.57 35.30
C GLY C 181 20.82 -6.80 35.21
N GLN C 182 21.91 -7.52 34.96
CA GLN C 182 23.22 -6.90 34.87
C GLN C 182 24.23 -7.71 34.07
N LEU C 183 25.13 -7.02 33.36
CA LEU C 183 26.29 -7.69 32.78
C LEU C 183 27.51 -7.25 33.55
N ILE C 184 28.29 -8.24 33.95
CA ILE C 184 29.54 -7.99 34.63
C ILE C 184 30.64 -8.64 33.79
N SER C 185 31.70 -7.89 33.52
CA SER C 185 32.82 -8.43 32.76
C SER C 185 34.17 -8.23 33.43
N ASP C 186 34.89 -9.34 33.66
CA ASP C 186 36.23 -9.25 34.20
C ASP C 186 37.25 -10.01 33.38
N GLN C 187 38.45 -9.45 33.35
CA GLN C 187 39.61 -10.08 32.74
C GLN C 187 40.02 -11.28 33.60
N VAL C 188 40.22 -12.42 32.95
CA VAL C 188 40.53 -13.68 33.61
C VAL C 188 41.77 -13.60 34.51
N ALA C 189 42.67 -12.67 34.21
CA ALA C 189 43.89 -12.57 35.00
C ALA C 189 43.57 -11.98 36.38
N GLU C 190 42.69 -10.98 36.43
CA GLU C 190 42.35 -10.39 37.72
C GLU C 190 41.48 -11.29 38.58
N ILE C 191 40.67 -12.14 37.95
CA ILE C 191 39.82 -13.07 38.67
C ILE C 191 40.69 -14.00 39.48
N VAL C 192 41.74 -14.54 38.87
CA VAL C 192 42.59 -15.47 39.60
C VAL C 192 43.54 -14.72 40.54
N SER C 193 44.07 -13.58 40.09
CA SER C 193 45.08 -12.85 40.86
C SER C 193 44.59 -12.15 42.14
N LYS C 194 43.40 -11.56 42.07
CA LYS C 194 42.84 -10.83 43.20
C LYS C 194 41.99 -11.75 44.06
N TYR C 195 42.03 -13.03 43.73
CA TYR C 195 41.27 -14.03 44.46
C TYR C 195 41.86 -14.19 45.87
N ASP C 196 40.97 -14.24 46.86
CA ASP C 196 41.37 -14.41 48.25
C ASP C 196 40.29 -15.19 49.00
N PRO C 197 40.65 -16.41 49.46
CA PRO C 197 39.70 -17.33 50.11
C PRO C 197 39.12 -16.82 51.42
N ASN C 198 39.69 -15.75 51.98
CA ASN C 198 39.17 -15.18 53.21
C ASN C 198 38.35 -13.92 52.95
N VAL C 199 38.28 -13.55 51.68
CA VAL C 199 37.47 -12.43 51.24
C VAL C 199 36.31 -12.90 50.37
N TYR C 200 35.09 -12.59 50.79
CA TYR C 200 33.88 -13.12 50.16
C TYR C 200 33.37 -12.13 49.14
N SER C 201 33.85 -10.90 49.24
CA SER C 201 33.48 -9.86 48.29
C SER C 201 34.74 -9.22 47.74
N ILE C 202 35.21 -9.76 46.64
CA ILE C 202 36.47 -9.36 46.03
C ILE C 202 36.28 -8.26 45.00
N LYS C 203 37.06 -7.19 45.14
CA LYS C 203 37.03 -6.07 44.23
C LYS C 203 38.08 -6.26 43.14
N TYR C 204 37.63 -6.18 41.89
CA TYR C 204 38.50 -6.29 40.73
C TYR C 204 38.64 -4.90 40.13
N ASN C 205 39.88 -4.54 39.84
CA ASN C 205 40.18 -3.17 39.41
C ASN C 205 39.71 -2.85 37.99
N ASN C 206 39.90 -3.79 37.08
CA ASN C 206 39.52 -3.63 35.67
C ASN C 206 38.12 -4.12 35.32
N GLN C 207 37.21 -4.14 36.29
CA GLN C 207 35.85 -4.62 36.07
C GLN C 207 34.97 -3.69 35.23
N LEU C 208 34.26 -4.28 34.27
CA LEU C 208 33.24 -3.57 33.50
C LEU C 208 31.86 -4.08 33.91
N ALA C 209 30.98 -3.18 34.28
CA ALA C 209 29.63 -3.58 34.72
C ALA C 209 28.56 -2.56 34.36
N THR C 210 27.36 -3.06 34.05
CA THR C 210 26.25 -2.17 33.82
C THR C 210 25.84 -1.65 35.20
N ARG C 211 25.33 -0.42 35.23
CA ARG C 211 24.98 0.24 36.47
C ARG C 211 23.47 0.17 36.70
N THR C 212 23.03 0.41 37.93
CA THR C 212 21.60 0.41 38.22
C THR C 212 20.92 1.58 37.51
N ALA C 213 19.73 1.32 36.96
CA ALA C 213 19.01 2.36 36.23
C ALA C 213 17.70 2.69 36.91
N GLN C 214 16.86 3.49 36.25
CA GLN C 214 15.58 3.89 36.84
C GLN C 214 14.65 2.70 37.05
N ALA C 215 13.70 2.89 37.98
CA ALA C 215 12.80 1.83 38.40
C ALA C 215 11.91 1.28 37.28
N ILE C 216 11.77 2.06 36.22
CA ILE C 216 10.93 1.66 35.09
C ILE C 216 11.56 0.46 34.38
N PHE C 217 12.87 0.30 34.55
CA PHE C 217 13.61 -0.77 33.93
C PHE C 217 13.68 -2.03 34.79
N ASP C 218 13.04 -2.02 35.96
CA ASP C 218 12.94 -3.24 36.77
C ASP C 218 12.23 -4.37 36.05
N ASP C 219 12.54 -5.61 36.43
CA ASP C 219 11.88 -6.78 35.86
C ASP C 219 12.10 -6.86 34.34
N SER C 220 13.36 -6.79 33.94
CA SER C 220 13.76 -6.80 32.52
C SER C 220 14.56 -8.06 32.19
N TYR C 221 15.27 -8.59 33.18
CA TYR C 221 16.11 -9.79 33.08
C TYR C 221 17.29 -9.67 32.12
N LEU C 222 17.98 -8.54 32.12
CA LEU C 222 19.23 -8.39 31.38
C LEU C 222 20.28 -9.39 31.87
N GLY C 223 20.89 -10.12 30.94
CA GLY C 223 21.90 -11.09 31.33
C GLY C 223 21.32 -12.49 31.35
N TYR C 224 20.10 -12.60 30.88
CA TYR C 224 19.39 -13.86 30.79
C TYR C 224 20.14 -14.81 29.86
N SER C 225 20.70 -14.24 28.79
CA SER C 225 21.57 -14.96 27.88
C SER C 225 22.66 -14.02 27.38
N VAL C 226 23.80 -14.56 26.98
CA VAL C 226 24.89 -13.71 26.50
C VAL C 226 25.61 -14.30 25.31
N ALA C 227 26.31 -13.44 24.59
CA ALA C 227 27.12 -13.82 23.45
C ALA C 227 28.11 -12.72 23.20
N VAL C 228 29.19 -13.04 22.48
CA VAL C 228 30.24 -12.06 22.22
C VAL C 228 30.56 -11.98 20.74
N GLY C 229 31.07 -10.82 20.32
CA GLY C 229 31.42 -10.56 18.94
C GLY C 229 31.71 -9.09 18.76
N ASP C 230 32.50 -8.76 17.73
CA ASP C 230 32.86 -7.36 17.49
C ASP C 230 31.78 -6.67 16.65
N PHE C 231 31.38 -5.48 17.05
CA PHE C 231 30.29 -4.78 16.39
C PHE C 231 30.58 -3.29 16.15
N ASN C 232 31.80 -2.85 16.44
CA ASN C 232 32.22 -1.50 16.10
C ASN C 232 33.59 -1.51 15.44
N GLY C 233 34.01 -2.70 15.04
CA GLY C 233 35.21 -2.87 14.26
C GLY C 233 36.49 -2.38 14.90
N ASP C 234 36.70 -2.74 16.15
CA ASP C 234 37.92 -2.34 16.84
C ASP C 234 38.66 -3.56 17.39
N GLY C 235 38.21 -4.74 16.98
CA GLY C 235 38.86 -5.99 17.33
C GLY C 235 38.51 -6.56 18.69
N ILE C 236 37.86 -5.75 19.51
CA ILE C 236 37.47 -6.15 20.86
C ILE C 236 36.06 -6.71 20.88
N ASP C 237 35.92 -7.95 21.36
CA ASP C 237 34.63 -8.58 21.46
C ASP C 237 33.70 -7.76 22.33
N ASP C 238 32.53 -7.48 21.79
CA ASP C 238 31.53 -6.68 22.48
C ASP C 238 30.47 -7.59 23.08
N PHE C 239 29.68 -7.03 23.99
CA PHE C 239 28.76 -7.81 24.79
C PHE C 239 27.33 -7.78 24.26
N VAL C 240 26.82 -8.95 23.88
CA VAL C 240 25.43 -9.07 23.45
C VAL C 240 24.63 -9.80 24.52
N SER C 241 23.44 -9.30 24.85
CA SER C 241 22.66 -9.93 25.90
C SER C 241 21.16 -9.78 25.70
N GLY C 242 20.44 -10.87 25.94
CA GLY C 242 18.99 -10.84 25.88
C GLY C 242 18.35 -10.24 27.11
N VAL C 243 17.36 -9.38 26.87
CA VAL C 243 16.62 -8.76 27.96
C VAL C 243 15.13 -9.02 27.76
N PRO C 244 14.69 -10.27 27.96
CA PRO C 244 13.43 -10.80 27.46
C PRO C 244 12.16 -10.15 28.04
N ARG C 245 12.24 -9.54 29.22
CA ARG C 245 11.07 -8.90 29.79
C ARG C 245 11.04 -7.37 29.62
N ALA C 246 12.09 -6.80 29.02
CA ALA C 246 12.18 -5.37 28.76
C ALA C 246 11.08 -4.91 27.79
N ALA C 247 10.85 -3.60 27.70
CA ALA C 247 9.81 -3.07 26.81
C ALA C 247 8.43 -3.71 27.01
N ARG C 248 8.02 -3.86 28.26
CA ARG C 248 6.71 -4.43 28.60
C ARG C 248 6.47 -5.80 27.98
N THR C 249 7.43 -6.69 28.24
CA THR C 249 7.40 -8.10 27.83
C THR C 249 7.45 -8.24 26.32
N LEU C 250 7.79 -7.16 25.63
CA LEU C 250 8.11 -7.22 24.21
C LEU C 250 9.47 -7.87 24.03
N GLY C 251 10.34 -7.63 25.02
CA GLY C 251 11.67 -8.19 25.01
C GLY C 251 12.66 -7.37 24.19
N MET C 252 13.89 -7.29 24.66
CA MET C 252 14.93 -6.58 23.93
C MET C 252 16.25 -7.31 23.98
N VAL C 253 17.18 -6.86 23.16
CA VAL C 253 18.55 -7.33 23.22
C VAL C 253 19.48 -6.13 23.22
N TYR C 254 20.31 -6.04 24.25
CA TYR C 254 21.26 -4.95 24.38
C TYR C 254 22.62 -5.35 23.85
N ILE C 255 23.26 -4.44 23.13
CA ILE C 255 24.65 -4.61 22.77
C ILE C 255 25.48 -3.51 23.43
N TYR C 256 26.50 -3.91 24.17
CA TYR C 256 27.40 -2.98 24.84
C TYR C 256 28.80 -3.12 24.26
N ASP C 257 29.51 -1.99 24.22
CA ASP C 257 30.90 -1.99 23.81
C ASP C 257 31.73 -2.82 24.80
N GLY C 258 32.61 -3.66 24.26
CA GLY C 258 33.42 -4.56 25.07
C GLY C 258 34.70 -3.97 25.64
N LYS C 259 34.75 -2.65 25.72
CA LYS C 259 35.90 -1.94 26.26
C LYS C 259 35.51 -1.09 27.46
N ASN C 260 34.36 -0.43 27.35
CA ASN C 260 33.87 0.47 28.39
C ASN C 260 32.40 0.31 28.77
N MET C 261 31.77 -0.78 28.32
CA MET C 261 30.39 -1.09 28.67
C MET C 261 29.43 0.02 28.21
N SER C 262 29.84 0.78 27.20
CA SER C 262 28.97 1.81 26.64
C SER C 262 27.94 1.14 25.73
N SER C 263 26.73 1.70 25.67
CA SER C 263 25.68 1.12 24.81
C SER C 263 25.91 1.35 23.32
N LEU C 264 25.82 0.28 22.54
CA LEU C 264 26.05 0.36 21.10
C LEU C 264 24.80 0.25 20.24
N TYR C 265 24.07 -0.84 20.40
CA TYR C 265 22.90 -1.14 19.58
C TYR C 265 21.79 -1.83 20.37
N ASN C 266 20.55 -1.67 19.91
CA ASN C 266 19.40 -2.36 20.50
C ASN C 266 18.53 -3.15 19.51
N PHE C 267 18.02 -4.29 19.95
CA PHE C 267 16.99 -5.00 19.19
C PHE C 267 15.72 -5.11 20.03
N THR C 268 14.57 -5.05 19.37
CA THR C 268 13.27 -5.15 20.04
C THR C 268 12.34 -6.18 19.40
N GLY C 269 11.69 -6.98 20.24
CA GLY C 269 10.68 -7.94 19.84
C GLY C 269 9.44 -7.30 19.21
N GLU C 270 8.64 -8.09 18.50
CA GLU C 270 7.52 -7.52 17.80
C GLU C 270 6.21 -8.14 18.33
N GLN C 271 6.32 -8.99 19.35
CA GLN C 271 5.15 -9.60 19.96
C GLN C 271 5.22 -9.73 21.49
N MET C 272 4.12 -9.44 22.19
CA MET C 272 4.10 -9.54 23.65
C MET C 272 4.35 -10.95 24.14
N ALA C 273 5.23 -11.06 25.13
CA ALA C 273 5.49 -12.32 25.83
C ALA C 273 5.94 -13.45 24.91
N ALA C 274 6.67 -13.10 23.85
CA ALA C 274 7.24 -14.10 22.97
C ALA C 274 8.60 -14.56 23.49
N TYR C 275 9.06 -13.90 24.55
CA TYR C 275 10.36 -14.15 25.16
C TYR C 275 11.51 -13.92 24.20
N PHE C 276 11.37 -12.87 23.40
CA PHE C 276 12.45 -12.34 22.56
C PHE C 276 13.68 -12.08 23.42
N GLY C 277 14.75 -12.84 23.21
CA GLY C 277 15.96 -12.67 23.98
C GLY C 277 16.28 -13.83 24.90
N PHE C 278 15.46 -14.86 24.83
CA PHE C 278 15.68 -16.07 25.62
C PHE C 278 17.06 -16.62 25.32
N SER C 279 17.41 -16.61 24.04
CA SER C 279 18.73 -17.02 23.60
C SER C 279 19.31 -16.06 22.57
N VAL C 280 20.62 -15.86 22.63
CA VAL C 280 21.28 -15.03 21.62
C VAL C 280 22.56 -15.72 21.18
N ALA C 281 23.01 -15.37 19.98
CA ALA C 281 24.25 -15.90 19.44
C ALA C 281 24.86 -14.91 18.48
N ALA C 282 26.18 -14.93 18.36
CA ALA C 282 26.88 -14.03 17.46
C ALA C 282 27.92 -14.80 16.66
N THR C 283 27.70 -14.87 15.36
CA THR C 283 28.64 -15.49 14.46
C THR C 283 28.45 -14.92 13.07
N ASP C 284 29.55 -14.75 12.34
CA ASP C 284 29.50 -14.28 10.97
C ASP C 284 28.94 -15.38 10.07
N ILE C 285 27.76 -15.14 9.50
CA ILE C 285 27.05 -16.20 8.78
C ILE C 285 27.22 -16.09 7.27
N ASN C 286 27.63 -14.92 6.78
CA ASN C 286 27.71 -14.71 5.34
C ASN C 286 29.14 -14.42 4.87
N GLY C 287 30.12 -14.84 5.65
CA GLY C 287 31.51 -14.77 5.24
C GLY C 287 31.98 -13.37 4.86
N ASP C 288 31.72 -12.38 5.69
CA ASP C 288 32.23 -11.03 5.43
C ASP C 288 33.04 -10.54 6.62
N ASP C 289 33.24 -11.43 7.58
CA ASP C 289 34.00 -11.14 8.79
C ASP C 289 33.33 -10.12 9.70
N TYR C 290 32.06 -9.83 9.43
CA TYR C 290 31.22 -9.04 10.33
C TYR C 290 30.28 -9.96 11.11
N ALA C 291 30.48 -10.04 12.42
CA ALA C 291 29.65 -10.87 13.27
C ALA C 291 28.17 -10.52 13.14
N ASP C 292 27.32 -11.54 13.11
CA ASP C 292 25.90 -11.32 12.93
C ASP C 292 25.13 -11.77 14.16
N VAL C 293 23.99 -11.13 14.43
CA VAL C 293 23.27 -11.35 15.67
C VAL C 293 22.08 -12.30 15.46
N PHE C 294 22.02 -13.34 16.28
CA PHE C 294 20.90 -14.28 16.24
C PHE C 294 20.11 -14.24 17.54
N ILE C 295 18.85 -13.84 17.46
CA ILE C 295 18.01 -13.70 18.66
C ILE C 295 16.83 -14.67 18.65
N GLY C 296 16.72 -15.51 19.67
CA GLY C 296 15.64 -16.48 19.76
C GLY C 296 14.41 -15.99 20.52
N ALA C 297 13.23 -16.25 19.97
CA ALA C 297 11.97 -15.94 20.64
C ALA C 297 11.00 -17.14 20.56
N PRO C 298 11.20 -18.14 21.43
CA PRO C 298 10.55 -19.46 21.36
C PRO C 298 9.02 -19.45 21.52
N LEU C 299 8.46 -18.34 21.95
CA LEU C 299 7.02 -18.30 22.25
C LEU C 299 6.25 -17.49 21.23
N PHE C 300 6.94 -17.08 20.18
CA PHE C 300 6.34 -16.32 19.10
C PHE C 300 5.19 -17.09 18.46
N MET C 301 4.07 -16.40 18.24
CA MET C 301 2.91 -16.99 17.60
C MET C 301 2.76 -16.48 16.17
N ASP C 302 2.73 -17.41 15.22
CA ASP C 302 2.50 -17.08 13.81
C ASP C 302 1.12 -17.46 13.26
N ARG C 303 0.59 -16.65 12.35
CA ARG C 303 -0.71 -16.93 11.75
C ARG C 303 -0.56 -17.79 10.50
N GLY C 304 -1.41 -18.80 10.40
CA GLY C 304 -1.49 -19.68 9.26
C GLY C 304 -2.39 -19.17 8.14
N SER C 305 -2.56 -20.01 7.14
CA SER C 305 -3.40 -19.73 5.98
C SER C 305 -4.83 -19.62 6.49
N ASP C 306 -5.12 -20.27 7.61
CA ASP C 306 -6.47 -20.25 8.17
C ASP C 306 -6.67 -19.05 9.08
N GLY C 307 -5.63 -18.24 9.25
CA GLY C 307 -5.78 -17.05 10.08
C GLY C 307 -5.59 -17.23 11.57
N LYS C 308 -5.41 -18.47 12.03
CA LYS C 308 -5.23 -18.69 13.47
C LYS C 308 -3.81 -18.58 14.04
N LEU C 309 -3.69 -17.99 15.24
CA LEU C 309 -2.37 -17.92 15.88
C LEU C 309 -1.86 -19.30 16.22
N GLN C 310 -0.57 -19.53 16.11
CA GLN C 310 -0.02 -20.77 16.61
C GLN C 310 1.39 -20.49 17.14
N GLU C 311 1.67 -20.96 18.34
CA GLU C 311 2.98 -20.74 18.95
C GLU C 311 3.99 -21.65 18.27
N VAL C 312 4.91 -21.06 17.51
CA VAL C 312 5.89 -21.83 16.77
C VAL C 312 7.32 -21.41 17.04
N GLY C 313 7.49 -20.22 17.62
CA GLY C 313 8.81 -19.69 17.92
C GLY C 313 9.46 -18.98 16.75
N GLN C 314 10.34 -18.04 17.04
CA GLN C 314 11.00 -17.27 16.00
C GLN C 314 12.45 -16.92 16.35
N VAL C 315 13.31 -16.98 15.34
CA VAL C 315 14.68 -16.50 15.44
C VAL C 315 14.91 -15.35 14.46
N SER C 316 15.43 -14.21 14.93
CA SER C 316 15.77 -13.14 14.00
C SER C 316 17.24 -13.20 13.60
N VAL C 317 17.50 -13.06 12.31
CA VAL C 317 18.86 -13.07 11.81
C VAL C 317 19.23 -11.65 11.38
N SER C 318 20.19 -11.05 12.07
CA SER C 318 20.56 -9.66 11.80
C SER C 318 21.98 -9.61 11.26
N LEU C 319 22.11 -9.31 9.98
CA LEU C 319 23.42 -9.24 9.33
C LEU C 319 24.07 -7.88 9.52
N GLN C 320 25.22 -7.85 10.19
CA GLN C 320 25.93 -6.59 10.40
C GLN C 320 26.58 -5.93 9.18
N ARG C 321 25.95 -4.89 8.68
CA ARG C 321 26.53 -4.07 7.62
C ARG C 321 27.66 -3.19 8.10
N ALA C 322 28.55 -2.86 7.19
CA ALA C 322 29.69 -2.01 7.45
C ALA C 322 29.16 -0.63 7.82
N SER C 323 27.95 -0.32 7.35
CA SER C 323 27.35 0.99 7.60
C SER C 323 26.83 1.15 9.02
N GLY C 324 26.98 0.10 9.83
CA GLY C 324 26.57 0.11 11.22
C GLY C 324 25.20 -0.47 11.48
N ASP C 325 24.38 -0.47 10.44
CA ASP C 325 23.02 -0.99 10.53
C ASP C 325 23.01 -2.51 10.59
N PHE C 326 21.80 -3.05 10.56
CA PHE C 326 21.61 -4.49 10.52
C PHE C 326 20.56 -4.78 9.47
N GLN C 327 20.85 -5.77 8.62
CA GLN C 327 19.86 -6.30 7.71
C GLN C 327 19.29 -7.56 8.39
N THR C 328 18.07 -7.43 8.89
CA THR C 328 17.42 -8.43 9.72
C THR C 328 16.37 -9.21 8.96
N THR C 329 16.42 -10.53 9.12
CA THR C 329 15.36 -11.39 8.60
C THR C 329 14.81 -12.20 9.75
N LYS C 330 13.74 -12.95 9.51
CA LYS C 330 13.12 -13.70 10.58
C LYS C 330 12.86 -15.13 10.14
N LEU C 331 13.16 -16.07 11.03
CA LEU C 331 13.00 -17.48 10.75
C LEU C 331 11.98 -18.10 11.70
N ASN C 332 10.85 -18.56 11.16
CA ASN C 332 9.80 -19.14 11.99
C ASN C 332 9.95 -20.63 12.22
N GLY C 333 9.51 -21.09 13.39
CA GLY C 333 9.53 -22.50 13.72
C GLY C 333 8.53 -23.30 12.92
N PHE C 334 8.63 -24.62 13.03
CA PHE C 334 7.84 -25.52 12.20
C PHE C 334 6.73 -26.25 12.94
N GLU C 335 6.94 -26.53 14.23
CA GLU C 335 5.98 -27.30 15.01
C GLU C 335 5.39 -26.44 16.12
N VAL C 336 4.08 -26.58 16.35
CA VAL C 336 3.41 -25.85 17.41
C VAL C 336 3.87 -26.25 18.81
N PHE C 337 4.15 -25.25 19.65
CA PHE C 337 4.56 -25.46 21.05
C PHE C 337 5.90 -26.16 21.21
N ALA C 338 6.62 -26.31 20.10
CA ALA C 338 7.91 -26.99 20.11
C ALA C 338 8.98 -26.06 20.66
N ARG C 339 8.66 -24.77 20.70
CA ARG C 339 9.58 -23.73 21.18
C ARG C 339 10.88 -23.69 20.41
N PHE C 340 10.75 -23.62 19.09
CA PHE C 340 11.85 -23.33 18.16
C PHE C 340 12.59 -22.05 18.54
N GLY C 341 13.92 -22.14 18.62
CA GLY C 341 14.71 -20.96 18.95
C GLY C 341 15.15 -20.91 20.41
N SER C 342 14.88 -21.97 21.15
CA SER C 342 15.26 -22.05 22.57
C SER C 342 16.78 -22.04 22.73
N ALA C 343 17.48 -22.64 21.78
CA ALA C 343 18.94 -22.65 21.78
C ALA C 343 19.46 -22.38 20.37
N ILE C 344 20.51 -21.56 20.29
CA ILE C 344 21.13 -21.20 19.01
C ILE C 344 22.64 -21.38 19.09
N ALA C 345 23.16 -22.35 18.36
CA ALA C 345 24.58 -22.66 18.42
C ALA C 345 25.31 -22.46 17.09
N PRO C 346 26.25 -21.49 17.06
CA PRO C 346 27.17 -21.35 15.93
C PRO C 346 27.99 -22.61 15.74
N LEU C 347 28.05 -23.13 14.51
CA LEU C 347 28.69 -24.40 14.26
C LEU C 347 30.08 -24.27 13.63
N GLY C 348 30.49 -23.04 13.34
CA GLY C 348 31.66 -22.84 12.50
C GLY C 348 31.24 -23.15 11.08
N ASP C 349 32.18 -23.62 10.25
CA ASP C 349 31.85 -24.01 8.88
C ASP C 349 31.65 -25.53 8.84
N LEU C 350 30.44 -25.95 9.17
CA LEU C 350 30.10 -27.36 9.31
C LEU C 350 30.45 -28.19 8.08
N ASP C 351 30.33 -27.59 6.90
CA ASP C 351 30.56 -28.32 5.67
C ASP C 351 31.76 -27.83 4.87
N GLN C 352 32.48 -26.89 5.47
CA GLN C 352 33.67 -26.35 4.87
C GLN C 352 33.44 -25.85 3.42
N ASP C 353 32.40 -25.05 3.23
CA ASP C 353 32.14 -24.47 1.90
C ASP C 353 32.50 -22.99 1.87
N GLY C 354 33.05 -22.48 2.95
CA GLY C 354 33.49 -21.09 3.02
C GLY C 354 32.54 -20.18 3.79
N PHE C 355 31.44 -20.74 4.29
CA PHE C 355 30.45 -19.98 5.05
C PHE C 355 30.05 -20.69 6.35
N ASN C 356 30.09 -19.94 7.45
CA ASN C 356 29.74 -20.50 8.75
C ASN C 356 28.29 -20.94 8.81
N ASP C 357 28.01 -21.92 9.66
CA ASP C 357 26.67 -22.48 9.75
C ASP C 357 26.18 -22.37 11.20
N ILE C 358 24.90 -22.61 11.42
CA ILE C 358 24.33 -22.47 12.76
C ILE C 358 23.23 -23.52 13.00
N ALA C 359 23.08 -23.94 14.26
CA ALA C 359 21.99 -24.85 14.63
C ALA C 359 20.94 -24.17 15.50
N ILE C 360 19.67 -24.48 15.24
CA ILE C 360 18.57 -23.97 16.07
C ILE C 360 17.68 -25.12 16.53
N ALA C 361 17.44 -25.18 17.84
CA ALA C 361 16.71 -26.31 18.43
C ALA C 361 15.25 -26.00 18.79
N ALA C 362 14.40 -27.00 18.59
CA ALA C 362 13.04 -26.99 19.12
C ALA C 362 12.90 -28.16 20.09
N PRO C 363 13.32 -27.94 21.36
CA PRO C 363 13.54 -28.99 22.37
C PRO C 363 12.29 -29.81 22.72
N TYR C 364 11.13 -29.32 22.34
CA TYR C 364 9.87 -29.97 22.68
C TYR C 364 9.10 -30.35 21.43
N GLY C 365 9.79 -30.39 20.30
CA GLY C 365 9.16 -30.81 19.08
C GLY C 365 9.29 -32.29 18.82
N GLY C 366 8.80 -32.70 17.66
CA GLY C 366 8.88 -34.07 17.20
C GLY C 366 7.87 -34.96 17.91
N GLU C 367 7.77 -36.20 17.46
CA GLU C 367 6.88 -37.18 18.05
C GLU C 367 7.24 -37.44 19.51
N ASP C 368 6.22 -37.55 20.34
CA ASP C 368 6.40 -37.83 21.77
C ASP C 368 7.24 -36.77 22.48
N LYS C 369 7.26 -35.56 21.92
CA LYS C 369 8.04 -34.46 22.46
C LYS C 369 9.49 -34.84 22.76
N LYS C 370 10.15 -35.46 21.78
CA LYS C 370 11.50 -35.96 22.00
C LYS C 370 12.58 -34.99 21.56
N GLY C 371 12.19 -33.83 21.05
CA GLY C 371 13.14 -32.77 20.73
C GLY C 371 13.63 -32.84 19.30
N ILE C 372 13.91 -31.69 18.70
CA ILE C 372 14.38 -31.61 17.32
C ILE C 372 15.49 -30.57 17.25
N VAL C 373 16.52 -30.83 16.45
CA VAL C 373 17.53 -29.80 16.16
C VAL C 373 17.64 -29.54 14.66
N TYR C 374 17.54 -28.27 14.27
CA TYR C 374 17.62 -27.89 12.87
C TYR C 374 18.97 -27.29 12.47
N ILE C 375 19.54 -27.78 11.37
CA ILE C 375 20.83 -27.28 10.86
C ILE C 375 20.60 -26.31 9.70
N PHE C 376 21.15 -25.11 9.83
CA PHE C 376 21.03 -24.09 8.80
C PHE C 376 22.41 -23.68 8.30
N ASN C 377 22.56 -23.61 6.98
CA ASN C 377 23.81 -23.24 6.35
C ASN C 377 23.84 -21.77 5.92
N GLY C 378 25.01 -21.13 6.07
CA GLY C 378 25.17 -19.77 5.60
C GLY C 378 25.51 -19.68 4.13
N ARG C 379 25.35 -18.50 3.57
CA ARG C 379 25.78 -18.22 2.20
C ARG C 379 25.96 -16.71 2.06
N SER C 380 26.41 -16.31 0.87
CA SER C 380 26.80 -14.94 0.57
C SER C 380 25.68 -13.96 0.92
N THR C 381 24.43 -14.38 0.73
CA THR C 381 23.27 -13.52 0.95
C THR C 381 22.72 -13.57 2.37
N GLY C 382 23.32 -14.40 3.21
CA GLY C 382 22.92 -14.53 4.60
C GLY C 382 22.65 -15.98 4.93
N LEU C 383 21.72 -16.22 5.85
CA LEU C 383 21.42 -17.59 6.25
C LEU C 383 20.42 -18.23 5.33
N ASN C 384 20.68 -19.48 4.93
CA ASN C 384 19.71 -20.24 4.16
C ASN C 384 18.57 -20.67 5.08
N ALA C 385 17.38 -20.16 4.81
CA ALA C 385 16.20 -20.35 5.65
C ALA C 385 15.73 -21.79 5.75
N VAL C 386 16.04 -22.61 4.75
CA VAL C 386 15.64 -24.01 4.79
C VAL C 386 16.75 -24.85 5.39
N PRO C 387 16.39 -25.68 6.38
CA PRO C 387 17.37 -26.53 7.05
C PRO C 387 17.85 -27.66 6.16
N SER C 388 19.13 -27.98 6.27
CA SER C 388 19.73 -29.01 5.44
C SER C 388 19.78 -30.35 6.16
N GLN C 389 19.45 -30.34 7.44
CA GLN C 389 19.42 -31.57 8.22
C GLN C 389 18.52 -31.41 9.43
N ILE C 390 17.81 -32.48 9.77
CA ILE C 390 16.94 -32.48 10.94
C ILE C 390 17.40 -33.55 11.93
N LEU C 391 17.84 -33.11 13.11
CA LEU C 391 18.28 -34.00 14.18
C LEU C 391 17.16 -34.32 15.16
N GLU C 392 16.86 -35.61 15.29
CA GLU C 392 15.78 -36.09 16.12
C GLU C 392 16.24 -36.71 17.44
N GLY C 393 15.48 -36.44 18.50
CA GLY C 393 15.66 -37.08 19.80
C GLY C 393 15.16 -38.51 19.77
N GLN C 394 15.83 -39.41 20.49
CA GLN C 394 15.47 -40.81 20.40
C GLN C 394 14.82 -41.36 21.69
N TRP C 395 14.86 -40.55 22.76
CA TRP C 395 14.51 -40.95 24.13
C TRP C 395 13.18 -40.39 24.67
N ALA C 396 12.24 -41.28 24.98
CA ALA C 396 10.92 -40.93 25.49
C ALA C 396 10.95 -40.31 26.90
N ALA C 397 9.87 -39.62 27.26
CA ALA C 397 9.81 -38.90 28.53
C ALA C 397 9.18 -39.75 29.64
N ARG C 398 9.60 -39.50 30.89
CA ARG C 398 8.90 -40.04 32.05
C ARG C 398 8.36 -38.97 33.01
N SER C 399 9.12 -37.95 33.40
CA SER C 399 8.43 -36.81 33.99
C SER C 399 8.84 -35.48 33.35
N CYS C 400 10.13 -35.13 33.30
CA CYS C 400 10.46 -33.84 32.69
C CYS C 400 10.40 -34.23 31.22
N PRO C 401 10.01 -33.33 30.30
CA PRO C 401 10.29 -33.82 28.94
C PRO C 401 11.81 -33.94 28.68
N PRO C 402 12.21 -34.73 27.66
CA PRO C 402 13.63 -35.00 27.36
C PRO C 402 14.48 -33.76 27.13
N SER C 403 13.88 -32.73 26.54
CA SER C 403 14.53 -31.45 26.28
C SER C 403 15.78 -31.58 25.41
N PHE C 404 15.73 -32.50 24.44
CA PHE C 404 16.80 -32.65 23.46
C PHE C 404 16.98 -31.36 22.68
N GLY C 405 18.15 -30.73 22.80
CA GLY C 405 18.39 -29.49 22.10
C GLY C 405 18.36 -28.27 23.02
N TYR C 406 17.90 -28.45 24.25
CA TYR C 406 17.77 -27.35 25.20
C TYR C 406 19.11 -26.63 25.41
N SER C 407 20.20 -27.38 25.30
CA SER C 407 21.54 -26.80 25.27
C SER C 407 22.36 -27.51 24.21
N MET C 408 23.24 -26.77 23.56
CA MET C 408 24.13 -27.40 22.59
C MET C 408 25.35 -26.52 22.32
N LYS C 409 26.40 -27.12 21.79
CA LYS C 409 27.63 -26.39 21.50
C LYS C 409 28.24 -26.97 20.22
N GLY C 410 28.74 -26.10 19.35
CA GLY C 410 29.40 -26.50 18.12
C GLY C 410 30.74 -25.81 17.92
N ALA C 411 31.19 -25.76 16.67
CA ALA C 411 32.41 -25.04 16.28
C ALA C 411 33.71 -25.62 16.82
N THR C 412 33.71 -26.91 17.15
CA THR C 412 34.94 -27.55 17.60
C THR C 412 35.19 -28.88 16.88
N ASP C 413 36.37 -28.99 16.28
CA ASP C 413 36.75 -30.20 15.55
C ASP C 413 37.44 -31.20 16.48
N ILE C 414 36.62 -32.04 17.10
CA ILE C 414 37.06 -32.90 18.20
C ILE C 414 37.77 -34.16 17.72
N ASP C 415 37.58 -34.48 16.45
CA ASP C 415 38.16 -35.65 15.83
C ASP C 415 39.19 -35.45 14.74
N LYS C 416 39.66 -34.21 14.59
CA LYS C 416 40.73 -33.86 13.63
C LYS C 416 40.39 -34.32 12.22
N ASN C 417 39.11 -34.28 11.89
CA ASN C 417 38.65 -34.72 10.58
C ASN C 417 38.49 -33.63 9.53
N GLY C 418 38.76 -32.40 9.94
CA GLY C 418 38.74 -31.24 9.07
C GLY C 418 37.39 -30.55 9.17
N TYR C 419 36.48 -31.16 9.95
CA TYR C 419 35.13 -30.64 10.12
C TYR C 419 34.68 -30.54 11.58
N PRO C 420 34.03 -29.42 11.93
CA PRO C 420 33.54 -29.12 13.28
C PRO C 420 32.36 -30.00 13.68
N ASP C 421 32.29 -30.41 14.95
CA ASP C 421 31.27 -31.35 15.38
C ASP C 421 30.28 -30.66 16.33
N LEU C 422 29.29 -31.40 16.84
CA LEU C 422 28.19 -30.79 17.58
C LEU C 422 27.76 -31.63 18.80
N ILE C 423 27.70 -30.99 19.97
CA ILE C 423 27.16 -31.65 21.16
C ILE C 423 25.75 -31.19 21.43
N VAL C 424 24.85 -32.15 21.70
CA VAL C 424 23.47 -31.81 21.99
C VAL C 424 23.02 -32.39 23.33
N GLY C 425 22.61 -31.53 24.25
CA GLY C 425 22.19 -31.97 25.57
C GLY C 425 20.72 -32.29 25.62
N ALA C 426 20.36 -33.32 26.40
CA ALA C 426 18.98 -33.66 26.67
C ALA C 426 18.81 -33.98 28.14
N PHE C 427 18.67 -32.95 28.97
CA PHE C 427 18.74 -33.12 30.41
C PHE C 427 17.53 -33.85 30.99
N GLY C 428 16.40 -33.81 30.28
CA GLY C 428 15.18 -34.44 30.75
C GLY C 428 15.32 -35.96 30.79
N VAL C 429 16.28 -36.48 30.03
CA VAL C 429 16.54 -37.92 30.03
C VAL C 429 17.98 -38.17 30.47
N ASP C 430 18.60 -37.13 31.02
CA ASP C 430 19.97 -37.18 31.52
C ASP C 430 20.95 -37.75 30.50
N ARG C 431 21.03 -37.10 29.35
CA ARG C 431 21.84 -37.61 28.26
C ARG C 431 22.50 -36.46 27.50
N ALA C 432 23.68 -36.73 26.93
CA ALA C 432 24.31 -35.80 26.00
C ALA C 432 24.83 -36.55 24.79
N ILE C 433 24.62 -35.97 23.62
CA ILE C 433 24.95 -36.67 22.39
C ILE C 433 25.91 -35.87 21.51
N LEU C 434 26.98 -36.53 21.09
CA LEU C 434 27.95 -35.95 20.18
C LEU C 434 27.68 -36.38 18.75
N TYR C 435 27.41 -35.42 17.88
CA TYR C 435 27.25 -35.69 16.46
C TYR C 435 28.51 -35.27 15.72
N ARG C 436 29.09 -36.20 14.97
CA ARG C 436 30.32 -35.91 14.25
C ARG C 436 30.02 -35.59 12.79
N ALA C 437 30.69 -34.56 12.28
CA ALA C 437 30.52 -34.14 10.89
C ALA C 437 31.25 -35.08 9.93
N ARG C 438 30.54 -35.56 8.92
CA ARG C 438 31.13 -36.42 7.90
C ARG C 438 31.89 -35.56 6.87
N PRO C 439 33.02 -36.07 6.35
CA PRO C 439 33.77 -35.31 5.33
C PRO C 439 32.95 -35.10 4.06
N VAL C 440 33.13 -33.95 3.41
CA VAL C 440 32.29 -33.66 2.24
C VAL C 440 33.01 -33.76 0.91
N ILE C 441 32.50 -34.64 0.05
CA ILE C 441 33.10 -34.88 -1.26
C ILE C 441 32.41 -34.03 -2.32
N THR C 442 33.16 -33.17 -2.98
CA THR C 442 32.60 -32.43 -4.10
C THR C 442 32.93 -33.19 -5.39
N VAL C 443 31.90 -33.52 -6.15
CA VAL C 443 32.08 -34.32 -7.37
C VAL C 443 31.77 -33.48 -8.59
N ASN C 444 32.65 -33.53 -9.58
CA ASN C 444 32.34 -32.92 -10.86
C ASN C 444 32.15 -34.01 -11.89
N ALA C 445 30.89 -34.33 -12.19
CA ALA C 445 30.64 -35.39 -13.15
C ALA C 445 30.36 -34.80 -14.53
N GLY C 446 30.77 -35.52 -15.57
CA GLY C 446 30.55 -35.06 -16.92
C GLY C 446 29.80 -36.04 -17.82
N LEU C 447 29.10 -35.52 -18.82
CA LEU C 447 28.42 -36.39 -19.77
C LEU C 447 28.30 -35.74 -21.12
N GLU C 448 29.02 -36.31 -22.08
CA GLU C 448 28.99 -35.81 -23.45
C GLU C 448 28.39 -36.84 -24.39
N VAL C 449 27.53 -36.40 -25.30
CA VAL C 449 26.98 -37.27 -26.33
C VAL C 449 27.28 -36.65 -27.68
N TYR C 450 28.24 -37.21 -28.41
CA TYR C 450 28.59 -36.66 -29.72
C TYR C 450 28.63 -37.73 -30.79
N PRO C 451 28.00 -37.47 -31.95
CA PRO C 451 27.21 -36.28 -32.22
C PRO C 451 25.85 -36.36 -31.55
N SER C 452 25.31 -35.21 -31.13
CA SER C 452 24.02 -35.19 -30.44
C SER C 452 22.87 -35.14 -31.45
N ILE C 453 23.16 -34.70 -32.67
CA ILE C 453 22.19 -34.85 -33.75
C ILE C 453 22.53 -36.09 -34.58
N LEU C 454 21.55 -36.99 -34.68
CA LEU C 454 21.73 -38.32 -35.23
C LEU C 454 21.07 -38.54 -36.59
N ASN C 455 21.87 -38.77 -37.61
CA ASN C 455 21.33 -39.11 -38.92
C ASN C 455 21.13 -40.62 -38.96
N GLN C 456 19.88 -41.03 -39.10
CA GLN C 456 19.51 -42.45 -39.10
C GLN C 456 20.06 -43.24 -40.30
N ASP C 457 20.25 -42.47 -41.36
CA ASP C 457 20.79 -42.79 -42.70
C ASP C 457 22.30 -42.91 -42.82
N ASN C 458 23.00 -42.56 -41.76
CA ASN C 458 24.45 -42.57 -41.74
C ASN C 458 25.06 -43.96 -41.63
N LYS C 459 24.65 -44.73 -40.65
CA LYS C 459 25.14 -46.08 -40.42
C LYS C 459 26.65 -46.18 -40.64
N THR C 460 27.40 -45.84 -39.60
CA THR C 460 28.86 -45.89 -39.62
C THR C 460 29.46 -47.19 -39.13
N CYS C 461 29.21 -47.42 -37.84
CA CYS C 461 29.75 -48.56 -37.11
C CYS C 461 29.08 -49.85 -37.46
N SER C 462 29.93 -50.79 -37.83
CA SER C 462 29.53 -52.12 -38.20
C SER C 462 29.19 -52.87 -36.92
N LEU C 463 28.26 -53.80 -37.00
CA LEU C 463 27.90 -54.58 -35.84
C LEU C 463 28.30 -56.04 -36.08
N PRO C 464 28.99 -56.64 -35.09
CA PRO C 464 29.55 -57.99 -35.06
C PRO C 464 28.49 -59.09 -35.22
N GLY C 465 28.60 -59.84 -36.31
CA GLY C 465 27.72 -60.97 -36.58
C GLY C 465 26.75 -60.71 -37.72
N THR C 466 26.40 -59.45 -37.95
CA THR C 466 25.61 -59.10 -39.13
C THR C 466 26.43 -58.25 -40.08
N ALA C 467 26.10 -58.32 -41.37
CA ALA C 467 26.75 -57.49 -42.36
C ALA C 467 26.15 -56.09 -42.34
N LEU C 468 24.98 -55.97 -41.73
CA LEU C 468 24.27 -54.69 -41.73
C LEU C 468 24.90 -53.73 -40.73
N LYS C 469 25.32 -52.57 -41.22
CA LYS C 469 25.87 -51.48 -40.41
C LYS C 469 24.76 -50.71 -39.68
N VAL C 470 25.12 -49.99 -38.61
CA VAL C 470 24.13 -49.19 -37.89
C VAL C 470 24.58 -47.75 -37.67
N SER C 471 23.61 -46.87 -37.43
CA SER C 471 23.89 -45.48 -37.06
C SER C 471 24.29 -45.37 -35.60
N CYS C 472 25.52 -44.94 -35.38
CA CYS C 472 26.12 -44.96 -34.05
C CYS C 472 26.65 -43.60 -33.63
N PHE C 473 26.82 -43.43 -32.32
CA PHE C 473 27.36 -42.22 -31.72
C PHE C 473 28.10 -42.53 -30.41
N ASN C 474 28.95 -41.62 -29.96
CA ASN C 474 29.75 -41.87 -28.77
C ASN C 474 29.17 -41.31 -27.45
N VAL C 475 29.13 -42.15 -26.42
CA VAL C 475 28.71 -41.73 -25.08
C VAL C 475 29.90 -41.69 -24.10
N ARG C 476 30.35 -40.49 -23.73
CA ARG C 476 31.49 -40.34 -22.83
C ARG C 476 31.14 -39.74 -21.45
N PHE C 477 31.43 -40.44 -20.34
CA PHE C 477 31.11 -39.88 -19.03
C PHE C 477 32.36 -39.70 -18.17
N CYS C 478 32.50 -38.53 -17.56
CA CYS C 478 33.68 -38.20 -16.74
C CYS C 478 33.40 -38.06 -15.25
N LEU C 479 34.40 -38.34 -14.41
CA LEU C 479 34.24 -38.27 -12.96
C LEU C 479 35.47 -37.71 -12.26
N LYS C 480 35.28 -36.68 -11.44
CA LYS C 480 36.40 -36.06 -10.74
C LYS C 480 35.90 -35.62 -9.37
N ALA C 481 36.68 -35.88 -8.33
CA ALA C 481 36.24 -35.53 -6.98
C ALA C 481 37.33 -34.99 -6.07
N ASP C 482 36.95 -34.20 -5.06
CA ASP C 482 37.90 -33.73 -4.06
C ASP C 482 37.14 -33.23 -2.85
N GLY C 483 37.83 -33.19 -1.71
CA GLY C 483 37.26 -32.69 -0.46
C GLY C 483 38.28 -32.07 0.46
N LYS C 484 37.81 -31.38 1.49
CA LYS C 484 38.72 -30.72 2.41
C LYS C 484 38.76 -31.62 3.65
N GLY C 485 39.72 -31.40 4.53
CA GLY C 485 39.94 -32.22 5.71
C GLY C 485 40.52 -33.62 5.57
N VAL C 486 40.14 -34.52 6.48
CA VAL C 486 40.58 -35.91 6.37
C VAL C 486 39.60 -36.90 5.73
N LEU C 487 39.90 -37.28 4.50
CA LEU C 487 39.11 -38.20 3.70
C LEU C 487 40.12 -39.10 2.96
N PRO C 488 39.73 -40.30 2.54
CA PRO C 488 40.71 -41.10 1.79
C PRO C 488 41.20 -40.48 0.48
N ARG C 489 42.24 -41.07 -0.10
CA ARG C 489 42.76 -40.62 -1.38
C ARG C 489 41.89 -41.30 -2.46
N LYS C 490 41.84 -42.63 -2.43
CA LYS C 490 41.12 -43.47 -3.40
C LYS C 490 39.59 -43.55 -3.25
N LEU C 491 38.81 -42.89 -4.10
CA LEU C 491 37.34 -43.05 -4.05
C LEU C 491 36.68 -43.95 -5.10
N ASN C 492 36.07 -45.04 -4.64
CA ASN C 492 35.38 -45.99 -5.54
C ASN C 492 33.94 -45.60 -5.85
N PHE C 493 33.67 -45.35 -7.13
CA PHE C 493 32.34 -44.97 -7.62
C PHE C 493 31.63 -46.08 -8.40
N GLN C 494 30.31 -46.16 -8.24
CA GLN C 494 29.50 -47.04 -9.09
C GLN C 494 28.58 -46.26 -10.03
N VAL C 495 28.87 -46.35 -11.32
CA VAL C 495 28.18 -45.56 -12.33
C VAL C 495 27.23 -46.34 -13.25
N GLU C 496 26.01 -45.81 -13.42
CA GLU C 496 25.00 -46.38 -14.33
C GLU C 496 24.63 -45.44 -15.45
N LEU C 497 24.51 -46.04 -16.63
CA LEU C 497 24.07 -45.32 -17.81
C LEU C 497 22.83 -45.99 -18.38
N LEU C 498 21.80 -45.19 -18.68
CA LEU C 498 20.62 -45.74 -19.33
C LEU C 498 20.29 -44.88 -20.54
N LEU C 499 20.24 -45.51 -21.71
CA LEU C 499 19.89 -44.81 -22.95
C LEU C 499 18.39 -44.67 -23.12
N ASP C 500 17.93 -43.52 -23.64
CA ASP C 500 16.50 -43.38 -23.91
C ASP C 500 15.72 -43.69 -22.63
N LYS C 501 16.11 -42.96 -21.60
CA LYS C 501 15.63 -43.00 -20.21
C LYS C 501 14.16 -42.69 -20.02
N LEU C 502 13.56 -41.79 -20.78
CA LEU C 502 12.19 -41.45 -20.47
C LEU C 502 11.21 -42.43 -21.15
N LYS C 503 11.73 -43.37 -21.93
CA LYS C 503 10.89 -44.45 -22.44
C LYS C 503 10.63 -45.45 -21.30
N GLY C 506 8.27 -49.51 -20.32
CA GLY C 506 7.09 -49.86 -21.09
C GLY C 506 7.22 -49.58 -22.58
N ALA C 507 7.61 -48.37 -22.95
CA ALA C 507 7.80 -48.02 -24.37
C ALA C 507 9.16 -48.49 -24.87
N ILE C 508 9.31 -48.71 -26.17
CA ILE C 508 10.58 -49.22 -26.67
C ILE C 508 11.78 -48.25 -26.76
N ARG C 509 12.91 -48.75 -26.26
CA ARG C 509 14.25 -48.17 -26.27
C ARG C 509 14.90 -48.02 -27.66
N ARG C 510 15.13 -46.80 -28.09
CA ARG C 510 15.55 -46.47 -29.45
C ARG C 510 17.07 -46.51 -29.65
N ALA C 511 17.81 -46.49 -28.54
CA ALA C 511 19.26 -46.47 -28.59
C ALA C 511 19.86 -47.54 -27.66
N LEU C 512 20.84 -48.26 -28.16
CA LEU C 512 21.51 -49.32 -27.40
C LEU C 512 23.03 -49.22 -27.52
N PHE C 513 23.73 -49.72 -26.52
CA PHE C 513 25.19 -49.74 -26.55
C PHE C 513 25.71 -50.83 -27.48
N LEU C 514 26.78 -50.52 -28.23
CA LEU C 514 27.29 -51.39 -29.28
C LEU C 514 27.71 -52.78 -28.79
N TYR C 515 28.57 -52.83 -27.77
CA TYR C 515 29.16 -54.11 -27.37
C TYR C 515 28.15 -55.00 -26.64
N SER C 516 27.25 -54.38 -25.88
CA SER C 516 26.33 -55.14 -25.04
C SER C 516 24.99 -55.35 -25.71
N ARG C 517 24.73 -54.58 -26.76
CA ARG C 517 23.43 -54.56 -27.43
C ARG C 517 22.31 -54.29 -26.44
N SER C 518 22.61 -53.48 -25.42
CA SER C 518 21.69 -53.26 -24.31
C SER C 518 21.62 -51.79 -23.95
N PRO C 519 20.43 -51.31 -23.55
CA PRO C 519 20.24 -49.89 -23.22
C PRO C 519 20.90 -49.50 -21.92
N SER C 520 21.24 -50.48 -21.09
CA SER C 520 21.84 -50.18 -19.80
C SER C 520 23.30 -50.59 -19.72
N HIS C 521 24.09 -49.78 -19.02
CA HIS C 521 25.49 -50.08 -18.80
C HIS C 521 25.95 -49.72 -17.39
N SER C 522 26.51 -50.70 -16.68
CA SER C 522 27.03 -50.49 -15.34
C SER C 522 28.56 -50.45 -15.41
N LYS C 523 29.18 -49.66 -14.55
CA LYS C 523 30.63 -49.55 -14.54
C LYS C 523 31.21 -49.11 -13.20
N ASN C 524 32.19 -49.85 -12.70
CA ASN C 524 32.87 -49.45 -11.48
C ASN C 524 34.01 -48.52 -11.84
N MET C 525 34.06 -47.41 -11.11
CA MET C 525 35.07 -46.38 -11.33
C MET C 525 35.75 -45.98 -10.05
N THR C 526 37.00 -46.38 -9.93
CA THR C 526 37.90 -45.93 -8.89
C THR C 526 38.56 -44.61 -9.28
N ILE C 527 38.29 -43.55 -8.52
CA ILE C 527 38.92 -42.26 -8.80
C ILE C 527 39.67 -41.85 -7.54
N SER C 528 40.68 -41.02 -7.75
CA SER C 528 41.48 -40.46 -6.66
C SER C 528 41.16 -39.02 -6.33
N ARG C 529 41.06 -38.72 -5.03
CA ARG C 529 40.66 -37.40 -4.66
C ARG C 529 41.84 -36.51 -5.02
N GLY C 530 41.59 -35.26 -5.37
CA GLY C 530 42.69 -34.36 -5.67
C GLY C 530 43.18 -34.53 -7.10
N GLY C 531 43.04 -35.76 -7.59
CA GLY C 531 43.51 -36.14 -8.90
C GLY C 531 42.81 -35.71 -10.17
N LEU C 532 43.39 -36.13 -11.30
CA LEU C 532 42.82 -35.80 -12.59
C LEU C 532 41.47 -36.45 -12.84
N MET C 533 40.80 -35.99 -13.89
CA MET C 533 39.47 -36.53 -14.19
C MET C 533 39.51 -37.90 -14.90
N GLN C 534 38.78 -38.90 -14.41
CA GLN C 534 38.68 -40.19 -15.09
C GLN C 534 37.50 -40.32 -16.03
N CYS C 535 37.75 -40.70 -17.28
CA CYS C 535 36.69 -40.80 -18.26
C CYS C 535 36.63 -42.20 -18.83
N GLU C 536 35.50 -42.50 -19.45
CA GLU C 536 35.32 -43.74 -20.18
C GLU C 536 34.42 -43.36 -21.33
N GLU C 537 34.84 -43.77 -22.51
CA GLU C 537 34.10 -43.53 -23.72
C GLU C 537 33.37 -44.81 -24.10
N LEU C 538 32.28 -44.69 -24.84
CA LEU C 538 31.51 -45.87 -25.17
C LEU C 538 30.72 -45.60 -26.42
N ILE C 539 30.43 -46.65 -27.16
CA ILE C 539 29.70 -46.51 -28.40
C ILE C 539 28.28 -47.02 -28.25
N ALA C 540 27.33 -46.20 -28.67
CA ALA C 540 25.94 -46.58 -28.68
C ALA C 540 25.44 -46.45 -30.11
N TYR C 541 24.36 -47.14 -30.42
CA TYR C 541 23.82 -47.09 -31.76
C TYR C 541 22.31 -46.94 -31.75
N LEU C 542 21.79 -46.46 -32.86
CA LEU C 542 20.36 -46.34 -33.05
C LEU C 542 19.74 -47.62 -33.57
N ARG C 543 18.53 -47.93 -33.13
CA ARG C 543 17.73 -48.96 -33.78
C ARG C 543 17.46 -48.64 -35.24
N ASP C 544 17.20 -49.69 -36.03
CA ASP C 544 16.83 -49.54 -37.43
C ASP C 544 15.57 -48.67 -37.56
N GLU C 545 15.49 -47.88 -38.63
CA GLU C 545 14.40 -46.92 -38.80
C GLU C 545 12.99 -47.53 -38.77
N SER C 546 12.88 -48.77 -39.24
CA SER C 546 11.62 -49.53 -39.33
C SER C 546 11.13 -50.12 -38.02
N GLU C 547 11.98 -50.09 -37.01
CA GLU C 547 11.71 -50.72 -35.71
C GLU C 547 10.88 -49.91 -34.72
N PHE C 548 10.75 -48.61 -34.97
CA PHE C 548 10.01 -47.71 -34.10
C PHE C 548 9.35 -46.51 -34.80
N ARG C 549 8.27 -46.01 -34.20
CA ARG C 549 7.50 -44.91 -34.79
C ARG C 549 7.79 -43.57 -34.11
N ASP C 550 8.63 -43.60 -33.10
CA ASP C 550 8.91 -42.39 -32.35
C ASP C 550 10.25 -41.79 -32.75
N LYS C 551 10.18 -40.71 -33.52
CA LYS C 551 11.36 -40.06 -34.07
C LYS C 551 11.46 -38.65 -33.49
N LEU C 552 10.31 -38.14 -33.07
CA LEU C 552 10.21 -36.77 -32.59
C LEU C 552 10.76 -36.61 -31.17
N THR C 553 10.39 -37.51 -30.27
CA THR C 553 10.85 -37.46 -28.87
C THR C 553 12.36 -37.66 -28.77
N PRO C 554 13.04 -36.73 -28.07
CA PRO C 554 14.48 -36.78 -27.79
C PRO C 554 14.89 -37.98 -26.93
N ILE C 555 15.95 -38.65 -27.36
CA ILE C 555 16.53 -39.78 -26.67
C ILE C 555 17.43 -39.28 -25.56
N THR C 556 16.96 -39.39 -24.32
CA THR C 556 17.75 -38.88 -23.21
C THR C 556 18.74 -39.91 -22.69
N ILE C 557 20.02 -39.54 -22.68
CA ILE C 557 21.06 -40.37 -22.08
C ILE C 557 21.16 -40.00 -20.61
N PHE C 558 20.92 -40.94 -19.71
CA PHE C 558 20.91 -40.62 -18.29
C PHE C 558 22.14 -41.20 -17.57
N MET C 559 22.85 -40.42 -16.78
CA MET C 559 23.98 -41.00 -16.04
C MET C 559 23.80 -40.85 -14.54
N GLU C 560 23.87 -41.96 -13.82
CA GLU C 560 23.73 -41.97 -12.36
C GLU C 560 24.96 -42.60 -11.71
N TYR C 561 25.41 -42.05 -10.59
CA TYR C 561 26.59 -42.53 -9.89
C TYR C 561 26.34 -42.48 -8.39
N ARG C 562 26.99 -43.35 -7.64
CA ARG C 562 26.84 -43.37 -6.21
C ARG C 562 28.20 -43.76 -5.66
N LEU C 563 28.38 -43.66 -4.35
CA LEU C 563 29.67 -44.00 -3.78
C LEU C 563 29.56 -45.23 -2.92
N ASP C 564 30.70 -45.90 -2.76
CA ASP C 564 30.89 -46.87 -1.71
C ASP C 564 31.24 -46.16 -0.40
N TYR C 565 30.20 -45.92 0.39
CA TYR C 565 30.36 -45.31 1.72
C TYR C 565 31.01 -46.25 2.72
N ARG C 566 30.68 -47.54 2.61
CA ARG C 566 31.23 -48.55 3.52
C ARG C 566 32.74 -48.61 3.43
N THR C 567 33.27 -48.54 2.21
CA THR C 567 34.71 -48.70 1.98
C THR C 567 35.49 -47.39 2.06
N ALA C 568 34.80 -46.26 2.02
CA ALA C 568 35.48 -44.98 2.06
C ALA C 568 35.66 -44.51 3.49
N ALA C 569 35.09 -45.27 4.43
CA ALA C 569 35.06 -44.87 5.83
C ALA C 569 36.46 -44.67 6.39
N ASP C 570 36.54 -44.05 7.55
CA ASP C 570 37.82 -43.82 8.21
C ASP C 570 37.98 -44.88 9.29
N THR C 571 39.11 -44.82 10.01
CA THR C 571 39.39 -45.75 11.09
C THR C 571 38.33 -45.72 12.19
N THR C 572 37.68 -44.57 12.36
CA THR C 572 36.62 -44.43 13.36
C THR C 572 35.25 -44.80 12.81
N GLY C 573 35.21 -45.27 11.57
CA GLY C 573 33.96 -45.65 10.93
C GLY C 573 33.12 -44.51 10.39
N LEU C 574 33.73 -43.35 10.22
CA LEU C 574 33.02 -42.16 9.74
C LEU C 574 33.02 -42.11 8.22
N GLN C 575 31.85 -42.37 7.63
CA GLN C 575 31.69 -42.40 6.19
C GLN C 575 31.42 -41.01 5.63
N PRO C 576 32.14 -40.65 4.55
CA PRO C 576 32.04 -39.38 3.85
C PRO C 576 30.64 -39.22 3.26
N ILE C 577 30.39 -38.08 2.63
CA ILE C 577 29.08 -37.81 2.08
C ILE C 577 29.25 -36.84 0.94
N LEU C 578 28.39 -36.99 -0.06
CA LEU C 578 28.40 -36.12 -1.21
C LEU C 578 27.83 -34.78 -0.82
N ASN C 579 28.41 -33.74 -1.40
CA ASN C 579 28.00 -32.38 -1.17
C ASN C 579 26.56 -32.21 -1.65
N GLN C 580 25.81 -31.35 -0.95
CA GLN C 580 24.40 -31.11 -1.21
C GLN C 580 24.31 -30.12 -2.35
N PHE C 581 23.12 -29.92 -2.92
CA PHE C 581 22.99 -29.05 -4.10
C PHE C 581 23.61 -29.72 -5.33
N THR C 582 24.45 -30.73 -5.13
CA THR C 582 25.08 -31.34 -6.28
C THR C 582 24.26 -32.59 -6.58
N PRO C 583 23.83 -32.68 -7.84
CA PRO C 583 23.17 -33.80 -8.52
C PRO C 583 23.96 -35.08 -8.59
N ALA C 584 23.35 -36.15 -8.10
CA ALA C 584 23.97 -37.46 -8.13
C ALA C 584 23.74 -38.08 -9.49
N ASN C 585 23.25 -37.27 -10.43
CA ASN C 585 23.02 -37.75 -11.79
C ASN C 585 22.95 -36.55 -12.71
N ILE C 586 23.20 -36.77 -14.01
CA ILE C 586 23.02 -35.75 -15.03
C ILE C 586 22.46 -36.40 -16.29
N SER C 587 21.78 -35.60 -17.11
CA SER C 587 21.18 -36.12 -18.33
C SER C 587 21.48 -35.21 -19.53
N ARG C 588 21.62 -35.85 -20.68
CA ARG C 588 21.86 -35.21 -21.97
C ARG C 588 21.05 -35.96 -23.01
N GLN C 589 20.44 -35.22 -23.91
CA GLN C 589 19.57 -35.82 -24.91
C GLN C 589 20.08 -35.73 -26.32
N ALA C 590 19.72 -36.72 -27.12
CA ALA C 590 20.05 -36.70 -28.53
C ALA C 590 18.74 -36.76 -29.31
N HIS C 591 18.77 -36.24 -30.52
CA HIS C 591 17.63 -36.06 -31.41
C HIS C 591 17.89 -36.81 -32.70
N ILE C 592 16.83 -37.16 -33.40
CA ILE C 592 17.01 -37.93 -34.61
C ILE C 592 16.74 -36.86 -35.65
N LEU C 593 17.41 -36.98 -36.78
CA LEU C 593 17.19 -36.12 -37.93
C LEU C 593 15.88 -36.30 -38.67
N LEU C 594 15.28 -35.16 -39.03
CA LEU C 594 14.01 -35.11 -39.74
C LEU C 594 14.18 -34.54 -41.14
N GLY D 5 -5.61 -21.99 -20.33
CA GLY D 5 -6.94 -22.39 -19.96
C GLY D 5 -6.97 -23.78 -19.36
N CYS D 6 -8.05 -24.51 -19.60
CA CYS D 6 -8.17 -25.89 -19.13
C CYS D 6 -7.56 -26.86 -20.13
N ALA D 7 -7.29 -26.36 -21.33
CA ALA D 7 -6.56 -27.13 -22.33
C ALA D 7 -5.09 -27.16 -21.89
N LEU D 8 -4.22 -27.60 -22.79
CA LEU D 8 -2.76 -27.68 -22.54
C LEU D 8 -2.34 -28.43 -21.26
N GLY D 9 -3.31 -29.02 -20.55
CA GLY D 9 -3.03 -29.76 -19.33
C GLY D 9 -2.24 -31.02 -19.61
N GLY D 10 -2.78 -31.86 -20.48
CA GLY D 10 -2.12 -33.09 -20.87
C GLY D 10 -3.13 -34.08 -21.38
N ALA D 11 -4.36 -33.96 -20.87
CA ALA D 11 -5.47 -34.82 -21.26
C ALA D 11 -5.11 -36.29 -21.09
N GLU D 12 -4.38 -36.61 -20.03
CA GLU D 12 -4.00 -37.98 -19.75
C GLU D 12 -5.14 -38.72 -19.07
N THR D 13 -5.58 -38.19 -17.94
CA THR D 13 -6.64 -38.81 -17.15
C THR D 13 -7.62 -37.74 -16.72
N CYS D 14 -8.90 -38.11 -16.62
CA CYS D 14 -9.93 -37.21 -16.15
C CYS D 14 -9.59 -36.68 -14.76
N GLU D 15 -8.95 -37.53 -13.96
CA GLU D 15 -8.54 -37.16 -12.61
C GLU D 15 -7.52 -36.04 -12.63
N ASP D 16 -6.54 -36.14 -13.53
CA ASP D 16 -5.49 -35.12 -13.64
C ASP D 16 -6.04 -33.83 -14.23
N CYS D 17 -7.15 -33.93 -14.94
CA CYS D 17 -7.81 -32.79 -15.56
C CYS D 17 -8.41 -31.90 -14.48
N LEU D 18 -8.85 -32.50 -13.38
CA LEU D 18 -9.49 -31.77 -12.30
C LEU D 18 -8.45 -31.07 -11.44
N LEU D 19 -7.20 -31.51 -11.57
CA LEU D 19 -6.12 -31.00 -10.73
C LEU D 19 -5.62 -29.65 -11.22
N ILE D 20 -5.63 -29.45 -12.53
CA ILE D 20 -5.06 -28.24 -13.12
C ILE D 20 -5.96 -27.03 -12.89
N GLY D 21 -7.21 -27.27 -12.53
CA GLY D 21 -8.14 -26.18 -12.29
C GLY D 21 -9.51 -26.66 -11.88
N PRO D 22 -10.19 -25.88 -11.02
CA PRO D 22 -11.54 -26.17 -10.56
C PRO D 22 -12.59 -25.87 -11.63
N GLN D 23 -12.18 -25.14 -12.67
CA GLN D 23 -13.08 -24.76 -13.76
C GLN D 23 -12.99 -25.75 -14.91
N CYS D 24 -12.05 -26.67 -14.82
CA CYS D 24 -11.79 -27.62 -15.91
C CYS D 24 -12.70 -28.84 -15.88
N ALA D 25 -12.99 -29.36 -17.06
CA ALA D 25 -13.89 -30.51 -17.19
C ALA D 25 -13.35 -31.53 -18.17
N TRP D 26 -13.88 -32.75 -18.10
CA TRP D 26 -13.43 -33.84 -18.94
C TRP D 26 -14.58 -34.50 -19.69
N CYS D 27 -14.32 -34.91 -20.93
CA CYS D 27 -15.30 -35.62 -21.73
C CYS D 27 -14.85 -37.06 -21.91
N ALA D 28 -15.46 -37.97 -21.16
CA ALA D 28 -15.07 -39.37 -21.18
C ALA D 28 -15.71 -40.13 -22.34
N THR D 29 -15.57 -39.59 -23.55
CA THR D 29 -16.09 -40.25 -24.74
C THR D 29 -14.98 -40.50 -25.76
N GLU D 30 -15.17 -41.55 -26.56
CA GLU D 30 -14.31 -41.78 -27.72
C GLU D 30 -14.97 -41.11 -28.93
N ASN D 31 -15.86 -40.18 -28.64
CA ASN D 31 -16.65 -39.48 -29.65
C ASN D 31 -15.96 -38.20 -30.11
N GLU D 40 -6.40 -33.21 -25.96
CA GLU D 40 -6.91 -32.05 -25.23
C GLU D 40 -8.41 -32.16 -25.02
N ARG D 41 -8.85 -33.29 -24.48
CA ARG D 41 -10.25 -33.49 -24.17
C ARG D 41 -10.63 -32.72 -22.92
N CYS D 42 -9.62 -32.34 -22.15
CA CYS D 42 -9.82 -31.55 -20.94
C CYS D 42 -10.00 -30.07 -21.29
N ASP D 43 -11.19 -29.54 -21.04
CA ASP D 43 -11.49 -28.16 -21.34
C ASP D 43 -12.72 -27.69 -20.57
N THR D 44 -13.03 -26.39 -20.64
CA THR D 44 -14.19 -25.83 -19.96
C THR D 44 -15.49 -26.38 -20.54
N PRO D 45 -16.51 -26.57 -19.68
CA PRO D 45 -17.82 -27.11 -20.05
C PRO D 45 -18.54 -26.30 -21.13
N ALA D 46 -18.40 -24.99 -21.10
CA ALA D 46 -19.01 -24.13 -22.11
C ALA D 46 -18.43 -24.47 -23.48
N ASN D 47 -17.15 -24.83 -23.48
CA ASN D 47 -16.46 -25.24 -24.70
C ASN D 47 -16.76 -26.69 -25.09
N LEU D 48 -16.86 -27.56 -24.10
CA LEU D 48 -17.00 -28.99 -24.33
C LEU D 48 -18.29 -29.41 -25.04
N LEU D 49 -19.42 -28.86 -24.62
CA LEU D 49 -20.70 -29.21 -25.22
C LEU D 49 -20.73 -28.83 -26.70
N ALA D 50 -20.12 -27.70 -27.02
CA ALA D 50 -20.05 -27.22 -28.40
C ALA D 50 -19.05 -27.99 -29.25
N LYS D 51 -17.97 -28.47 -28.62
CA LYS D 51 -16.93 -29.23 -29.33
C LYS D 51 -17.44 -30.60 -29.79
N GLY D 52 -18.50 -31.08 -29.17
CA GLY D 52 -19.06 -32.36 -29.55
C GLY D 52 -19.04 -33.38 -28.42
N CYS D 53 -19.28 -32.91 -27.21
CA CYS D 53 -19.36 -33.81 -26.05
C CYS D 53 -20.82 -34.03 -25.70
N GLN D 54 -21.07 -34.99 -24.82
CA GLN D 54 -22.44 -35.35 -24.48
C GLN D 54 -22.84 -34.79 -23.13
N LEU D 55 -24.15 -34.75 -22.87
CA LEU D 55 -24.67 -34.16 -21.65
C LEU D 55 -24.39 -35.04 -20.43
N ASN D 56 -24.57 -36.34 -20.59
CA ASN D 56 -24.44 -37.29 -19.49
C ASN D 56 -22.99 -37.72 -19.24
N PHE D 57 -22.10 -37.30 -20.12
CA PHE D 57 -20.71 -37.72 -20.06
C PHE D 57 -19.74 -36.63 -19.61
N ILE D 58 -20.21 -35.39 -19.59
CA ILE D 58 -19.41 -34.30 -19.05
C ILE D 58 -19.35 -34.46 -17.53
N GLU D 59 -18.16 -34.74 -17.01
CA GLU D 59 -17.99 -34.99 -15.58
C GLU D 59 -17.45 -33.77 -14.84
N ASN D 60 -18.31 -33.14 -14.05
CA ASN D 60 -17.93 -31.92 -13.33
C ASN D 60 -18.16 -32.02 -11.83
N PRO D 61 -17.15 -32.49 -11.10
CA PRO D 61 -17.24 -32.50 -9.64
C PRO D 61 -17.10 -31.09 -9.04
N VAL D 62 -18.14 -30.28 -9.18
CA VAL D 62 -18.10 -28.89 -8.74
C VAL D 62 -18.24 -28.78 -7.21
N SER D 63 -17.59 -27.78 -6.62
CA SER D 63 -17.74 -27.51 -5.19
C SER D 63 -19.17 -27.10 -4.84
N GLN D 64 -19.69 -27.65 -3.75
CA GLN D 64 -21.04 -27.33 -3.31
C GLN D 64 -21.19 -27.49 -1.81
N VAL D 65 -22.31 -27.01 -1.28
CA VAL D 65 -22.61 -27.16 0.14
C VAL D 65 -23.90 -27.94 0.32
N GLU D 66 -23.98 -28.70 1.40
CA GLU D 66 -25.19 -29.44 1.71
C GLU D 66 -25.60 -29.17 3.15
N ILE D 67 -26.63 -28.34 3.31
CA ILE D 67 -27.14 -27.98 4.63
C ILE D 67 -27.74 -29.21 5.32
N LEU D 68 -27.27 -29.51 6.53
CA LEU D 68 -27.80 -30.65 7.26
C LEU D 68 -28.76 -30.19 8.36
N LYS D 69 -28.26 -29.34 9.25
CA LYS D 69 -29.09 -28.79 10.31
C LYS D 69 -29.04 -27.26 10.26
N ASN D 70 -30.14 -26.65 9.83
CA ASN D 70 -30.24 -25.21 9.76
C ASN D 70 -31.49 -24.67 10.47
N LYS D 71 -31.47 -24.69 11.80
CA LYS D 71 -32.56 -24.16 12.61
C LYS D 71 -32.50 -22.65 12.67
N PRO D 72 -33.65 -21.98 12.52
CA PRO D 72 -33.70 -20.53 12.62
C PRO D 72 -33.29 -20.03 14.01
N LEU D 73 -32.64 -18.86 14.05
CA LEU D 73 -32.17 -18.28 15.29
C LEU D 73 -33.30 -17.91 16.24
N SER D 74 -33.30 -18.51 17.41
CA SER D 74 -34.25 -18.17 18.45
C SER D 74 -33.95 -16.79 19.03
N VAL D 75 -34.98 -16.10 19.49
CA VAL D 75 -34.81 -14.78 20.07
C VAL D 75 -35.99 -14.46 21.00
N GLY D 76 -35.73 -13.65 22.04
CA GLY D 76 -36.79 -13.15 22.89
C GLY D 76 -37.06 -13.82 24.22
N ARG D 77 -35.99 -14.32 24.85
CA ARG D 77 -36.02 -14.91 26.19
C ARG D 77 -36.82 -16.20 26.14
N GLN D 78 -36.14 -17.33 26.20
CA GLN D 78 -36.83 -18.60 26.14
C GLN D 78 -36.55 -19.37 27.43
N LYS D 79 -37.61 -19.95 27.98
CA LYS D 79 -37.55 -20.59 29.28
C LYS D 79 -36.92 -21.97 29.15
N ASN D 80 -37.12 -22.57 27.98
CA ASN D 80 -36.54 -23.86 27.63
C ASN D 80 -35.19 -23.65 26.96
N SER D 81 -34.12 -24.05 27.65
CA SER D 81 -32.76 -23.80 27.19
C SER D 81 -32.42 -24.53 25.90
N SER D 82 -33.06 -25.68 25.68
CA SER D 82 -32.74 -26.51 24.54
C SER D 82 -33.31 -25.97 23.24
N ASP D 83 -34.14 -24.93 23.33
CA ASP D 83 -34.72 -24.32 22.15
C ASP D 83 -33.90 -23.09 21.74
N ILE D 84 -32.86 -22.79 22.51
CA ILE D 84 -32.02 -21.64 22.22
C ILE D 84 -31.09 -21.90 21.03
N VAL D 85 -31.17 -21.02 20.03
CA VAL D 85 -30.32 -21.12 18.85
C VAL D 85 -29.60 -19.79 18.60
N GLN D 86 -28.28 -19.79 18.75
CA GLN D 86 -27.51 -18.55 18.66
C GLN D 86 -26.61 -18.49 17.42
N ILE D 87 -26.55 -19.57 16.67
CA ILE D 87 -25.77 -19.61 15.43
C ILE D 87 -26.52 -20.42 14.38
N ALA D 88 -26.43 -19.98 13.12
CA ALA D 88 -27.12 -20.64 12.03
C ALA D 88 -26.32 -20.56 10.73
N PRO D 89 -26.17 -21.69 10.04
CA PRO D 89 -26.70 -23.01 10.44
C PRO D 89 -25.84 -23.67 11.52
N GLN D 90 -26.14 -24.92 11.84
CA GLN D 90 -25.47 -25.63 12.92
C GLN D 90 -24.67 -26.81 12.42
N SER D 91 -25.09 -27.39 11.29
CA SER D 91 -24.37 -28.50 10.68
C SER D 91 -24.30 -28.37 9.16
N LEU D 92 -23.11 -28.60 8.62
CA LEU D 92 -22.88 -28.43 7.19
C LEU D 92 -21.90 -29.46 6.65
N ILE D 93 -22.13 -29.91 5.42
CA ILE D 93 -21.16 -30.69 4.69
C ILE D 93 -20.65 -29.86 3.51
N LEU D 94 -19.33 -29.69 3.44
CA LEU D 94 -18.71 -28.83 2.44
C LEU D 94 -17.84 -29.63 1.49
N LYS D 95 -18.37 -29.87 0.29
CA LYS D 95 -17.61 -30.57 -0.75
C LYS D 95 -16.81 -29.59 -1.58
N LEU D 96 -15.49 -29.65 -1.45
CA LEU D 96 -14.63 -28.66 -2.09
C LEU D 96 -13.75 -29.27 -3.16
N ARG D 97 -13.94 -28.81 -4.39
CA ARG D 97 -12.99 -29.07 -5.46
C ARG D 97 -11.70 -28.35 -5.11
N PRO D 98 -10.55 -28.99 -5.34
CA PRO D 98 -9.27 -28.32 -5.07
C PRO D 98 -9.11 -27.05 -5.91
N GLY D 99 -9.05 -25.91 -5.23
CA GLY D 99 -8.93 -24.62 -5.90
C GLY D 99 -10.24 -23.86 -5.97
N GLY D 100 -11.34 -24.59 -6.06
CA GLY D 100 -12.66 -24.00 -6.11
C GLY D 100 -13.17 -23.65 -4.73
N ALA D 101 -13.16 -22.35 -4.41
CA ALA D 101 -13.53 -21.91 -3.07
C ALA D 101 -15.02 -21.86 -2.92
N GLN D 102 -15.47 -21.75 -1.67
CA GLN D 102 -16.88 -21.66 -1.36
C GLN D 102 -17.07 -20.73 -0.16
N THR D 103 -18.07 -19.87 -0.24
CA THR D 103 -18.31 -18.91 0.84
C THR D 103 -19.54 -19.31 1.65
N LEU D 104 -19.34 -19.44 2.96
CA LEU D 104 -20.42 -19.83 3.86
C LEU D 104 -21.04 -18.60 4.51
N GLN D 105 -22.37 -18.57 4.57
CA GLN D 105 -23.04 -17.48 5.26
C GLN D 105 -23.45 -17.92 6.66
N VAL D 106 -22.67 -17.45 7.64
CA VAL D 106 -22.91 -17.79 9.04
C VAL D 106 -23.61 -16.65 9.77
N HIS D 107 -24.68 -16.99 10.50
CA HIS D 107 -25.46 -16.00 11.23
C HIS D 107 -25.42 -16.27 12.74
N VAL D 108 -25.19 -15.24 13.52
CA VAL D 108 -25.08 -15.37 14.97
C VAL D 108 -25.98 -14.37 15.70
N ARG D 109 -26.67 -14.84 16.74
CA ARG D 109 -27.56 -13.97 17.51
C ARG D 109 -27.56 -14.34 18.98
N GLN D 110 -27.34 -13.36 19.84
CA GLN D 110 -27.37 -13.61 21.27
C GLN D 110 -28.78 -13.54 21.85
N THR D 111 -29.09 -14.50 22.73
CA THR D 111 -30.40 -14.55 23.35
C THR D 111 -30.46 -13.59 24.53
N GLU D 112 -31.67 -13.12 24.83
CA GLU D 112 -31.89 -12.14 25.88
C GLU D 112 -31.47 -12.67 27.20
N ASP D 113 -31.99 -13.84 27.52
CA ASP D 113 -31.70 -14.27 28.83
C ASP D 113 -30.86 -15.55 28.67
N TYR D 114 -29.66 -15.59 29.30
CA TYR D 114 -28.70 -16.69 29.13
C TYR D 114 -27.80 -16.80 30.38
N PRO D 115 -27.59 -18.02 30.89
CA PRO D 115 -26.80 -18.29 32.10
C PRO D 115 -25.37 -17.78 32.04
N VAL D 116 -24.94 -17.19 33.16
CA VAL D 116 -23.62 -16.61 33.23
C VAL D 116 -22.87 -17.19 34.42
N ASP D 117 -21.65 -17.64 34.18
CA ASP D 117 -20.76 -18.08 35.25
C ASP D 117 -19.65 -17.06 35.46
N LEU D 118 -19.38 -16.74 36.72
CA LEU D 118 -18.34 -15.76 37.03
C LEU D 118 -17.36 -16.32 38.04
N TYR D 119 -16.10 -16.39 37.66
CA TYR D 119 -15.06 -16.81 38.59
C TYR D 119 -14.14 -15.65 38.92
N TYR D 120 -14.21 -15.24 40.18
CA TYR D 120 -13.43 -14.14 40.71
C TYR D 120 -12.07 -14.62 41.16
N LEU D 121 -11.05 -14.27 40.36
CA LEU D 121 -9.67 -14.66 40.63
C LEU D 121 -8.88 -13.46 41.10
N MET D 122 -8.57 -13.40 42.41
CA MET D 122 -7.97 -12.19 42.96
C MET D 122 -6.52 -12.37 43.40
N ASP D 123 -5.69 -11.43 42.97
CA ASP D 123 -4.36 -11.23 43.51
C ASP D 123 -4.39 -10.97 45.01
N LEU D 124 -3.67 -11.78 45.79
CA LEU D 124 -3.62 -11.57 47.24
C LEU D 124 -2.21 -11.17 47.72
N SER D 125 -1.46 -10.47 46.87
CA SER D 125 -0.18 -9.81 47.21
C SER D 125 -0.36 -8.70 48.23
N ALA D 126 0.74 -8.27 48.84
CA ALA D 126 0.68 -7.27 49.90
C ALA D 126 0.10 -5.91 49.47
N SER D 127 0.20 -5.57 48.18
CA SER D 127 -0.33 -4.32 47.64
C SER D 127 -1.86 -4.32 47.54
N MET D 128 -2.46 -5.49 47.71
CA MET D 128 -3.92 -5.67 47.61
C MET D 128 -4.71 -5.68 48.93
N ASP D 129 -4.11 -5.20 50.00
CA ASP D 129 -4.71 -5.17 51.34
C ASP D 129 -5.91 -4.23 51.45
N ASP D 130 -5.78 -3.04 50.89
CA ASP D 130 -6.85 -2.05 50.91
C ASP D 130 -8.05 -2.44 50.05
N ASP D 131 -7.80 -3.17 48.97
CA ASP D 131 -8.84 -3.71 48.10
C ASP D 131 -9.82 -4.64 48.80
N LEU D 132 -9.26 -5.52 49.63
CA LEU D 132 -10.02 -6.50 50.40
C LEU D 132 -11.11 -5.90 51.29
N ASN D 133 -10.83 -4.77 51.94
CA ASN D 133 -11.81 -4.19 52.84
C ASN D 133 -13.08 -3.78 52.08
N THR D 134 -12.93 -3.39 50.82
CA THR D 134 -14.06 -2.94 50.03
C THR D 134 -14.88 -4.08 49.39
N ILE D 135 -14.25 -5.23 49.18
CA ILE D 135 -14.94 -6.33 48.49
C ILE D 135 -15.78 -7.21 49.43
N LYS D 136 -15.73 -6.90 50.71
CA LYS D 136 -16.37 -7.70 51.76
C LYS D 136 -17.85 -7.99 51.48
N GLU D 137 -18.48 -7.11 50.71
CA GLU D 137 -19.90 -7.26 50.35
C GLU D 137 -20.13 -7.12 48.83
N LEU D 138 -19.09 -7.44 48.06
CA LEU D 138 -19.17 -7.38 46.60
C LEU D 138 -20.16 -8.41 46.06
N GLY D 139 -20.17 -9.59 46.68
CA GLY D 139 -21.00 -10.71 46.28
C GLY D 139 -22.48 -10.42 46.14
N SER D 140 -23.07 -9.87 47.20
CA SER D 140 -24.49 -9.57 47.18
C SER D 140 -24.77 -8.43 46.22
N ARG D 141 -23.81 -7.51 46.09
CA ARG D 141 -23.98 -6.36 45.21
C ARG D 141 -23.87 -6.76 43.74
N LEU D 142 -22.99 -7.72 43.45
CA LEU D 142 -22.81 -8.17 42.08
C LEU D 142 -23.99 -8.99 41.59
N SER D 143 -24.46 -9.90 42.42
CA SER D 143 -25.56 -10.78 42.07
C SER D 143 -26.90 -10.06 42.04
N LYS D 144 -26.95 -8.90 42.69
CA LYS D 144 -28.16 -8.07 42.68
C LYS D 144 -28.32 -7.38 41.34
N GLU D 145 -27.22 -6.88 40.80
CA GLU D 145 -27.22 -6.20 39.51
C GLU D 145 -27.37 -7.21 38.38
N MET D 146 -26.63 -8.31 38.48
CA MET D 146 -26.68 -9.38 37.49
C MET D 146 -28.03 -10.08 37.39
N SER D 147 -28.81 -10.04 38.47
CA SER D 147 -30.15 -10.65 38.48
C SER D 147 -31.09 -10.01 37.46
N LYS D 148 -30.84 -8.74 37.18
CA LYS D 148 -31.60 -7.97 36.20
C LYS D 148 -31.30 -8.41 34.77
N LEU D 149 -30.06 -8.80 34.53
CA LEU D 149 -29.57 -9.04 33.18
C LEU D 149 -29.66 -10.51 32.81
N THR D 150 -29.73 -11.38 33.80
CA THR D 150 -29.86 -12.80 33.55
C THR D 150 -30.56 -13.44 34.75
N SER D 151 -31.16 -14.61 34.54
CA SER D 151 -31.88 -15.30 35.60
C SER D 151 -31.03 -16.38 36.26
N ASN D 152 -29.89 -16.68 35.65
CA ASN D 152 -28.97 -17.71 36.17
C ASN D 152 -27.57 -17.16 36.30
N PHE D 153 -27.27 -16.62 37.48
CA PHE D 153 -25.96 -16.08 37.76
C PHE D 153 -25.31 -16.88 38.88
N ARG D 154 -24.08 -17.31 38.63
CA ARG D 154 -23.24 -18.06 39.55
C ARG D 154 -21.82 -17.55 39.73
N LEU D 155 -21.40 -17.37 40.98
CA LEU D 155 -20.06 -16.84 41.28
C LEU D 155 -19.22 -17.83 42.07
N GLY D 156 -17.91 -17.78 41.83
CA GLY D 156 -16.97 -18.63 42.53
C GLY D 156 -15.78 -17.77 42.92
N PHE D 157 -14.85 -18.34 43.68
CA PHE D 157 -13.70 -17.57 44.16
C PHE D 157 -12.39 -18.35 44.10
N GLY D 158 -11.32 -17.64 43.77
CA GLY D 158 -9.99 -18.22 43.81
C GLY D 158 -8.96 -17.13 44.06
N SER D 159 -7.81 -17.50 44.60
CA SER D 159 -6.79 -16.50 44.90
C SER D 159 -5.41 -16.96 44.47
N PHE D 160 -4.48 -16.01 44.36
CA PHE D 160 -3.12 -16.31 43.92
C PHE D 160 -2.12 -15.31 44.46
N VAL D 161 -0.86 -15.72 44.51
CA VAL D 161 0.22 -14.78 44.75
C VAL D 161 1.41 -15.01 43.82
N GLU D 162 2.11 -16.12 44.01
CA GLU D 162 3.34 -16.37 43.30
C GLU D 162 3.85 -17.78 43.56
N LYS D 163 4.70 -18.29 42.67
CA LYS D 163 5.41 -19.53 42.93
C LYS D 163 6.24 -19.34 44.20
N PRO D 164 5.97 -20.16 45.22
CA PRO D 164 6.65 -20.03 46.51
C PRO D 164 8.07 -20.57 46.46
N VAL D 165 8.89 -20.04 45.55
CA VAL D 165 10.26 -20.48 45.43
C VAL D 165 11.17 -19.28 45.18
N SER D 166 12.44 -19.43 45.54
CA SER D 166 13.49 -18.46 45.26
C SER D 166 13.66 -18.38 43.74
N PRO D 167 13.90 -17.17 43.21
CA PRO D 167 14.12 -15.91 43.90
C PRO D 167 12.86 -15.06 44.01
N PHE D 168 11.71 -15.64 43.71
CA PHE D 168 10.50 -14.86 43.73
C PHE D 168 10.07 -14.59 45.17
N VAL D 169 10.69 -15.28 46.11
CA VAL D 169 10.28 -15.22 47.50
C VAL D 169 11.51 -15.43 48.39
N LYS D 170 11.65 -14.61 49.42
CA LYS D 170 12.75 -14.80 50.38
C LYS D 170 12.56 -16.09 51.16
N THR D 171 13.66 -16.77 51.49
CA THR D 171 13.59 -18.16 51.91
C THR D 171 14.23 -18.43 53.27
N THR D 172 14.46 -17.36 54.04
CA THR D 172 14.86 -17.52 55.44
C THR D 172 13.62 -17.99 56.21
N PRO D 173 13.83 -18.76 57.29
CA PRO D 173 12.73 -19.29 58.12
C PRO D 173 11.68 -18.25 58.50
N GLU D 174 12.13 -17.05 58.86
CA GLU D 174 11.24 -15.98 59.27
C GLU D 174 10.45 -15.47 58.08
N GLU D 175 11.14 -15.26 56.96
CA GLU D 175 10.51 -14.76 55.75
C GLU D 175 9.54 -15.78 55.15
N ILE D 176 9.83 -17.07 55.32
CA ILE D 176 8.90 -18.11 54.88
C ILE D 176 7.61 -18.15 55.71
N ALA D 177 7.75 -18.11 57.03
CA ALA D 177 6.61 -18.12 57.94
C ALA D 177 5.70 -16.88 57.81
N ASN D 178 6.35 -15.76 57.54
CA ASN D 178 5.70 -14.46 57.37
C ASN D 178 6.44 -13.61 56.35
N PRO D 179 5.97 -13.61 55.09
CA PRO D 179 6.79 -12.79 54.18
C PRO D 179 6.61 -11.29 54.35
N CYS D 180 5.91 -10.83 55.38
CA CYS D 180 5.84 -9.39 55.56
C CYS D 180 6.48 -9.17 56.91
N SER D 181 7.43 -10.04 57.27
CA SER D 181 8.13 -9.92 58.53
C SER D 181 9.16 -8.81 58.57
N SER D 182 9.34 -8.16 57.43
CA SER D 182 10.37 -7.15 57.33
C SER D 182 9.79 -5.75 57.42
N ILE D 183 8.48 -5.65 57.17
CA ILE D 183 7.80 -4.37 57.19
C ILE D 183 7.83 -3.63 58.52
N PRO D 184 7.47 -4.29 59.64
CA PRO D 184 6.92 -5.60 60.01
C PRO D 184 5.39 -5.60 59.95
N TYR D 185 4.76 -6.60 59.34
CA TYR D 185 3.33 -6.54 59.13
C TYR D 185 2.95 -8.03 59.16
N PHE D 186 1.70 -8.40 59.45
CA PHE D 186 1.42 -9.84 59.45
C PHE D 186 0.85 -10.37 58.11
N CYS D 187 1.53 -11.25 57.39
CA CYS D 187 0.88 -11.82 56.20
C CYS D 187 1.02 -13.34 56.14
N LEU D 188 0.16 -13.99 55.35
CA LEU D 188 0.21 -15.44 55.19
C LEU D 188 1.42 -15.83 54.36
N PRO D 189 1.98 -17.02 54.59
CA PRO D 189 3.05 -17.47 53.68
C PRO D 189 2.57 -17.54 52.22
N THR D 190 3.49 -17.22 51.30
CA THR D 190 3.20 -17.22 49.87
C THR D 190 2.66 -18.56 49.38
N PHE D 191 1.64 -18.50 48.53
CA PHE D 191 1.07 -19.69 47.92
C PHE D 191 0.81 -19.42 46.45
N GLY D 192 0.68 -20.48 45.65
CA GLY D 192 0.57 -20.29 44.22
C GLY D 192 -0.85 -19.93 43.80
N PHE D 193 -1.77 -20.89 43.92
CA PHE D 193 -3.17 -20.64 43.61
C PHE D 193 -4.08 -21.55 44.43
N LYS D 194 -5.00 -20.93 45.17
CA LYS D 194 -5.98 -21.65 45.95
C LYS D 194 -7.39 -21.47 45.37
N HIS D 195 -8.05 -22.58 45.05
CA HIS D 195 -9.44 -22.54 44.59
C HIS D 195 -10.40 -22.74 45.75
N ILE D 196 -10.84 -21.61 46.30
CA ILE D 196 -11.64 -21.58 47.51
C ILE D 196 -13.11 -21.91 47.30
N LEU D 197 -13.76 -21.22 46.38
CA LEU D 197 -15.20 -21.39 46.20
C LEU D 197 -15.61 -21.79 44.79
N PRO D 198 -16.18 -22.99 44.65
CA PRO D 198 -16.86 -23.55 43.48
C PRO D 198 -18.13 -22.76 43.17
N LEU D 199 -18.39 -22.51 41.89
CA LEU D 199 -19.47 -21.63 41.46
C LEU D 199 -20.85 -22.04 41.96
N THR D 200 -21.53 -21.12 42.63
CA THR D 200 -22.81 -21.42 43.27
C THR D 200 -23.80 -20.28 43.12
N ASN D 201 -25.08 -20.52 43.38
CA ASN D 201 -26.07 -19.46 43.26
C ASN D 201 -26.11 -18.59 44.51
N ASP D 202 -25.60 -19.11 45.61
CA ASP D 202 -25.59 -18.37 46.87
C ASP D 202 -24.54 -17.27 46.89
N ALA D 203 -25.03 -16.04 46.73
CA ALA D 203 -24.21 -14.84 46.70
C ALA D 203 -23.74 -14.49 48.10
N GLU D 204 -24.52 -14.92 49.10
CA GLU D 204 -24.19 -14.66 50.48
C GLU D 204 -22.97 -15.47 50.89
N ARG D 205 -22.86 -16.69 50.35
CA ARG D 205 -21.71 -17.56 50.56
C ARG D 205 -20.39 -16.93 50.06
N PHE D 206 -20.48 -16.17 48.98
CA PHE D 206 -19.34 -15.45 48.39
C PHE D 206 -18.79 -14.34 49.28
N ASN D 207 -19.69 -13.65 49.96
CA ASN D 207 -19.39 -12.55 50.87
C ASN D 207 -18.49 -13.05 51.99
N GLU D 208 -18.95 -14.10 52.66
CA GLU D 208 -18.30 -14.67 53.82
C GLU D 208 -16.89 -15.18 53.49
N ILE D 209 -16.72 -15.65 52.26
CA ILE D 209 -15.44 -16.15 51.79
C ILE D 209 -14.39 -15.02 51.70
N VAL D 210 -14.83 -13.87 51.21
CA VAL D 210 -14.02 -12.66 51.11
C VAL D 210 -13.50 -12.10 52.45
N LYS D 211 -14.38 -12.04 53.44
CA LYS D 211 -14.04 -11.53 54.77
C LYS D 211 -13.02 -12.37 55.53
N ASN D 212 -12.81 -13.59 55.03
CA ASN D 212 -11.89 -14.55 55.62
C ASN D 212 -10.56 -14.59 54.91
N GLN D 213 -10.46 -13.86 53.80
CA GLN D 213 -9.21 -13.84 53.06
C GLN D 213 -8.13 -13.11 53.86
N LYS D 214 -6.88 -13.49 53.60
CA LYS D 214 -5.74 -12.87 54.27
C LYS D 214 -4.64 -12.58 53.26
N ILE D 215 -4.00 -11.43 53.39
CA ILE D 215 -2.98 -11.06 52.43
C ILE D 215 -1.63 -11.79 52.56
N SER D 216 -1.01 -12.08 51.40
CA SER D 216 0.31 -12.71 51.34
C SER D 216 1.40 -11.68 51.10
N ALA D 217 2.57 -12.14 50.65
CA ALA D 217 3.58 -11.28 50.03
C ALA D 217 4.69 -12.09 49.35
N ASN D 218 5.49 -11.39 48.57
CA ASN D 218 6.71 -11.93 47.99
C ASN D 218 7.65 -10.79 47.64
N ILE D 219 8.58 -11.00 46.72
CA ILE D 219 9.55 -9.96 46.40
C ILE D 219 9.22 -9.20 45.11
N ASP D 220 9.43 -9.86 43.97
CA ASP D 220 9.32 -9.20 42.66
C ASP D 220 7.88 -8.85 42.33
N THR D 221 7.72 -7.75 41.60
CA THR D 221 6.41 -7.17 41.33
C THR D 221 5.51 -8.01 40.41
N PRO D 222 6.03 -8.55 39.30
CA PRO D 222 5.06 -9.37 38.56
C PRO D 222 4.66 -10.58 39.41
N GLU D 223 3.51 -11.19 39.12
CA GLU D 223 3.03 -12.24 40.01
C GLU D 223 2.77 -13.52 39.23
N GLY D 224 2.22 -14.54 39.90
CA GLY D 224 2.04 -15.83 39.27
C GLY D 224 0.60 -16.08 38.86
N GLY D 225 -0.07 -15.04 38.40
CA GLY D 225 -1.46 -15.13 37.96
C GLY D 225 -1.73 -16.13 36.86
N PHE D 226 -0.86 -16.18 35.87
CA PHE D 226 -1.08 -17.05 34.72
C PHE D 226 -1.23 -18.51 35.16
N ASP D 227 -0.52 -18.90 36.22
CA ASP D 227 -0.69 -20.23 36.80
C ASP D 227 -2.14 -20.44 37.19
N ALA D 228 -2.70 -19.44 37.88
CA ALA D 228 -4.08 -19.49 38.35
C ALA D 228 -5.08 -19.49 37.19
N ILE D 229 -4.86 -18.60 36.21
CA ILE D 229 -5.73 -18.51 35.04
C ILE D 229 -5.85 -19.84 34.33
N MET D 230 -4.70 -20.49 34.11
CA MET D 230 -4.66 -21.80 33.49
C MET D 230 -5.48 -22.84 34.25
N GLN D 231 -5.26 -22.90 35.55
CA GLN D 231 -5.99 -23.85 36.40
C GLN D 231 -7.49 -23.58 36.44
N ALA D 232 -7.86 -22.30 36.48
CA ALA D 232 -9.27 -21.90 36.51
C ALA D 232 -9.99 -22.33 35.23
N ALA D 233 -9.32 -22.17 34.09
CA ALA D 233 -9.89 -22.51 32.79
C ALA D 233 -10.07 -24.01 32.56
N VAL D 234 -9.09 -24.79 33.01
CA VAL D 234 -9.03 -26.20 32.68
C VAL D 234 -9.87 -27.07 33.65
N CYS D 235 -9.77 -26.78 34.95
CA CYS D 235 -10.46 -27.59 35.95
C CYS D 235 -11.97 -27.34 35.94
N LYS D 236 -12.68 -27.96 35.00
CA LYS D 236 -14.12 -27.70 34.81
C LYS D 236 -15.01 -28.19 35.95
N GLU D 237 -14.85 -29.46 36.32
CA GLU D 237 -15.67 -30.08 37.35
C GLU D 237 -15.44 -29.44 38.73
N LYS D 238 -14.19 -29.06 38.99
CA LYS D 238 -13.79 -28.52 40.29
C LYS D 238 -14.34 -27.08 40.42
N ILE D 239 -14.03 -26.25 39.42
CA ILE D 239 -14.52 -24.87 39.42
C ILE D 239 -16.03 -24.81 39.25
N GLY D 240 -16.58 -25.65 38.38
CA GLY D 240 -18.02 -25.78 38.27
C GLY D 240 -18.66 -25.09 37.08
N TRP D 241 -17.91 -24.92 36.00
CA TRP D 241 -18.44 -24.29 34.80
C TRP D 241 -19.66 -25.06 34.27
N ARG D 242 -20.78 -24.36 34.07
CA ARG D 242 -21.94 -25.00 33.46
C ARG D 242 -21.69 -25.15 31.97
N ASN D 243 -22.31 -26.18 31.39
CA ASN D 243 -22.07 -26.49 30.00
C ASN D 243 -22.57 -25.47 29.00
N ASP D 244 -23.84 -25.10 29.08
CA ASP D 244 -24.37 -24.12 28.14
C ASP D 244 -24.53 -22.77 28.84
N SER D 245 -23.41 -22.13 29.14
CA SER D 245 -23.41 -20.83 29.81
C SER D 245 -22.15 -20.01 29.55
N LEU D 246 -22.24 -18.70 29.74
CA LEU D 246 -21.08 -17.82 29.63
C LEU D 246 -20.08 -18.04 30.76
N HIS D 247 -18.83 -18.26 30.38
CA HIS D 247 -17.77 -18.49 31.34
C HIS D 247 -16.94 -17.23 31.49
N LEU D 248 -17.13 -16.50 32.59
CA LEU D 248 -16.40 -15.27 32.84
C LEU D 248 -15.35 -15.42 33.92
N LEU D 249 -14.10 -15.18 33.53
CA LEU D 249 -12.99 -15.26 34.46
C LEU D 249 -12.45 -13.86 34.75
N VAL D 250 -12.80 -13.29 35.91
CA VAL D 250 -12.36 -11.93 36.24
C VAL D 250 -11.00 -12.01 36.92
N PHE D 251 -10.00 -11.39 36.30
CA PHE D 251 -8.63 -11.41 36.80
C PHE D 251 -8.27 -10.08 37.47
N VAL D 252 -8.23 -10.06 38.79
CA VAL D 252 -8.00 -8.83 39.54
C VAL D 252 -6.59 -8.70 40.11
N SER D 253 -5.80 -7.77 39.59
CA SER D 253 -4.41 -7.59 40.02
C SER D 253 -3.93 -6.17 39.74
N ASP D 254 -2.92 -5.70 40.47
CA ASP D 254 -2.31 -4.38 40.24
C ASP D 254 -0.88 -4.56 39.78
N ALA D 255 -0.57 -5.71 39.22
CA ALA D 255 0.79 -6.05 38.83
C ALA D 255 0.91 -6.77 37.49
N ASP D 256 2.12 -6.73 36.93
CA ASP D 256 2.44 -7.52 35.76
C ASP D 256 2.34 -9.01 36.07
N SER D 257 2.61 -9.84 35.07
CA SER D 257 2.50 -11.28 35.26
C SER D 257 3.77 -11.97 34.80
N HIS D 258 4.07 -13.10 35.45
CA HIS D 258 5.14 -13.94 34.98
C HIS D 258 4.56 -14.87 33.94
N PHE D 259 5.38 -15.23 32.97
CA PHE D 259 4.96 -16.12 31.91
C PHE D 259 6.11 -17.02 31.49
N GLY D 260 5.78 -18.18 30.93
CA GLY D 260 6.74 -19.06 30.30
C GLY D 260 7.96 -19.40 31.12
N MET D 261 9.11 -19.04 30.55
CA MET D 261 10.42 -19.42 31.07
C MET D 261 10.99 -18.44 32.09
N ASP D 262 10.11 -17.64 32.71
CA ASP D 262 10.52 -16.79 33.82
C ASP D 262 10.97 -17.66 34.99
N SER D 263 10.38 -18.85 35.10
CA SER D 263 10.67 -19.76 36.19
C SER D 263 12.06 -20.40 36.11
N LYS D 264 12.83 -20.15 35.05
CA LYS D 264 14.19 -20.69 34.99
C LYS D 264 15.03 -20.14 36.11
N LEU D 265 14.69 -18.93 36.57
CA LEU D 265 15.38 -18.32 37.68
C LEU D 265 15.17 -19.17 38.94
N ALA D 266 14.02 -19.84 39.01
CA ALA D 266 13.69 -20.66 40.17
C ALA D 266 14.12 -22.11 39.96
N GLY D 267 14.73 -22.36 38.81
CA GLY D 267 15.17 -23.70 38.43
C GLY D 267 14.01 -24.56 37.98
N ILE D 268 12.92 -23.93 37.58
CA ILE D 268 11.76 -24.66 37.06
C ILE D 268 11.76 -24.63 35.53
N VAL D 269 12.08 -25.76 34.90
CA VAL D 269 12.34 -25.76 33.46
C VAL D 269 11.49 -26.79 32.72
N CYS D 270 10.48 -27.33 33.41
CA CYS D 270 9.51 -28.22 32.79
C CYS D 270 8.26 -27.43 32.43
N PRO D 271 7.94 -27.33 31.13
CA PRO D 271 6.82 -26.56 30.61
C PRO D 271 5.45 -26.94 31.16
N ASN D 272 4.57 -25.94 31.23
CA ASN D 272 3.20 -26.16 31.68
C ASN D 272 2.48 -27.10 30.71
N ASP D 273 1.71 -28.02 31.28
CA ASP D 273 1.06 -29.08 30.49
C ASP D 273 -0.40 -28.77 30.24
N GLY D 274 -0.89 -27.70 30.86
CA GLY D 274 -2.26 -27.27 30.66
C GLY D 274 -3.25 -28.27 31.21
N LEU D 275 -2.82 -29.06 32.17
CA LEU D 275 -3.67 -30.02 32.84
C LEU D 275 -4.10 -29.51 34.20
N CYS D 276 -5.13 -30.12 34.77
CA CYS D 276 -5.60 -29.69 36.08
C CYS D 276 -4.75 -30.30 37.20
N HIS D 277 -4.18 -29.46 38.06
CA HIS D 277 -3.37 -29.99 39.14
C HIS D 277 -3.81 -29.32 40.44
N LEU D 278 -5.02 -29.67 40.86
CA LEU D 278 -5.65 -29.20 42.09
C LEU D 278 -5.80 -30.36 43.05
N ASP D 279 -5.14 -30.30 44.19
CA ASP D 279 -5.05 -31.49 45.00
C ASP D 279 -6.30 -31.58 45.86
N SER D 280 -6.27 -32.48 46.83
CA SER D 280 -7.30 -32.62 47.83
C SER D 280 -7.67 -31.33 48.56
N LYS D 281 -6.68 -30.46 48.74
CA LYS D 281 -6.91 -29.12 49.26
C LYS D 281 -7.29 -28.04 48.24
N ASN D 282 -7.56 -28.43 46.99
CA ASN D 282 -7.84 -27.48 45.90
C ASN D 282 -6.75 -26.43 45.70
N GLU D 283 -5.50 -26.81 45.95
CA GLU D 283 -4.35 -25.98 45.67
C GLU D 283 -3.55 -26.48 44.46
N TYR D 284 -2.94 -25.55 43.74
CA TYR D 284 -2.14 -25.89 42.58
C TYR D 284 -0.85 -26.57 43.06
N SER D 285 -0.74 -27.87 42.76
CA SER D 285 0.33 -28.70 43.30
C SER D 285 1.58 -28.70 42.44
N MET D 286 1.50 -28.07 41.27
CA MET D 286 2.64 -28.03 40.36
C MET D 286 3.25 -26.64 40.33
N SER D 287 2.86 -25.82 41.31
CA SER D 287 3.34 -24.44 41.39
C SER D 287 4.87 -24.39 41.43
N THR D 288 5.49 -25.39 42.03
CA THR D 288 6.94 -25.41 42.16
C THR D 288 7.58 -26.40 41.19
N VAL D 289 6.76 -27.02 40.36
CA VAL D 289 7.22 -28.06 39.43
C VAL D 289 7.22 -27.59 37.97
N LEU D 290 6.13 -26.96 37.57
CA LEU D 290 5.93 -26.55 36.19
C LEU D 290 6.16 -25.06 35.97
N GLU D 291 6.51 -24.71 34.74
CA GLU D 291 6.72 -23.33 34.37
C GLU D 291 5.40 -22.57 34.34
N TYR D 292 5.49 -21.24 34.33
CA TYR D 292 4.32 -20.42 34.04
C TYR D 292 3.84 -20.77 32.64
N PRO D 293 2.51 -20.79 32.44
CA PRO D 293 2.01 -20.98 31.08
C PRO D 293 2.45 -19.88 30.12
N THR D 294 2.44 -20.18 28.83
CA THR D 294 2.71 -19.18 27.80
C THR D 294 1.38 -18.59 27.31
N ILE D 295 1.44 -17.42 26.69
CA ILE D 295 0.24 -16.79 26.15
C ILE D 295 -0.43 -17.75 25.18
N GLY D 296 0.37 -18.40 24.33
CA GLY D 296 -0.14 -19.38 23.40
C GLY D 296 -0.83 -20.56 24.06
N GLN D 297 -0.34 -20.94 25.24
CA GLN D 297 -0.94 -22.02 26.01
C GLN D 297 -2.23 -21.56 26.67
N LEU D 298 -2.25 -20.32 27.14
CA LEU D 298 -3.46 -19.76 27.74
C LEU D 298 -4.56 -19.64 26.69
N ILE D 299 -4.23 -19.03 25.56
CA ILE D 299 -5.13 -18.92 24.41
C ILE D 299 -5.75 -20.28 24.08
N ASP D 300 -4.90 -21.29 23.98
CA ASP D 300 -5.35 -22.64 23.64
C ASP D 300 -6.38 -23.19 24.60
N LYS D 301 -6.16 -22.95 25.89
CA LYS D 301 -7.03 -23.54 26.90
C LYS D 301 -8.30 -22.70 27.13
N LEU D 302 -8.16 -21.37 27.09
CA LEU D 302 -9.31 -20.47 27.23
C LEU D 302 -10.32 -20.72 26.11
N VAL D 303 -9.82 -20.91 24.89
CA VAL D 303 -10.68 -21.17 23.76
C VAL D 303 -11.34 -22.53 23.88
N GLN D 304 -10.56 -23.54 24.26
CA GLN D 304 -11.07 -24.89 24.38
C GLN D 304 -12.12 -24.99 25.48
N ASN D 305 -11.96 -24.21 26.54
CA ASN D 305 -12.91 -24.28 27.64
C ASN D 305 -13.90 -23.14 27.56
N ASN D 306 -13.86 -22.42 26.45
CA ASN D 306 -14.79 -21.34 26.14
C ASN D 306 -14.86 -20.29 27.26
N VAL D 307 -13.71 -19.94 27.80
CA VAL D 307 -13.62 -19.01 28.91
C VAL D 307 -13.25 -17.59 28.47
N LEU D 308 -14.10 -16.64 28.82
CA LEU D 308 -13.88 -15.22 28.52
C LEU D 308 -13.13 -14.53 29.64
N LEU D 309 -11.93 -14.03 29.32
CA LEU D 309 -11.04 -13.49 30.32
C LEU D 309 -11.14 -11.96 30.50
N ILE D 310 -11.50 -11.54 31.71
CA ILE D 310 -11.62 -10.11 32.01
C ILE D 310 -10.47 -9.67 32.92
N PHE D 311 -9.67 -8.74 32.41
CA PHE D 311 -8.53 -8.16 33.13
C PHE D 311 -8.88 -6.89 33.90
N ALA D 312 -9.26 -7.04 35.16
CA ALA D 312 -9.46 -5.86 36.00
C ALA D 312 -8.15 -5.46 36.65
N VAL D 313 -7.45 -4.52 36.02
CA VAL D 313 -6.11 -4.14 36.45
C VAL D 313 -5.99 -2.63 36.61
N THR D 314 -5.05 -2.20 37.43
CA THR D 314 -4.87 -0.78 37.72
C THR D 314 -4.26 -0.04 36.52
N GLN D 315 -4.19 1.29 36.63
CA GLN D 315 -3.82 2.16 35.52
C GLN D 315 -2.49 1.82 34.89
N GLU D 316 -1.51 1.49 35.72
CA GLU D 316 -0.16 1.21 35.27
C GLU D 316 -0.04 -0.08 34.45
N GLN D 317 -1.04 -0.95 34.59
CA GLN D 317 -1.09 -2.27 33.94
C GLN D 317 -2.07 -2.33 32.78
N VAL D 318 -2.91 -1.32 32.67
CA VAL D 318 -4.01 -1.33 31.72
C VAL D 318 -3.45 -1.53 30.33
N HIS D 319 -2.50 -0.69 29.96
CA HIS D 319 -1.95 -0.74 28.61
C HIS D 319 -1.26 -2.08 28.33
N LEU D 320 -0.52 -2.61 29.30
CA LEU D 320 0.13 -3.91 29.17
C LEU D 320 -0.90 -5.03 28.93
N TYR D 321 -1.93 -5.09 29.76
CA TYR D 321 -2.93 -6.14 29.64
C TYR D 321 -3.84 -5.96 28.42
N GLU D 322 -3.99 -4.72 27.96
CA GLU D 322 -4.70 -4.46 26.71
C GLU D 322 -4.05 -5.22 25.55
N ASN D 323 -2.73 -5.14 25.47
CA ASN D 323 -1.97 -5.84 24.43
C ASN D 323 -2.14 -7.36 24.53
N TYR D 324 -2.14 -7.90 25.75
CA TYR D 324 -2.40 -9.33 25.97
C TYR D 324 -3.79 -9.68 25.47
N ALA D 325 -4.76 -8.83 25.81
CA ALA D 325 -6.16 -9.09 25.48
C ALA D 325 -6.38 -9.11 23.96
N LYS D 326 -5.54 -8.40 23.21
CA LYS D 326 -5.69 -8.35 21.76
C LYS D 326 -5.29 -9.68 21.09
N LEU D 327 -4.54 -10.49 21.83
CA LEU D 327 -4.13 -11.82 21.36
C LEU D 327 -5.07 -12.91 21.82
N ILE D 328 -5.80 -12.64 22.90
CA ILE D 328 -6.68 -13.63 23.49
C ILE D 328 -8.11 -13.36 23.07
N PRO D 329 -8.70 -14.28 22.30
CA PRO D 329 -10.07 -14.05 21.85
C PRO D 329 -11.04 -14.01 23.02
N GLY D 330 -11.92 -13.00 23.00
CA GLY D 330 -12.92 -12.85 24.05
C GLY D 330 -12.42 -12.11 25.28
N ALA D 331 -11.17 -11.65 25.26
CA ALA D 331 -10.61 -10.99 26.45
C ALA D 331 -10.84 -9.48 26.41
N THR D 332 -11.12 -8.92 27.57
CA THR D 332 -11.27 -7.48 27.78
C THR D 332 -10.55 -6.99 29.03
N VAL D 333 -10.38 -5.67 29.12
CA VAL D 333 -9.66 -5.02 30.21
C VAL D 333 -10.49 -3.90 30.84
N GLY D 334 -10.54 -3.90 32.16
CA GLY D 334 -11.23 -2.86 32.91
C GLY D 334 -10.29 -2.15 33.85
N LEU D 335 -10.39 -0.83 33.90
CA LEU D 335 -9.54 -0.01 34.76
C LEU D 335 -9.93 -0.08 36.22
N LEU D 336 -9.17 -0.86 36.99
CA LEU D 336 -9.43 -1.02 38.41
C LEU D 336 -8.82 0.13 39.24
N GLN D 337 -9.57 0.64 40.21
CA GLN D 337 -9.05 1.68 41.12
C GLN D 337 -8.10 1.13 42.18
N LYS D 338 -7.33 2.02 42.81
CA LYS D 338 -6.26 1.61 43.70
C LYS D 338 -6.87 0.83 44.85
N ASP D 339 -8.13 1.14 45.19
CA ASP D 339 -8.80 0.42 46.26
C ASP D 339 -9.90 -0.50 45.76
N SER D 340 -9.88 -0.79 44.45
CA SER D 340 -10.86 -1.66 43.79
C SER D 340 -12.31 -1.22 44.04
N GLY D 341 -12.53 0.08 44.17
CA GLY D 341 -13.83 0.65 44.44
C GLY D 341 -14.88 0.50 43.35
N ASN D 342 -14.41 0.23 42.14
CA ASN D 342 -15.22 0.20 40.93
C ASN D 342 -15.38 -1.18 40.29
N ILE D 343 -15.07 -2.23 41.04
CA ILE D 343 -15.01 -3.58 40.49
C ILE D 343 -16.41 -3.99 40.01
N LEU D 344 -17.44 -3.53 40.72
CA LEU D 344 -18.82 -3.79 40.29
C LEU D 344 -19.12 -3.27 38.91
N GLN D 345 -18.80 -2.00 38.69
CA GLN D 345 -19.03 -1.34 37.41
C GLN D 345 -18.19 -1.95 36.31
N LEU D 346 -16.96 -2.33 36.63
CA LEU D 346 -16.09 -2.93 35.63
C LEU D 346 -16.62 -4.24 35.09
N ILE D 347 -17.13 -5.07 36.02
CA ILE D 347 -17.64 -6.38 35.66
C ILE D 347 -18.90 -6.27 34.82
N ILE D 348 -19.79 -5.39 35.23
CA ILE D 348 -21.03 -5.16 34.52
C ILE D 348 -20.75 -4.57 33.14
N SER D 349 -19.86 -3.57 33.09
CA SER D 349 -19.45 -2.94 31.83
C SER D 349 -18.88 -3.97 30.86
N ALA D 350 -17.98 -4.79 31.36
CA ALA D 350 -17.35 -5.84 30.56
C ALA D 350 -18.37 -6.84 30.04
N TYR D 351 -19.28 -7.25 30.93
CA TYR D 351 -20.34 -8.19 30.59
C TYR D 351 -21.19 -7.62 29.45
N GLU D 352 -21.57 -6.36 29.59
CA GLU D 352 -22.38 -5.67 28.60
C GLU D 352 -21.60 -5.44 27.32
N GLU D 353 -20.29 -5.35 27.46
CA GLU D 353 -19.42 -5.22 26.31
C GLU D 353 -19.45 -6.53 25.50
N LEU D 354 -19.28 -7.67 26.15
CA LEU D 354 -19.27 -8.97 25.46
C LEU D 354 -20.67 -9.28 24.94
N ARG D 355 -21.65 -8.64 25.58
CA ARG D 355 -23.08 -8.76 25.30
C ARG D 355 -23.44 -8.07 24.01
N SER D 356 -22.52 -7.29 23.49
CA SER D 356 -22.77 -6.60 22.23
C SER D 356 -21.73 -6.98 21.18
N GLU D 357 -20.65 -7.61 21.61
CA GLU D 357 -19.61 -8.06 20.71
C GLU D 357 -19.97 -9.45 20.20
N VAL D 358 -19.62 -9.74 18.95
CA VAL D 358 -19.80 -11.10 18.40
C VAL D 358 -18.53 -11.42 17.63
N GLU D 359 -17.74 -12.34 18.19
CA GLU D 359 -16.60 -12.90 17.46
C GLU D 359 -16.72 -14.33 16.99
N LEU D 360 -16.32 -14.55 15.75
CA LEU D 360 -16.32 -15.88 15.18
C LEU D 360 -14.97 -16.52 15.52
N GLU D 361 -14.94 -17.83 15.67
CA GLU D 361 -13.66 -18.53 15.82
C GLU D 361 -13.71 -19.83 15.03
N VAL D 362 -12.59 -20.22 14.44
CA VAL D 362 -12.56 -21.42 13.61
C VAL D 362 -11.62 -22.47 14.20
N LEU D 363 -12.21 -23.54 14.73
CA LEU D 363 -11.46 -24.58 15.41
C LEU D 363 -11.40 -25.86 14.58
N GLY D 364 -10.47 -26.74 14.92
CA GLY D 364 -10.38 -28.03 14.25
C GLY D 364 -9.30 -28.08 13.22
N ASP D 365 -9.43 -29.01 12.27
CA ASP D 365 -8.38 -29.25 11.29
C ASP D 365 -8.47 -28.23 10.18
N THR D 366 -7.85 -27.07 10.42
CA THR D 366 -7.91 -25.94 9.51
C THR D 366 -6.53 -25.59 8.97
N GLU D 367 -5.56 -26.44 9.27
CA GLU D 367 -4.18 -26.22 8.85
C GLU D 367 -4.05 -26.50 7.36
N GLY D 368 -3.36 -25.60 6.66
CA GLY D 368 -3.15 -25.75 5.22
C GLY D 368 -4.40 -25.40 4.44
N LEU D 369 -5.33 -24.72 5.10
CA LEU D 369 -6.60 -24.34 4.50
C LEU D 369 -6.72 -22.83 4.37
N ASN D 370 -7.16 -22.36 3.22
CA ASN D 370 -7.38 -20.93 3.04
C ASN D 370 -8.72 -20.50 3.61
N LEU D 371 -8.69 -19.58 4.56
CA LEU D 371 -9.90 -19.04 5.17
C LEU D 371 -9.88 -17.52 5.16
N SER D 372 -10.99 -16.91 4.75
CA SER D 372 -11.11 -15.45 4.79
C SER D 372 -12.46 -15.06 5.37
N PHE D 373 -12.50 -13.89 6.00
CA PHE D 373 -13.71 -13.46 6.71
C PHE D 373 -14.14 -12.05 6.37
N THR D 374 -15.43 -11.86 6.12
CA THR D 374 -16.00 -10.52 6.05
C THR D 374 -17.17 -10.43 7.02
N ALA D 375 -17.23 -9.33 7.77
CA ALA D 375 -18.25 -9.17 8.81
C ALA D 375 -19.35 -8.21 8.36
N ILE D 376 -20.59 -8.65 8.46
CA ILE D 376 -21.72 -7.78 8.17
C ILE D 376 -22.38 -7.27 9.45
N CYS D 377 -21.76 -6.27 10.07
CA CYS D 377 -22.24 -5.74 11.34
C CYS D 377 -23.31 -4.66 11.19
N ASN D 378 -24.08 -4.46 12.25
CA ASN D 378 -25.00 -3.33 12.39
C ASN D 378 -25.90 -3.03 11.19
N ASN D 379 -25.73 -1.84 10.62
CA ASN D 379 -26.60 -1.35 9.56
C ASN D 379 -26.61 -2.20 8.30
N GLY D 380 -25.60 -3.04 8.13
CA GLY D 380 -25.48 -3.82 6.91
C GLY D 380 -24.12 -3.65 6.28
N THR D 381 -23.36 -2.67 6.77
CA THR D 381 -22.02 -2.40 6.27
C THR D 381 -21.14 -3.65 6.39
N LEU D 382 -20.19 -3.79 5.46
CA LEU D 382 -19.33 -4.96 5.46
C LEU D 382 -17.89 -4.60 5.84
N PHE D 383 -17.32 -5.41 6.72
CA PHE D 383 -15.94 -5.22 7.16
C PHE D 383 -15.06 -6.32 6.58
N GLN D 384 -14.12 -5.94 5.73
CA GLN D 384 -13.24 -6.90 5.08
C GLN D 384 -12.22 -7.40 6.09
N HIS D 385 -11.78 -8.65 5.91
CA HIS D 385 -10.77 -9.25 6.78
C HIS D 385 -11.14 -9.13 8.25
N GLN D 386 -12.42 -9.36 8.56
CA GLN D 386 -12.91 -9.23 9.92
C GLN D 386 -13.96 -10.28 10.26
N LYS D 387 -13.83 -10.87 11.45
CA LYS D 387 -14.78 -11.87 11.93
C LYS D 387 -15.37 -11.43 13.26
N LYS D 388 -15.43 -10.12 13.46
CA LYS D 388 -15.83 -9.55 14.74
C LYS D 388 -16.85 -8.44 14.53
N CYS D 389 -17.92 -8.46 15.32
CA CYS D 389 -18.93 -7.40 15.31
C CYS D 389 -19.04 -6.73 16.68
N SER D 390 -19.39 -5.45 16.67
CA SER D 390 -19.48 -4.67 17.90
C SER D 390 -20.67 -3.71 17.89
N HIS D 391 -20.91 -3.07 19.03
CA HIS D 391 -22.01 -2.11 19.17
C HIS D 391 -23.36 -2.73 18.79
N MET D 392 -23.64 -3.92 19.30
CA MET D 392 -24.89 -4.61 18.97
C MET D 392 -25.86 -4.68 20.14
N LYS D 393 -27.12 -4.36 19.89
CA LYS D 393 -28.15 -4.53 20.91
C LYS D 393 -28.41 -6.03 21.03
N VAL D 394 -28.65 -6.51 22.24
CA VAL D 394 -28.91 -7.94 22.41
C VAL D 394 -30.19 -8.29 21.65
N GLY D 395 -30.04 -9.15 20.64
CA GLY D 395 -31.15 -9.46 19.76
C GLY D 395 -30.77 -9.19 18.32
N ASP D 396 -29.84 -8.27 18.12
CA ASP D 396 -29.32 -7.98 16.78
C ASP D 396 -28.54 -9.17 16.23
N THR D 397 -28.60 -9.35 14.92
CA THR D 397 -27.95 -10.48 14.30
C THR D 397 -26.68 -10.06 13.56
N ALA D 398 -25.63 -10.87 13.69
CA ALA D 398 -24.38 -10.63 13.01
C ALA D 398 -24.13 -11.71 11.96
N SER D 399 -23.91 -11.30 10.72
CA SER D 399 -23.68 -12.26 9.64
C SER D 399 -22.25 -12.21 9.14
N PHE D 400 -21.66 -13.38 8.93
CA PHE D 400 -20.28 -13.48 8.48
C PHE D 400 -20.17 -14.32 7.21
N SER D 401 -19.32 -13.88 6.29
CA SER D 401 -19.07 -14.64 5.09
C SER D 401 -17.71 -15.31 5.17
N VAL D 402 -17.74 -16.58 5.58
CA VAL D 402 -16.53 -17.38 5.69
C VAL D 402 -16.25 -18.11 4.38
N THR D 403 -15.12 -17.76 3.76
CA THR D 403 -14.72 -18.34 2.50
C THR D 403 -13.71 -19.47 2.74
N VAL D 404 -14.05 -20.67 2.30
CA VAL D 404 -13.19 -21.83 2.52
C VAL D 404 -12.66 -22.38 1.22
N ASN D 405 -11.37 -22.70 1.19
CA ASN D 405 -10.78 -23.24 -0.02
C ASN D 405 -9.72 -24.28 0.28
N ILE D 406 -9.76 -25.38 -0.47
CA ILE D 406 -8.74 -26.41 -0.39
C ILE D 406 -7.75 -26.22 -1.54
N PRO D 407 -6.48 -25.99 -1.21
CA PRO D 407 -5.42 -25.73 -2.21
C PRO D 407 -5.08 -26.95 -3.06
N HIS D 408 -4.83 -28.10 -2.43
CA HIS D 408 -4.47 -29.30 -3.16
C HIS D 408 -5.33 -30.47 -2.73
N CYS D 409 -5.58 -31.39 -3.67
CA CYS D 409 -6.42 -32.55 -3.41
C CYS D 409 -5.93 -33.37 -2.22
N GLU D 410 -6.78 -33.47 -1.19
CA GLU D 410 -6.44 -34.19 0.03
C GLU D 410 -7.03 -35.60 0.03
N ARG D 411 -6.56 -36.42 0.96
CA ARG D 411 -7.03 -37.80 1.04
C ARG D 411 -8.27 -37.90 1.93
N ARG D 412 -8.14 -37.44 3.17
CA ARG D 412 -9.21 -37.52 4.15
C ARG D 412 -9.89 -36.18 4.38
N SER D 413 -11.13 -36.23 4.86
CA SER D 413 -11.92 -35.03 5.11
C SER D 413 -11.50 -34.34 6.40
N ARG D 414 -11.97 -33.11 6.59
CA ARG D 414 -11.58 -32.30 7.74
C ARG D 414 -12.76 -31.96 8.65
N HIS D 415 -12.57 -32.15 9.95
CA HIS D 415 -13.58 -31.76 10.92
C HIS D 415 -13.28 -30.37 11.46
N ILE D 416 -14.19 -29.44 11.20
CA ILE D 416 -14.00 -28.04 11.56
C ILE D 416 -15.18 -27.54 12.38
N ILE D 417 -14.91 -26.63 13.31
CA ILE D 417 -15.96 -26.03 14.13
C ILE D 417 -15.91 -24.50 14.05
N ILE D 418 -16.98 -23.91 13.54
CA ILE D 418 -17.13 -22.46 13.59
C ILE D 418 -18.13 -22.11 14.69
N LYS D 419 -17.70 -21.28 15.63
CA LYS D 419 -18.56 -20.96 16.76
C LYS D 419 -18.32 -19.53 17.24
N PRO D 420 -19.32 -18.94 17.90
CA PRO D 420 -19.07 -17.63 18.50
C PRO D 420 -18.22 -17.77 19.75
N VAL D 421 -17.32 -16.83 19.98
CA VAL D 421 -16.47 -16.88 21.16
C VAL D 421 -17.28 -16.69 22.43
N GLY D 422 -17.16 -17.63 23.35
CA GLY D 422 -17.83 -17.56 24.63
C GLY D 422 -19.14 -18.31 24.69
N LEU D 423 -19.78 -18.50 23.53
CA LEU D 423 -21.07 -19.20 23.47
C LEU D 423 -20.87 -20.68 23.13
N GLY D 424 -21.77 -21.52 23.62
CA GLY D 424 -21.65 -22.95 23.42
C GLY D 424 -22.01 -23.41 22.02
N ASP D 425 -23.03 -22.78 21.44
CA ASP D 425 -23.51 -23.13 20.10
C ASP D 425 -22.39 -23.11 19.06
N ALA D 426 -22.45 -24.06 18.13
CA ALA D 426 -21.37 -24.22 17.14
C ALA D 426 -21.86 -24.68 15.77
N LEU D 427 -21.04 -24.41 14.76
CA LEU D 427 -21.31 -24.84 13.39
C LEU D 427 -20.31 -25.91 12.98
N GLU D 428 -20.76 -27.15 12.95
CA GLU D 428 -19.92 -28.26 12.52
C GLU D 428 -19.70 -28.22 11.02
N LEU D 429 -18.44 -28.42 10.61
CA LEU D 429 -18.10 -28.39 9.19
C LEU D 429 -17.37 -29.65 8.76
N LEU D 430 -18.00 -30.43 7.90
CA LEU D 430 -17.36 -31.60 7.33
C LEU D 430 -16.86 -31.25 5.93
N VAL D 431 -15.59 -30.88 5.84
CA VAL D 431 -15.00 -30.49 4.56
C VAL D 431 -14.34 -31.70 3.89
N SER D 432 -14.97 -32.22 2.86
CA SER D 432 -14.45 -33.38 2.15
C SER D 432 -14.06 -33.03 0.72
N PRO D 433 -12.82 -33.35 0.33
CA PRO D 433 -12.29 -33.05 -1.00
C PRO D 433 -12.89 -33.94 -2.10
N GLU D 434 -13.08 -33.37 -3.28
CA GLU D 434 -13.53 -34.12 -4.45
C GLU D 434 -12.52 -33.97 -5.58
N CYS D 435 -11.68 -34.99 -5.73
CA CYS D 435 -10.58 -34.93 -6.71
C CYS D 435 -10.65 -36.09 -7.69
N ASN D 436 -11.70 -36.88 -7.60
CA ASN D 436 -11.83 -38.08 -8.43
C ASN D 436 -13.03 -38.05 -9.36
N CYS D 437 -12.94 -38.80 -10.45
CA CYS D 437 -14.01 -38.89 -11.43
C CYS D 437 -14.89 -40.12 -11.22
N ASP D 438 -15.98 -40.21 -11.96
CA ASP D 438 -16.87 -41.37 -11.91
C ASP D 438 -16.40 -42.44 -12.89
N CYS D 439 -15.69 -41.99 -13.92
CA CYS D 439 -15.22 -42.87 -14.99
C CYS D 439 -14.16 -43.86 -14.50
N GLN D 440 -13.49 -43.52 -13.41
CA GLN D 440 -12.43 -44.37 -12.87
C GLN D 440 -12.98 -45.44 -11.92
N LYS D 441 -14.26 -45.75 -12.06
CA LYS D 441 -14.90 -46.79 -11.26
C LYS D 441 -15.23 -48.02 -12.11
N VAL D 443 -13.51 -48.67 -14.82
CA VAL D 443 -12.26 -49.24 -15.32
C VAL D 443 -12.42 -50.71 -15.71
N GLU D 444 -12.16 -51.01 -16.98
CA GLU D 444 -12.31 -52.37 -17.48
C GLU D 444 -10.95 -53.00 -17.81
N VAL D 445 -10.42 -53.79 -16.88
CA VAL D 445 -9.15 -54.47 -17.08
C VAL D 445 -9.28 -55.54 -18.15
N ASN D 446 -8.39 -55.50 -19.13
CA ASN D 446 -8.40 -56.44 -20.26
C ASN D 446 -9.73 -56.43 -21.00
N SER D 447 -10.20 -55.24 -21.38
CA SER D 447 -11.46 -55.09 -22.09
C SER D 447 -11.29 -55.44 -23.55
N SER D 448 -12.40 -55.71 -24.24
CA SER D 448 -12.35 -56.06 -25.66
C SER D 448 -12.33 -54.80 -26.53
N LYS D 449 -12.33 -53.65 -25.89
CA LYS D 449 -12.32 -52.38 -26.61
C LYS D 449 -10.92 -51.96 -27.06
N CYS D 450 -9.90 -52.51 -26.41
CA CYS D 450 -8.52 -52.19 -26.75
C CYS D 450 -7.77 -53.35 -27.39
N HIS D 451 -8.18 -53.74 -28.59
CA HIS D 451 -7.53 -54.82 -29.35
C HIS D 451 -7.35 -56.11 -28.54
N ASN D 452 -8.42 -56.90 -28.48
CA ASN D 452 -8.39 -58.22 -27.86
C ASN D 452 -7.78 -58.25 -26.45
N GLY D 453 -8.04 -57.20 -25.67
CA GLY D 453 -7.58 -57.14 -24.29
C GLY D 453 -6.10 -56.88 -24.11
N ASN D 454 -5.55 -55.96 -24.90
CA ASN D 454 -4.15 -55.59 -24.77
C ASN D 454 -3.98 -54.43 -23.79
N GLY D 455 -5.10 -53.86 -23.36
CA GLY D 455 -5.08 -52.76 -22.41
C GLY D 455 -6.41 -52.56 -21.71
N SER D 456 -6.41 -51.72 -20.68
CA SER D 456 -7.62 -51.42 -19.91
C SER D 456 -8.31 -50.17 -20.44
N PHE D 457 -9.64 -50.17 -20.39
CA PHE D 457 -10.42 -49.02 -20.86
C PHE D 457 -10.98 -48.23 -19.70
N GLN D 458 -10.78 -46.92 -19.73
CA GLN D 458 -11.27 -46.03 -18.67
C GLN D 458 -11.35 -44.58 -19.14
N CYS D 459 -12.40 -43.88 -18.74
CA CYS D 459 -12.59 -42.46 -19.04
C CYS D 459 -12.61 -42.13 -20.53
N GLY D 460 -13.05 -43.06 -21.36
CA GLY D 460 -13.11 -42.82 -22.79
C GLY D 460 -11.80 -43.05 -23.53
N VAL D 461 -10.73 -43.30 -22.80
CA VAL D 461 -9.41 -43.51 -23.39
C VAL D 461 -8.81 -44.84 -22.97
N CYS D 462 -8.26 -45.59 -23.92
CA CYS D 462 -7.68 -46.89 -23.63
C CYS D 462 -6.26 -46.75 -23.08
N ALA D 463 -6.00 -47.43 -21.97
CA ALA D 463 -4.68 -47.41 -21.35
C ALA D 463 -3.95 -48.71 -21.65
N CYS D 464 -3.00 -48.64 -22.58
CA CYS D 464 -2.28 -49.82 -23.03
C CYS D 464 -1.09 -50.13 -22.13
N PRO D 471 -6.03 -44.70 -30.61
CA PRO D 471 -4.95 -44.77 -29.62
C PRO D 471 -4.92 -46.11 -28.89
N ARG D 472 -5.47 -47.13 -29.52
CA ARG D 472 -5.49 -48.47 -28.95
C ARG D 472 -4.25 -49.23 -29.35
N CYS D 473 -4.01 -50.38 -28.71
CA CYS D 473 -2.83 -51.17 -29.00
C CYS D 473 -3.08 -52.04 -30.22
N GLU D 474 -3.14 -51.40 -31.39
CA GLU D 474 -3.40 -52.09 -32.64
C GLU D 474 -2.16 -52.17 -33.50
N GLY E 3 -11.77 -13.72 -22.59
CA GLY E 3 -10.96 -12.65 -22.02
C GLY E 3 -11.74 -11.36 -21.84
N ARG E 4 -13.06 -11.49 -21.73
CA ARG E 4 -13.93 -10.33 -21.55
C ARG E 4 -14.18 -10.03 -20.07
N GLY E 5 -13.70 -8.88 -19.60
CA GLY E 5 -13.77 -8.54 -18.20
C GLY E 5 -12.50 -8.97 -17.49
N ASP E 6 -12.39 -8.64 -16.20
CA ASP E 6 -11.22 -9.03 -15.41
C ASP E 6 -11.26 -10.53 -15.07
N LEU E 7 -12.46 -11.10 -14.98
CA LEU E 7 -12.60 -12.52 -14.68
C LEU E 7 -12.63 -13.37 -15.95
N GLY E 8 -12.44 -12.72 -17.09
CA GLY E 8 -12.48 -13.39 -18.38
C GLY E 8 -11.45 -14.49 -18.50
N ARG E 9 -10.20 -14.15 -18.19
CA ARG E 9 -9.10 -15.08 -18.28
C ARG E 9 -9.26 -16.24 -17.31
N LEU E 10 -9.70 -15.93 -16.09
CA LEU E 10 -9.81 -16.95 -15.04
C LEU E 10 -10.97 -17.91 -15.31
N LYS E 11 -11.99 -17.43 -16.03
CA LYS E 11 -13.12 -18.27 -16.40
C LYS E 11 -12.69 -19.33 -17.41
N LYS E 12 -11.63 -19.01 -18.16
CA LYS E 12 -11.07 -19.93 -19.15
C LYS E 12 -10.01 -20.83 -18.51
N NH2 E 13 -10.06 -22.12 -18.84
C ACE F 1 0.92 0.36 43.85
O ACE F 1 0.06 0.74 43.05
N HIS F 2 1.65 1.20 44.58
CA HIS F 2 2.56 2.16 43.97
C HIS F 2 3.89 2.24 44.72
N GLY F 3 4.87 1.46 44.24
CA GLY F 3 6.18 1.43 44.85
C GLY F 3 7.06 0.37 44.20
N ARG F 4 8.28 0.24 44.70
CA ARG F 4 9.22 -0.73 44.14
C ARG F 4 9.16 -2.07 44.89
N GLY F 5 8.78 -3.12 44.16
CA GLY F 5 8.60 -4.44 44.75
C GLY F 5 7.16 -4.71 45.16
N ASP F 6 6.89 -5.95 45.57
CA ASP F 6 5.55 -6.34 46.00
C ASP F 6 5.21 -5.78 47.39
N LEU F 7 6.25 -5.50 48.17
CA LEU F 7 6.10 -4.92 49.51
C LEU F 7 6.10 -3.39 49.49
N GLY F 8 6.04 -2.80 48.30
CA GLY F 8 6.13 -1.36 48.13
C GLY F 8 5.11 -0.53 48.90
N ARG F 9 3.84 -0.90 48.80
CA ARG F 9 2.78 -0.18 49.50
C ARG F 9 2.91 -0.28 51.01
N LEU F 10 3.20 -1.49 51.51
CA LEU F 10 3.30 -1.72 52.95
C LEU F 10 4.55 -1.12 53.54
N LYS F 11 5.60 -1.02 52.73
CA LYS F 11 6.86 -0.44 53.17
C LYS F 11 6.71 1.07 53.35
N LYS F 12 5.76 1.64 52.60
CA LYS F 12 5.46 3.07 52.69
C LYS F 12 4.34 3.33 53.70
N NH2 F 13 4.50 4.38 54.49
C1 NAG G . -27.45 11.35 5.87
C2 NAG G . -26.21 12.21 6.06
C3 NAG G . -25.03 11.36 6.53
C4 NAG G . -25.42 10.53 7.76
C5 NAG G . -26.71 9.77 7.50
C6 NAG G . -27.22 9.05 8.73
C7 NAG G . -26.26 14.15 4.52
C8 NAG G . -25.82 14.68 3.19
N2 NAG G . -25.87 12.90 4.80
O3 NAG G . -23.96 12.23 6.85
O4 NAG G . -24.41 9.57 8.06
O5 NAG G . -27.74 10.67 7.09
O6 NAG G . -28.64 9.00 8.74
O7 NAG G . -26.93 14.81 5.30
C1 NAG G . -23.35 10.06 8.91
C2 NAG G . -23.19 9.11 10.11
C3 NAG G . -21.97 9.52 10.94
C4 NAG G . -20.73 9.60 10.07
C5 NAG G . -20.99 10.55 8.90
C6 NAG G . -19.84 10.62 7.92
C7 NAG G . -24.99 7.98 11.33
C8 NAG G . -26.21 8.14 12.18
N2 NAG G . -24.39 9.10 10.94
O3 NAG G . -21.76 8.57 11.99
O4 NAG G . -19.62 10.08 10.82
O5 NAG G . -22.13 10.10 8.16
O6 NAG G . -20.08 11.55 6.88
O7 NAG G . -24.57 6.86 10.99
C1 NAG H . -32.83 6.38 -41.15
C2 NAG H . -32.46 5.48 -42.34
C3 NAG H . -31.57 6.25 -43.31
C4 NAG H . -32.21 7.57 -43.71
C5 NAG H . -32.62 8.36 -42.48
C6 NAG H . -33.40 9.61 -42.81
C7 NAG H . -32.42 3.08 -41.89
C8 NAG H . -31.60 1.92 -41.39
N2 NAG H . -31.81 4.27 -41.89
O3 NAG H . -31.37 5.44 -44.47
O4 NAG H . -31.27 8.34 -44.46
O5 NAG H . -33.46 7.56 -41.63
O6 NAG H . -33.62 10.42 -41.66
O7 NAG H . -33.58 2.93 -42.27
C1 NAG H . -31.64 8.32 -45.85
C2 NAG H . -31.48 9.70 -46.48
C3 NAG H . -31.97 9.66 -47.94
C4 NAG H . -31.25 8.55 -48.71
C5 NAG H . -31.38 7.22 -47.97
C6 NAG H . -30.55 6.12 -48.59
C7 NAG H . -31.59 11.81 -45.23
C8 NAG H . -30.11 11.93 -45.49
N2 NAG H . -32.19 10.71 -45.73
O3 NAG H . -31.74 10.92 -48.55
O4 NAG H . -31.83 8.42 -49.99
O5 NAG H . -30.91 7.35 -46.61
O6 NAG H . -30.05 5.22 -47.61
O7 NAG H . -32.21 12.65 -44.59
C1 BMA H . -30.86 8.68 -51.03
C2 BMA H . -31.27 7.94 -52.33
C3 BMA H . -30.38 8.34 -53.51
C4 BMA H . -30.18 9.86 -53.57
C5 BMA H . -29.65 10.35 -52.22
C6 BMA H . -29.37 11.84 -52.18
O2 BMA H . -32.60 8.25 -52.70
O3 BMA H . -30.90 7.86 -54.75
O4 BMA H . -29.28 10.21 -54.60
O5 BMA H . -30.64 10.06 -51.23
O6 BMA H . -28.42 12.09 -51.15
C1 MAN H . -27.16 12.43 -51.77
C2 MAN H . -26.15 11.30 -51.51
C3 MAN H . -25.65 11.35 -50.06
C4 MAN H . -25.16 12.76 -49.70
C5 MAN H . -26.27 13.79 -49.97
C6 MAN H . -25.82 15.22 -49.73
O2 MAN H . -24.98 11.44 -52.33
O3 MAN H . -24.62 10.39 -49.81
O4 MAN H . -24.81 12.82 -48.33
O5 MAN H . -26.67 13.69 -51.36
O6 MAN H . -26.92 16.09 -50.04
C1 NAG I . -18.64 5.83 -35.99
C2 NAG I . -19.14 5.13 -37.25
C3 NAG I . -19.92 3.88 -36.87
C4 NAG I . -19.11 3.00 -35.93
C5 NAG I . -18.54 3.80 -34.77
C6 NAG I . -17.57 3.02 -33.93
C7 NAG I . -19.48 6.68 -39.10
C8 NAG I . -20.44 7.58 -39.81
N2 NAG I . -19.95 6.03 -38.05
O3 NAG I . -20.26 3.17 -38.05
O4 NAG I . -19.94 1.98 -35.39
O5 NAG I . -17.83 4.95 -35.25
O6 NAG I . -16.57 2.42 -34.73
O7 NAG I . -18.31 6.55 -39.48
C1 NAG I . -19.47 0.72 -35.88
C2 NAG I . -20.08 -0.39 -35.04
C3 NAG I . -19.59 -1.75 -35.55
C4 NAG I . -19.80 -1.88 -37.05
C5 NAG I . -19.23 -0.68 -37.78
C6 NAG I . -19.56 -0.67 -39.26
C7 NAG I . -20.56 0.37 -32.75
C8 NAG I . -20.05 0.45 -31.35
N2 NAG I . -19.76 -0.23 -33.64
O3 NAG I . -20.28 -2.78 -34.85
O4 NAG I . -19.14 -3.04 -37.54
O5 NAG I . -19.79 0.53 -37.23
O6 NAG I . -20.96 -0.55 -39.47
O7 NAG I . -21.65 0.83 -33.08
C1 BMA I . -20.13 -4.05 -37.82
C2 BMA I . -19.76 -4.79 -39.07
C3 BMA I . -20.81 -5.87 -39.35
C4 BMA I . -21.10 -6.72 -38.09
C5 BMA I . -21.35 -5.83 -36.86
C6 BMA I . -21.39 -6.61 -35.56
O2 BMA I . -18.51 -5.46 -38.90
O3 BMA I . -20.43 -6.71 -40.43
O4 BMA I . -22.24 -7.53 -38.31
O5 BMA I . -20.27 -4.90 -36.73
O6 BMA I . -22.51 -7.48 -35.55
C1 MAN I . -22.53 -8.14 -34.27
C2 MAN I . -21.34 -9.09 -34.18
C3 MAN I . -21.55 -10.28 -35.11
C4 MAN I . -22.94 -10.93 -34.87
C5 MAN I . -24.04 -9.86 -34.96
C6 MAN I . -25.42 -10.39 -34.60
O2 MAN I . -21.23 -9.65 -32.86
O3 MAN I . -20.52 -11.25 -34.96
O4 MAN I . -23.17 -11.92 -35.85
O5 MAN I . -23.75 -8.78 -34.05
O6 MAN I . -26.33 -9.30 -34.62
C1 MAN I . -19.69 -11.25 -36.13
C2 MAN I . -19.12 -12.67 -36.35
C3 MAN I . -18.01 -12.94 -35.33
C4 MAN I . -16.97 -11.82 -35.33
C5 MAN I . -17.65 -10.47 -35.10
C6 MAN I . -16.70 -9.29 -35.20
O2 MAN I . -18.51 -12.80 -37.64
O3 MAN I . -17.38 -14.20 -35.57
O4 MAN I . -16.01 -12.05 -34.31
O5 MAN I . -18.69 -10.26 -36.09
O6 MAN I . -17.41 -8.09 -34.96
C1 MAN I . -20.33 -5.92 -41.63
C2 MAN I . -21.38 -6.39 -42.64
C3 MAN I . -20.98 -7.76 -43.20
C4 MAN I . -19.53 -7.74 -43.72
C5 MAN I . -18.58 -7.22 -42.62
C6 MAN I . -17.15 -7.05 -43.11
O2 MAN I . -21.44 -5.51 -43.76
O3 MAN I . -21.87 -8.19 -44.22
O4 MAN I . -19.15 -9.06 -44.08
O5 MAN I . -19.04 -5.94 -42.17
O6 MAN I . -16.71 -8.28 -43.64
C1 NAG J . -13.06 80.32 -41.58
C2 NAG J . -13.50 79.55 -42.85
C3 NAG J . -15.02 79.49 -42.93
C4 NAG J . -15.63 78.97 -41.63
C5 NAG J . -15.07 79.76 -40.45
C6 NAG J . -15.51 79.21 -39.11
C7 NAG J . -11.93 79.61 -44.75
C8 NAG J . -11.50 80.36 -45.97
N2 NAG J . -12.95 80.14 -44.06
O3 NAG J . -15.42 78.65 -44.02
O4 NAG J . -17.04 79.13 -41.65
O5 NAG J . -13.64 79.72 -40.45
O6 NAG J . -15.32 77.81 -39.03
O7 NAG J . -11.38 78.58 -44.39
C1 NAG J . -17.70 77.86 -41.82
C2 NAG J . -18.99 77.83 -40.99
C3 NAG J . -19.75 76.53 -41.22
C4 NAG J . -19.96 76.30 -42.71
C5 NAG J . -18.64 76.38 -43.45
C6 NAG J . -18.80 76.28 -44.95
C7 NAG J . -18.97 79.15 -38.90
C8 NAG J . -18.62 79.15 -37.44
N2 NAG J . -18.71 78.01 -39.57
O3 NAG J . -21.00 76.58 -40.55
O4 NAG J . -20.55 75.01 -42.93
O5 NAG J . -18.01 77.65 -43.19
O6 NAG J . -19.75 77.22 -45.43
O7 NAG J . -19.46 80.12 -39.46
C1 NAG K . -25.03 65.60 -15.36
C2 NAG K . -24.40 66.57 -14.34
C3 NAG K . -24.02 65.82 -13.05
C4 NAG K . -25.19 64.99 -12.53
C5 NAG K . -25.66 64.06 -13.62
C6 NAG K . -26.86 63.22 -13.23
C7 NAG K . -23.29 68.26 -15.73
C8 NAG K . -21.98 68.80 -16.20
N2 NAG K . -23.22 67.22 -14.89
O3 NAG K . -23.61 66.76 -12.06
O4 NAG K . -24.82 64.24 -11.38
O5 NAG K . -26.07 64.84 -14.74
O6 NAG K . -27.69 62.93 -14.34
O7 NAG K . -24.36 68.75 -16.09
C1 NAG K . -25.42 64.85 -10.21
C2 NAG K . -25.56 63.83 -9.07
C3 NAG K . -26.16 64.50 -7.84
C4 NAG K . -25.37 65.75 -7.47
C5 NAG K . -25.25 66.68 -8.68
C6 NAG K . -24.38 67.88 -8.43
C7 NAG K . -26.21 61.46 -9.02
C8 NAG K . -27.15 60.42 -9.55
N2 NAG K . -26.39 62.70 -9.49
O3 NAG K . -26.15 63.59 -6.75
O4 NAG K . -26.01 66.44 -6.41
O5 NAG K . -24.65 65.95 -9.77
O6 NAG K . -23.93 68.45 -9.65
O7 NAG K . -25.32 61.18 -8.21
C1 NAG L . -11.69 54.57 -25.62
C2 NAG L . -10.78 54.49 -24.37
C3 NAG L . -9.73 53.39 -24.55
C4 NAG L . -10.40 52.07 -24.90
C5 NAG L . -11.29 52.26 -26.13
C6 NAG L . -12.05 51.01 -26.52
C7 NAG L . -10.47 56.56 -23.10
C8 NAG L . -9.70 57.84 -22.98
N2 NAG L . -10.13 55.77 -24.12
O3 NAG L . -9.00 53.26 -23.33
O4 NAG L . -9.42 51.08 -25.19
O5 NAG L . -12.27 53.27 -25.87
O6 NAG L . -12.29 50.97 -27.92
O7 NAG L . -11.36 56.27 -22.31
C1 NAG L . -9.15 50.22 -24.06
C2 NAG L . -8.99 48.76 -24.53
C3 NAG L . -8.63 47.85 -23.35
C4 NAG L . -7.41 48.39 -22.62
C5 NAG L . -7.66 49.85 -22.21
C6 NAG L . -6.46 50.48 -21.54
C7 NAG L . -10.18 47.59 -26.33
C8 NAG L . -11.52 47.19 -26.86
N2 NAG L . -10.20 48.28 -25.19
O3 NAG L . -8.37 46.54 -23.83
O4 NAG L . -7.15 47.61 -21.46
O5 NAG L . -7.96 50.63 -23.37
O6 NAG L . -5.32 50.48 -22.40
O7 NAG L . -9.14 47.32 -26.91
C1 NAG M . 34.00 3.47 24.51
C2 NAG M . 33.98 4.98 24.28
C3 NAG M . 33.73 5.29 22.81
C4 NAG M . 34.76 4.57 21.94
C5 NAG M . 34.72 3.08 22.25
C6 NAG M . 35.75 2.28 21.48
C7 NAG M . 33.17 5.93 26.40
C8 NAG M . 32.01 6.58 27.10
N2 NAG M . 32.97 5.62 25.11
O3 NAG M . 33.80 6.71 22.62
O4 NAG M . 34.47 4.75 20.56
O5 NAG M . 34.98 2.87 23.64
O6 NAG M . 37.04 2.37 22.08
O7 NAG M . 34.23 5.70 26.97
C1 NAG M . 35.14 5.92 20.02
C2 NAG M . 35.68 5.62 18.62
C3 NAG M . 36.34 6.87 18.04
C4 NAG M . 35.37 8.04 18.08
C5 NAG M . 34.85 8.25 19.50
C6 NAG M . 33.79 9.33 19.59
C7 NAG M . 36.32 3.28 18.23
C8 NAG M . 37.43 2.27 18.31
N2 NAG M . 36.63 4.52 18.64
O3 NAG M . 36.74 6.61 16.69
O4 NAG M . 36.02 9.24 17.63
O5 NAG M . 34.24 7.04 19.96
O6 NAG M . 33.06 9.25 20.81
O7 NAG M . 35.21 2.99 17.81
C1 NAG N . 19.06 0.62 24.32
C2 NAG N . 19.66 2.02 24.24
C3 NAG N . 20.13 2.46 25.62
C4 NAG N . 19.02 2.31 26.64
C5 NAG N . 18.39 0.91 26.57
C6 NAG N . 17.14 0.80 27.41
C7 NAG N . 20.61 2.62 22.06
C8 NAG N . 21.84 2.59 21.20
N2 NAG N . 20.75 2.08 23.27
O3 NAG N . 20.55 3.81 25.56
O4 NAG N . 19.56 2.44 27.95
O5 NAG N . 18.00 0.61 25.23
O6 NAG N . 16.34 1.97 27.29
O7 NAG N . 19.56 3.12 21.70
C1 NAG N . 19.02 3.61 28.58
C2 NAG N . 19.27 3.51 30.08
C3 NAG N . 18.77 4.76 30.78
C4 NAG N . 19.36 6.01 30.14
C5 NAG N . 19.09 6.00 28.63
C6 NAG N . 19.74 7.15 27.91
C7 NAG N . 19.33 1.21 30.94
C8 NAG N . 18.52 0.09 31.51
N2 NAG N . 18.66 2.32 30.63
O3 NAG N . 19.13 4.70 32.15
O4 NAG N . 18.78 7.17 30.71
O5 NAG N . 19.62 4.79 28.06
O6 NAG N . 21.14 7.19 28.16
O7 NAG N . 20.54 1.12 30.77
C1 BMA N . 19.79 7.77 31.54
C2 BMA N . 19.74 9.27 31.42
C3 BMA N . 20.84 9.87 32.26
C4 BMA N . 20.76 9.33 33.71
C5 BMA N . 20.74 7.78 33.71
C6 BMA N . 20.48 7.20 35.08
O2 BMA N . 18.51 9.78 31.96
O3 BMA N . 20.80 11.29 32.24
O4 BMA N . 21.87 9.78 34.44
O5 BMA N . 19.66 7.35 32.86
O6 BMA N . 21.51 7.59 35.96
C1 MAN N . 21.29 6.91 37.22
C2 MAN N . 19.98 7.42 37.83
C3 MAN N . 20.18 8.81 38.40
C4 MAN N . 21.39 8.85 39.34
C5 MAN N . 22.65 8.36 38.60
C6 MAN N . 23.86 8.26 39.51
O2 MAN N . 19.60 6.61 38.95
O3 MAN N . 19.01 9.26 39.06
O4 MAN N . 21.60 10.17 39.80
O5 MAN N . 22.39 7.03 38.09
O6 MAN N . 25.00 7.98 38.71
C1 MAN N . 18.40 10.28 38.26
C2 MAN N . 18.24 11.56 39.11
C3 MAN N . 17.07 11.38 40.10
C4 MAN N . 15.81 10.91 39.37
C5 MAN N . 16.11 9.62 38.60
C6 MAN N . 14.93 9.13 37.79
O2 MAN N . 17.90 12.69 38.30
O3 MAN N . 16.81 12.57 40.83
O4 MAN N . 14.77 10.67 40.31
O5 MAN N . 17.20 9.85 37.68
O6 MAN N . 13.77 9.17 38.63
C1 MAN N . 20.99 11.74 30.88
C2 MAN N . 22.15 12.73 30.84
C3 MAN N . 21.72 14.06 31.47
C4 MAN N . 20.40 14.56 30.85
C5 MAN N . 19.32 13.46 30.93
C6 MAN N . 18.04 13.83 30.21
O2 MAN N . 22.52 13.03 29.49
O3 MAN N . 22.73 15.06 31.34
O4 MAN N . 19.95 15.70 31.55
O5 MAN N . 19.82 12.25 30.31
O6 MAN N . 17.56 15.07 30.74
C1 NAG O . 28.12 -40.45 -39.04
C2 NAG O . 28.47 -38.97 -38.88
C3 NAG O . 29.94 -38.79 -38.47
C4 NAG O . 30.29 -39.69 -37.28
C5 NAG O . 29.81 -41.12 -37.52
C6 NAG O . 29.95 -42.01 -36.32
C7 NAG O . 27.29 -37.28 -40.22
C8 NAG O . 27.14 -36.65 -41.56
N2 NAG O . 28.20 -38.25 -40.11
O3 NAG O . 30.18 -37.43 -38.13
O4 NAG O . 31.70 -39.70 -37.08
O5 NAG O . 28.41 -41.11 -37.84
O6 NAG O . 29.27 -41.48 -35.20
O7 NAG O . 26.61 -36.92 -39.25
C1 NAG O . 32.14 -39.07 -35.84
C2 NAG O . 33.12 -39.99 -35.11
C3 NAG O . 33.63 -39.33 -33.83
C4 NAG O . 34.05 -37.88 -34.02
C5 NAG O . 33.09 -37.10 -34.93
C6 NAG O . 33.64 -35.79 -35.41
C7 NAG O . 33.12 -42.43 -34.82
C8 NAG O . 32.31 -43.62 -34.42
N2 NAG O . 32.48 -41.26 -34.78
O3 NAG O . 34.73 -40.08 -33.32
O4 NAG O . 33.98 -37.33 -32.71
O5 NAG O . 32.78 -37.86 -36.11
O6 NAG O . 34.74 -35.98 -36.30
O7 NAG O . 34.28 -42.53 -35.20
C1 BMA O . 34.96 -36.38 -32.20
C2 BMA O . 36.29 -36.91 -31.54
C3 BMA O . 36.71 -35.71 -30.68
C4 BMA O . 36.93 -34.46 -31.55
C5 BMA O . 35.54 -34.11 -32.06
C6 BMA O . 35.42 -32.77 -32.76
O2 BMA O . 37.31 -37.11 -32.51
O3 BMA O . 37.74 -35.85 -29.69
O4 BMA O . 37.46 -33.38 -30.81
O5 BMA O . 35.15 -35.19 -32.94
O6 BMA O . 34.04 -32.41 -32.77
C1 NAG P . 18.69 -37.28 -10.10
C2 NAG P . 17.47 -38.05 -9.56
C3 NAG P . 16.30 -37.09 -9.29
C4 NAG P . 16.75 -35.90 -8.46
C5 NAG P . 17.94 -35.25 -9.13
C6 NAG P . 18.49 -34.06 -8.39
C7 NAG P . 17.18 -40.41 -10.21
C8 NAG P . 16.71 -41.34 -11.29
N2 NAG P . 17.07 -39.10 -10.48
O3 NAG P . 15.25 -37.80 -8.62
O4 NAG P . 15.70 -34.94 -8.33
O5 NAG P . 19.00 -36.20 -9.23
O6 NAG P . 19.59 -33.48 -9.09
O7 NAG P . 17.64 -40.81 -9.16
C1 NAG P . 14.94 -35.05 -7.11
C2 NAG P . 15.42 -34.02 -6.07
C3 NAG P . 14.51 -34.03 -4.85
C4 NAG P . 13.05 -33.85 -5.25
C5 NAG P . 12.68 -34.93 -6.27
C6 NAG P . 11.26 -34.79 -6.78
C7 NAG P . 17.62 -33.32 -5.24
C8 NAG P . 19.01 -33.77 -4.87
N2 NAG P . 16.80 -34.27 -5.67
O3 NAG P . 14.88 -32.99 -3.95
O4 NAG P . 12.20 -33.97 -4.12
O5 NAG P . 13.55 -34.82 -7.41
O6 NAG P . 10.32 -35.03 -5.75
O7 NAG P . 17.28 -32.15 -5.16
S SO4 Q . -39.28 54.05 -18.26
O1 SO4 Q . -38.18 55.01 -18.29
O2 SO4 Q . -39.72 53.80 -19.63
O3 SO4 Q . -38.84 52.80 -17.64
O4 SO4 Q . -40.36 54.61 -17.47
S SO4 R . -24.11 25.19 3.75
O1 SO4 R . -23.05 24.57 2.96
O2 SO4 R . -24.91 26.06 2.89
O3 SO4 R . -24.96 24.15 4.33
O4 SO4 R . -23.51 25.96 4.83
S SO4 S . -30.38 -0.13 0.77
O1 SO4 S . -29.25 0.26 -0.07
O2 SO4 S . -31.58 0.54 0.30
O3 SO4 S . -30.57 -1.57 0.65
O4 SO4 S . -30.11 0.23 2.15
CA CA T . -32.65 14.77 -37.63
CA CA U . -24.41 26.76 -37.09
CA CA V . -25.12 36.81 -28.68
CA CA W . -33.20 37.74 -18.00
S SO4 X . -3.72 12.36 5.09
O1 SO4 X . -3.71 13.42 4.08
O2 SO4 X . -4.17 11.11 4.48
O3 SO4 X . -4.64 12.75 6.16
O4 SO4 X . -2.38 12.20 5.64
MG MG Y . -7.26 -7.47 -14.07
CA CA Z . -11.14 -2.79 -13.27
CA CA AA . -1.46 -14.02 -16.56
C1 NAG BA . 34.63 12.93 0.54
C2 NAG BA . 35.64 14.08 0.62
C3 NAG BA . 35.56 14.76 1.99
C4 NAG BA . 34.12 15.17 2.29
C5 NAG BA . 33.19 13.97 2.14
C6 NAG BA . 31.73 14.31 2.34
C7 NAG BA . 37.67 13.92 -0.73
C8 NAG BA . 39.06 13.34 -0.83
N2 NAG BA . 36.99 13.60 0.37
O3 NAG BA . 36.40 15.90 2.00
O4 NAG BA . 34.03 15.68 3.61
O5 NAG BA . 33.31 13.42 0.82
O6 NAG BA . 30.94 13.15 2.47
O7 NAG BA . 37.21 14.63 -1.61
C1 NAG CA . 17.18 15.17 0.44
C2 NAG CA . 17.14 15.31 1.96
C3 NAG CA . 16.36 16.56 2.37
C4 NAG CA . 16.89 17.78 1.64
C5 NAG CA . 16.93 17.53 0.14
C6 NAG CA . 17.57 18.67 -0.64
C7 NAG CA . 17.28 13.10 3.02
C8 NAG CA . 16.52 11.96 3.62
N2 NAG CA . 16.55 14.13 2.57
O3 NAG CA . 16.46 16.75 3.77
O4 NAG CA . 16.06 18.91 1.90
O5 NAG CA . 17.71 16.36 -0.13
O6 NAG CA . 17.23 18.62 -2.01
O7 NAG CA . 18.50 13.08 2.93
C1 NAG DA . 7.30 34.00 -27.12
C2 NAG DA . 6.53 34.12 -28.46
C3 NAG DA . 5.21 34.88 -28.27
C4 NAG DA . 4.41 34.32 -27.10
C5 NAG DA . 5.27 34.33 -25.86
C6 NAG DA . 4.57 33.77 -24.64
C7 NAG DA . 7.04 34.82 -30.77
C8 NAG DA . 7.98 35.59 -31.65
N2 NAG DA . 7.35 34.79 -29.47
O3 NAG DA . 4.43 34.80 -29.46
O4 NAG DA . 3.25 35.13 -26.88
O5 NAG DA . 6.42 33.50 -26.10
O6 NAG DA . 4.04 34.80 -23.82
O7 NAG DA . 6.04 34.26 -31.23
S SO4 EA . 22.13 -26.00 52.79
O1 SO4 EA . 23.09 -25.61 51.76
O2 SO4 EA . 20.80 -25.48 52.46
O3 SO4 EA . 22.56 -25.43 54.07
O4 SO4 EA . 22.07 -27.45 52.89
S SO4 FA . 45.62 -39.75 -10.62
O1 SO4 FA . 46.18 -40.03 -11.93
O2 SO4 FA . 44.58 -38.73 -10.75
O3 SO4 FA . 45.05 -40.97 -10.06
O4 SO4 FA . 46.66 -39.25 -9.73
CA CA GA . 34.74 -33.93 12.70
CA CA HA . 29.05 -23.73 5.80
CA CA IA . 34.27 -4.05 19.81
CA CA JA . 28.19 -11.04 8.64
C1 NAG KA . 20.45 -36.85 45.93
C2 NAG KA . 19.33 -37.34 45.01
C3 NAG KA . 17.97 -37.08 45.63
C4 NAG KA . 17.91 -37.66 47.04
C5 NAG KA . 19.08 -37.15 47.87
C6 NAG KA . 19.14 -37.76 49.25
C7 NAG KA . 19.51 -37.38 42.55
C8 NAG KA . 19.63 -36.56 41.31
N2 NAG KA . 19.44 -36.70 43.70
O3 NAG KA . 16.96 -37.66 44.82
O4 NAG KA . 16.69 -37.31 47.67
O5 NAG KA . 20.32 -37.47 47.22
O6 NAG KA . 18.00 -37.43 50.02
O7 NAG KA . 19.49 -38.61 42.53
C1 MAN LA . 36.64 -33.65 -27.85
C2 MAN LA . 36.34 -34.02 -26.48
C3 MAN LA . 34.99 -34.69 -26.56
C4 MAN LA . 33.97 -33.64 -27.11
C5 MAN LA . 34.39 -33.13 -28.48
C6 MAN LA . 33.50 -31.97 -28.94
O2 MAN LA . 36.10 -32.84 -25.68
O3 MAN LA . 34.57 -35.23 -25.32
O4 MAN LA . 32.70 -34.21 -27.21
O5 MAN LA . 35.79 -32.68 -28.40
O6 MAN LA . 33.76 -31.68 -30.31
C1 NAG MA . 31.48 -53.28 -8.73
C2 NAG MA . 30.64 -54.43 -9.30
C3 NAG MA . 29.70 -54.99 -8.22
C4 NAG MA . 30.48 -55.32 -6.94
C5 NAG MA . 31.27 -54.11 -6.50
C6 NAG MA . 32.12 -54.36 -5.28
C7 NAG MA . 29.71 -54.70 -11.56
C8 NAG MA . 28.86 -54.08 -12.63
N2 NAG MA . 29.86 -53.98 -10.44
O3 NAG MA . 29.03 -56.15 -8.69
O4 NAG MA . 29.59 -55.72 -5.90
O5 NAG MA . 32.16 -53.72 -7.55
O6 NAG MA . 33.23 -53.47 -5.23
O7 NAG MA . 30.23 -55.79 -11.71
MG MG NA . 1.47 -7.96 44.19
CA CA OA . -3.97 -1.32 46.97
CA CA PA . 6.10 -11.82 42.13
C1 NAG QA . -21.52 -39.63 -30.54
C2 NAG QA . -22.50 -40.66 -29.96
C3 NAG QA . -23.82 -40.64 -30.75
C4 NAG QA . -24.38 -39.23 -30.81
C5 NAG QA . -23.33 -38.30 -31.41
C6 NAG QA . -23.79 -36.85 -31.44
C7 NAG QA . -21.73 -42.71 -28.86
C8 NAG QA . -21.12 -44.08 -29.05
N2 NAG QA . -21.93 -42.00 -29.97
O3 NAG QA . -24.77 -41.50 -30.11
O4 NAG QA . -25.55 -39.20 -31.61
O5 NAG QA . -22.15 -38.34 -30.60
O6 NAG QA . -22.93 -36.05 -32.25
O7 NAG QA . -22.02 -42.29 -27.74
C1 NAG RA . -37.82 -28.23 25.59
C2 NAG RA . -38.15 -29.32 26.60
C3 NAG RA . -37.93 -30.70 25.97
C4 NAG RA . -38.65 -30.82 24.64
C5 NAG RA . -38.29 -29.65 23.73
C6 NAG RA . -39.07 -29.62 22.44
C7 NAG RA . -37.63 -29.79 28.96
C8 NAG RA . -36.67 -29.53 30.09
N2 NAG RA . -37.34 -29.18 27.81
O3 NAG RA . -38.40 -31.72 26.86
O4 NAG RA . -38.29 -32.04 24.00
O5 NAG RA . -38.58 -28.42 24.40
O6 NAG RA . -40.09 -28.65 22.46
O7 NAG RA . -38.61 -30.52 29.09
C1 NAG SA . -21.13 -30.91 28.20
C2 NAG SA . -21.58 -32.37 28.31
C3 NAG SA . -20.53 -33.30 27.68
C4 NAG SA . -20.19 -32.85 26.27
C5 NAG SA . -19.79 -31.37 26.27
C6 NAG SA . -19.55 -30.82 24.89
C7 NAG SA . -22.98 -32.61 30.31
C8 NAG SA . -23.03 -33.07 31.75
N2 NAG SA . -21.80 -32.75 29.70
O3 NAG SA . -21.02 -34.63 27.65
O4 NAG SA . -19.10 -33.61 25.75
O5 NAG SA . -20.85 -30.60 26.84
O6 NAG SA . -20.72 -30.18 24.39
O7 NAG SA . -23.96 -32.14 29.75
#